data_5YB8
#
_entry.id   5YB8
#
_cell.length_a   98.200
_cell.length_b   133.000
_cell.length_c   101.500
_cell.angle_alpha   90.000
_cell.angle_beta   112.000
_cell.angle_gamma   90.000
#
_symmetry.space_group_name_H-M   'P 1 21 1'
#
loop_
_entity.id
_entity.type
_entity.pdbx_description
1 polymer 'L-amino acid oxidase/monooxygenase'
2 non-polymer ARGININE
3 non-polymer 'FLAVIN-ADENINE DINUCLEOTIDE'
4 water water
#
_entity_poly.entity_id   1
_entity_poly.type   'polypeptide(L)'
_entity_poly.pdbx_seq_one_letter_code
;MGSSHHHHHHSSGLVPRGSHMNKNNRHPADGKKPITIFGPDFPFAFDDWLEHPAGLGSIPAARHGEEVAIVGAGIAGLVA
AYELMKLGLKPVVYEASKMGGRLRSQAFNGTDGIIAELGGMRFPVSSTAFYHYVDKLGLETKPFPNPLTPASRSTVIDLE
GQTYYAEKAADLPALFQEVTDAWADALESGARFGDIQQAIRDRDVPRLKELWNTLVPLWDDRTFYDFVATSKAFAKLSFQ
HREVFGQVGFGTGGWDSDFPNSMLEIFRVVMTNCDDHQHLVVGGVEQVPQGIWRHVPERCAHWPEGTSLSSLHGGAPRTG
VKRIARASDGRLAVTDNWGDCRHYAAVLTTCQSWLLTTQIDCEESLFSQKMWMALDRTRYMQSSKTFVMVDRPFWKDKDP
ETGRDLMSMTLTDRLTRGTYLFDNGDDKPGVICLSYAWMSDALKMLPHPVEKRVQLALDALKKIYPKTDIAGHIIGDPIT
ISWEADPHFLGAFKGALPGHYRYNQRMYAHFMQAQMPVEQRGIFIAGDDVSWTPAWVEGAVQTSLNAVWGIMNHFGGKTH
ADNPGPGDVFDEIGQIALAD
;
_entity_poly.pdbx_strand_id   A,B,C,D
#
loop_
_chem_comp.id
_chem_comp.type
_chem_comp.name
_chem_comp.formula
FAD non-polymer 'FLAVIN-ADENINE DINUCLEOTIDE' 'C27 H33 N9 O15 P2'
#
# COMPACT_ATOMS: atom_id res chain seq x y z
N LYS A 32 43.76 -32.99 -1.51
CA LYS A 32 43.60 -32.41 -0.13
C LYS A 32 42.19 -32.60 0.42
N LYS A 33 42.08 -32.74 1.75
CA LYS A 33 40.79 -32.96 2.39
C LYS A 33 39.95 -31.67 2.36
N PRO A 34 38.64 -31.79 2.03
CA PRO A 34 37.84 -30.57 1.81
C PRO A 34 37.42 -29.79 3.07
N ILE A 35 37.39 -28.48 2.90
CA ILE A 35 36.70 -27.61 3.84
C ILE A 35 35.22 -27.88 3.74
N THR A 36 34.58 -27.95 4.91
CA THR A 36 33.13 -28.19 5.00
C THR A 36 32.59 -27.36 6.15
N ILE A 37 31.27 -27.15 6.17
CA ILE A 37 30.68 -26.37 7.29
C ILE A 37 30.63 -27.31 8.52
N PHE A 38 31.80 -27.42 9.17
CA PHE A 38 32.07 -28.39 10.26
C PHE A 38 32.52 -27.58 11.46
N GLY A 39 31.55 -27.35 12.32
CA GLY A 39 31.67 -26.34 13.37
C GLY A 39 31.85 -24.95 12.77
N PRO A 40 32.75 -24.16 13.31
CA PRO A 40 33.53 -24.53 14.50
C PRO A 40 32.72 -24.67 15.83
N ASP A 41 31.52 -24.08 15.94
CA ASP A 41 30.80 -24.05 17.24
C ASP A 41 30.32 -25.43 17.70
N PHE A 42 29.74 -26.14 16.75
CA PHE A 42 29.28 -27.50 16.93
C PHE A 42 29.79 -28.42 15.78
N PRO A 43 31.04 -28.84 15.86
CA PRO A 43 31.63 -29.63 14.85
C PRO A 43 31.11 -31.08 14.85
N PHE A 44 29.86 -31.27 14.48
CA PHE A 44 29.24 -32.56 14.37
C PHE A 44 29.12 -32.82 12.90
N ALA A 45 29.54 -34.03 12.52
CA ALA A 45 29.56 -34.49 11.13
C ALA A 45 28.12 -34.82 10.66
N PHE A 46 27.29 -33.80 10.44
CA PHE A 46 25.90 -34.02 9.98
C PHE A 46 25.88 -34.83 8.72
N ASP A 47 26.83 -34.63 7.84
CA ASP A 47 26.86 -35.42 6.59
C ASP A 47 27.00 -36.97 6.86
N ASP A 48 27.94 -37.37 7.69
CA ASP A 48 28.10 -38.78 8.09
C ASP A 48 26.81 -39.33 8.74
N TRP A 49 26.21 -38.56 9.65
CA TRP A 49 24.97 -38.96 10.32
C TRP A 49 23.86 -39.27 9.34
N LEU A 50 23.67 -38.39 8.38
CA LEU A 50 22.65 -38.59 7.36
C LEU A 50 23.01 -39.73 6.40
N GLU A 51 24.30 -39.93 6.18
CA GLU A 51 24.69 -40.94 5.16
C GLU A 51 24.77 -42.35 5.72
N HIS A 52 24.84 -42.47 7.04
CA HIS A 52 25.14 -43.72 7.67
C HIS A 52 23.94 -44.63 7.44
N PRO A 53 24.23 -45.90 7.05
CA PRO A 53 23.15 -46.83 6.70
C PRO A 53 22.21 -47.12 7.83
N ALA A 54 22.60 -46.90 9.08
CA ALA A 54 21.68 -47.18 10.23
C ALA A 54 20.45 -46.29 10.36
N GLY A 55 20.48 -45.14 9.70
CA GLY A 55 19.42 -44.19 9.78
C GLY A 55 19.60 -43.33 11.04
N LEU A 56 18.66 -42.41 11.25
CA LEU A 56 18.89 -41.45 12.34
C LEU A 56 18.43 -41.99 13.67
N GLY A 57 17.92 -43.23 13.72
CA GLY A 57 17.59 -43.78 15.05
C GLY A 57 16.25 -44.41 15.05
N SER A 58 15.62 -44.47 16.18
CA SER A 58 14.29 -45.01 16.16
C SER A 58 13.47 -44.36 17.22
N ILE A 59 12.17 -44.58 17.06
CA ILE A 59 11.19 -44.21 18.06
C ILE A 59 10.42 -45.48 18.36
N PRO A 60 9.98 -45.64 19.61
CA PRO A 60 9.13 -46.77 19.97
C PRO A 60 7.91 -46.90 19.07
N ALA A 61 7.67 -48.15 18.68
CA ALA A 61 6.56 -48.57 17.88
C ALA A 61 5.20 -48.04 18.34
N ALA A 62 4.97 -47.93 19.63
CA ALA A 62 3.74 -47.40 20.13
C ALA A 62 3.52 -45.94 19.67
N ARG A 63 4.58 -45.23 19.30
CA ARG A 63 4.46 -43.82 18.93
C ARG A 63 4.30 -43.58 17.45
N HIS A 64 4.36 -44.65 16.64
CA HIS A 64 4.35 -44.53 15.20
C HIS A 64 3.01 -44.06 14.76
N GLY A 65 2.95 -43.21 13.73
CA GLY A 65 1.67 -42.60 13.27
C GLY A 65 1.21 -41.37 14.03
N GLU A 66 1.83 -41.09 15.16
CA GLU A 66 1.52 -39.96 15.99
C GLU A 66 2.06 -38.68 15.39
N GLU A 67 1.34 -37.59 15.62
CA GLU A 67 1.58 -36.33 14.93
C GLU A 67 2.58 -35.45 15.65
N VAL A 68 3.40 -34.74 14.87
CA VAL A 68 4.22 -33.68 15.37
C VAL A 68 4.03 -32.45 14.47
N ALA A 69 3.78 -31.27 15.06
CA ALA A 69 3.52 -30.05 14.32
C ALA A 69 4.77 -29.36 13.96
N ILE A 70 4.80 -28.80 12.74
CA ILE A 70 5.97 -28.06 12.19
C ILE A 70 5.51 -26.71 11.64
N VAL A 71 6.01 -25.64 12.16
CA VAL A 71 5.54 -24.37 11.71
C VAL A 71 6.55 -23.86 10.70
N GLY A 72 6.18 -23.93 9.42
CA GLY A 72 7.01 -23.38 8.32
C GLY A 72 7.35 -24.43 7.31
N ALA A 73 7.06 -24.19 6.04
CA ALA A 73 7.45 -25.12 5.00
C ALA A 73 8.61 -24.60 4.18
N GLY A 74 9.57 -23.97 4.83
CA GLY A 74 10.88 -23.77 4.29
C GLY A 74 11.72 -25.02 4.47
N ILE A 75 13.00 -24.94 4.05
CA ILE A 75 13.96 -26.03 4.10
C ILE A 75 14.17 -26.65 5.49
N ALA A 76 14.24 -25.82 6.53
CA ALA A 76 14.36 -26.34 7.91
C ALA A 76 13.14 -27.16 8.33
N GLY A 77 11.96 -26.67 7.98
CA GLY A 77 10.73 -27.38 8.32
C GLY A 77 10.59 -28.68 7.54
N LEU A 78 10.89 -28.60 6.26
CA LEU A 78 10.68 -29.77 5.37
C LEU A 78 11.69 -30.88 5.64
N VAL A 79 12.92 -30.47 5.91
CA VAL A 79 13.96 -31.42 6.31
C VAL A 79 13.56 -32.17 7.54
N ALA A 80 13.12 -31.43 8.52
CA ALA A 80 12.73 -32.06 9.76
C ALA A 80 11.51 -32.92 9.56
N ALA A 81 10.56 -32.44 8.77
CA ALA A 81 9.36 -33.20 8.55
C ALA A 81 9.71 -34.54 7.88
N TYR A 82 10.62 -34.49 6.91
CA TYR A 82 11.03 -35.65 6.07
C TYR A 82 11.69 -36.73 6.94
N GLU A 83 12.64 -36.33 7.78
CA GLU A 83 13.31 -37.31 8.61
C GLU A 83 12.39 -37.83 9.72
N LEU A 84 11.53 -36.98 10.29
CA LEU A 84 10.63 -37.46 11.32
C LEU A 84 9.62 -38.37 10.76
N MET A 85 9.11 -38.06 9.59
CA MET A 85 8.27 -39.06 8.89
C MET A 85 9.00 -40.40 8.71
N LYS A 86 10.27 -40.41 8.36
CA LYS A 86 11.03 -41.67 8.24
C LYS A 86 11.20 -42.47 9.55
N LEU A 87 11.22 -41.76 10.67
CA LEU A 87 11.29 -42.41 11.96
C LEU A 87 9.93 -42.96 12.38
N GLY A 88 8.92 -42.73 11.55
CA GLY A 88 7.63 -43.34 11.77
C GLY A 88 6.54 -42.47 12.34
N LEU A 89 6.87 -41.17 12.50
CA LEU A 89 5.93 -40.13 12.90
C LEU A 89 5.23 -39.57 11.68
N LYS A 90 4.17 -38.83 11.95
CA LYS A 90 3.34 -38.19 10.94
C LYS A 90 3.50 -36.69 11.18
N PRO A 91 4.48 -36.05 10.52
CA PRO A 91 4.54 -34.60 10.66
C PRO A 91 3.37 -33.89 10.02
N VAL A 92 2.94 -32.78 10.64
CA VAL A 92 1.94 -31.90 10.06
C VAL A 92 2.52 -30.49 9.96
N VAL A 93 2.72 -30.06 8.71
CA VAL A 93 3.48 -28.85 8.36
C VAL A 93 2.45 -27.77 8.13
N TYR A 94 2.69 -26.60 8.71
CA TYR A 94 1.83 -25.46 8.54
C TYR A 94 2.64 -24.46 7.74
N GLU A 95 2.00 -23.81 6.75
CA GLU A 95 2.69 -22.75 5.99
C GLU A 95 1.69 -21.66 5.72
N ALA A 96 2.07 -20.50 6.18
CA ALA A 96 1.21 -19.36 6.22
C ALA A 96 1.28 -18.59 4.90
N SER A 97 2.33 -18.80 4.11
CA SER A 97 2.59 -18.04 2.89
C SER A 97 2.92 -19.00 1.74
N LYS A 98 4.15 -18.99 1.26
CA LYS A 98 4.52 -19.83 0.16
C LYS A 98 5.40 -20.91 0.63
N MET A 99 5.18 -22.06 0.03
CA MET A 99 6.11 -23.17 0.14
C MET A 99 7.50 -22.86 -0.33
N GLY A 100 8.47 -23.42 0.39
CA GLY A 100 9.88 -23.29 0.13
C GLY A 100 10.47 -22.14 0.89
N GLY A 101 9.64 -21.22 1.36
CA GLY A 101 10.16 -20.12 2.16
C GLY A 101 11.16 -19.29 1.38
N ARG A 102 12.34 -19.10 1.97
CA ARG A 102 13.37 -18.27 1.39
C ARG A 102 14.24 -19.04 0.36
N LEU A 103 13.74 -20.17 -0.08
CA LEU A 103 14.28 -20.79 -1.28
C LEU A 103 13.19 -20.68 -2.32
N ARG A 104 13.40 -19.87 -3.30
CA ARG A 104 12.26 -19.40 -4.11
C ARG A 104 12.73 -19.06 -5.49
N SER A 105 12.09 -19.64 -6.48
CA SER A 105 12.57 -19.63 -7.85
C SER A 105 11.40 -19.34 -8.74
N GLN A 106 11.36 -18.11 -9.23
CA GLN A 106 10.24 -17.68 -10.01
C GLN A 106 10.57 -17.69 -11.47
N ALA A 107 9.71 -18.39 -12.21
CA ALA A 107 9.76 -18.48 -13.66
C ALA A 107 9.42 -17.14 -14.35
N PHE A 108 10.12 -16.87 -15.44
CA PHE A 108 9.83 -15.70 -16.25
C PHE A 108 8.64 -15.96 -17.19
N ASN A 109 7.95 -14.88 -17.56
CA ASN A 109 6.75 -15.01 -18.43
C ASN A 109 7.07 -15.98 -19.54
N GLY A 110 6.33 -17.04 -19.65
CA GLY A 110 6.24 -17.78 -20.90
C GLY A 110 7.37 -18.72 -21.22
N THR A 111 8.38 -18.76 -20.37
CA THR A 111 9.53 -19.66 -20.53
C THR A 111 9.35 -20.96 -19.72
N ASP A 112 10.17 -21.94 -20.07
CA ASP A 112 10.20 -23.22 -19.35
C ASP A 112 11.57 -23.35 -18.70
N GLY A 113 11.60 -23.38 -17.38
CA GLY A 113 12.87 -23.54 -16.63
C GLY A 113 13.87 -22.39 -16.65
N ILE A 114 13.44 -21.19 -17.01
CA ILE A 114 14.26 -20.05 -16.85
C ILE A 114 13.70 -19.24 -15.65
N ILE A 115 14.47 -19.20 -14.59
CA ILE A 115 14.02 -18.70 -13.34
C ILE A 115 14.96 -17.62 -12.84
N ALA A 116 14.42 -16.87 -11.89
CA ALA A 116 15.20 -15.87 -11.15
C ALA A 116 15.20 -16.36 -9.71
N GLU A 117 16.38 -16.52 -9.10
CA GLU A 117 16.43 -16.94 -7.66
C GLU A 117 16.11 -15.76 -6.71
N LEU A 118 15.03 -15.82 -5.97
CA LEU A 118 14.63 -14.66 -5.11
C LEU A 118 15.14 -14.70 -3.67
N GLY A 119 15.35 -15.91 -3.17
CA GLY A 119 16.04 -16.13 -1.90
C GLY A 119 17.44 -16.65 -2.10
N GLY A 120 17.82 -17.73 -1.42
CA GLY A 120 19.18 -18.28 -1.60
C GLY A 120 19.47 -18.66 -3.04
N MET A 121 20.65 -18.33 -3.54
CA MET A 121 20.98 -18.63 -4.91
C MET A 121 22.33 -19.29 -5.13
N ARG A 122 23.29 -19.11 -4.24
CA ARG A 122 24.62 -19.66 -4.47
C ARG A 122 25.03 -20.47 -3.26
N PHE A 123 25.33 -21.74 -3.49
CA PHE A 123 25.54 -22.65 -2.41
C PHE A 123 26.94 -23.26 -2.45
N PRO A 124 27.75 -22.87 -1.47
CA PRO A 124 29.13 -23.34 -1.37
C PRO A 124 29.15 -24.83 -1.14
N VAL A 125 30.08 -25.50 -1.83
CA VAL A 125 30.20 -26.95 -1.73
C VAL A 125 30.54 -27.40 -0.33
N SER A 126 31.01 -26.50 0.50
CA SER A 126 31.17 -26.88 1.90
C SER A 126 29.86 -27.24 2.66
N SER A 127 28.71 -27.09 2.01
CA SER A 127 27.39 -27.22 2.63
C SER A 127 26.89 -28.64 2.50
N THR A 128 27.56 -29.55 3.20
CA THR A 128 27.42 -30.93 2.86
C THR A 128 26.02 -31.43 3.22
N ALA A 129 25.47 -30.97 4.33
CA ALA A 129 24.11 -31.42 4.71
C ALA A 129 23.05 -30.89 3.75
N PHE A 130 23.11 -29.61 3.41
CA PHE A 130 22.31 -29.17 2.28
C PHE A 130 22.47 -30.05 1.03
N TYR A 131 23.72 -30.35 0.64
CA TYR A 131 23.94 -31.10 -0.62
C TYR A 131 23.47 -32.53 -0.52
N HIS A 132 23.45 -33.11 0.67
CA HIS A 132 22.83 -34.41 0.84
C HIS A 132 21.44 -34.47 0.22
N TYR A 133 20.61 -33.44 0.47
CA TYR A 133 19.22 -33.39 0.00
C TYR A 133 19.15 -33.07 -1.50
N VAL A 134 20.06 -32.24 -1.96
CA VAL A 134 20.16 -31.97 -3.37
C VAL A 134 20.44 -33.21 -4.19
N ASP A 135 21.38 -34.01 -3.71
CA ASP A 135 21.76 -35.25 -4.40
C ASP A 135 20.72 -36.35 -4.27
N LYS A 136 20.12 -36.48 -3.09
CA LYS A 136 19.02 -37.39 -2.90
C LYS A 136 17.93 -37.13 -3.92
N LEU A 137 17.67 -35.89 -4.26
CA LEU A 137 16.65 -35.63 -5.26
C LEU A 137 17.11 -35.69 -6.67
N GLY A 138 18.41 -35.90 -6.87
CA GLY A 138 19.01 -35.99 -8.21
C GLY A 138 19.08 -34.70 -8.99
N LEU A 139 19.21 -33.56 -8.31
CA LEU A 139 19.20 -32.27 -9.01
C LEU A 139 20.57 -31.95 -9.55
N GLU A 140 20.57 -31.10 -10.55
CA GLU A 140 21.80 -30.76 -11.21
C GLU A 140 22.23 -29.43 -10.66
N THR A 141 23.53 -29.25 -10.51
CA THR A 141 24.04 -27.96 -10.10
C THR A 141 25.07 -27.49 -11.12
N LYS A 142 25.34 -26.19 -11.13
CA LYS A 142 26.47 -25.67 -11.88
C LYS A 142 27.12 -24.50 -11.21
N PRO A 143 28.41 -24.25 -11.56
CA PRO A 143 29.12 -23.29 -10.76
C PRO A 143 28.49 -21.96 -10.92
N PHE A 144 28.39 -21.23 -9.81
CA PHE A 144 27.81 -19.91 -9.81
C PHE A 144 28.80 -18.95 -10.42
N PRO A 145 28.31 -17.97 -11.19
CA PRO A 145 29.19 -17.01 -11.84
C PRO A 145 29.69 -15.88 -10.95
N ASN A 146 30.43 -16.26 -9.93
CA ASN A 146 31.10 -15.31 -9.09
C ASN A 146 32.28 -14.67 -9.79
N PRO A 147 32.60 -13.44 -9.44
CA PRO A 147 33.68 -12.73 -10.07
C PRO A 147 35.03 -13.45 -9.88
N LEU A 148 35.86 -13.42 -10.95
CA LEU A 148 37.20 -13.93 -10.94
C LEU A 148 37.18 -15.38 -10.62
N THR A 149 36.17 -16.08 -11.13
CA THR A 149 36.14 -17.54 -11.10
C THR A 149 36.18 -18.07 -12.52
N PRO A 150 36.51 -19.33 -12.66
CA PRO A 150 36.33 -19.92 -13.99
C PRO A 150 34.89 -19.76 -14.54
N ALA A 151 33.86 -19.81 -13.70
CA ALA A 151 32.48 -19.60 -14.16
C ALA A 151 32.20 -18.20 -14.75
N SER A 152 33.01 -17.21 -14.40
CA SER A 152 32.82 -15.83 -14.87
C SER A 152 33.96 -15.41 -15.80
N ARG A 153 33.67 -14.98 -17.01
CA ARG A 153 34.74 -14.72 -17.97
C ARG A 153 35.51 -13.47 -17.62
N SER A 154 34.76 -12.52 -17.05
CA SER A 154 35.27 -11.21 -16.77
C SER A 154 34.50 -10.53 -15.66
N THR A 155 35.16 -9.54 -15.07
CA THR A 155 34.64 -8.79 -13.99
C THR A 155 35.04 -7.34 -14.23
N VAL A 156 34.19 -6.44 -13.78
CA VAL A 156 34.43 -5.06 -13.88
C VAL A 156 34.21 -4.46 -12.50
N ILE A 157 35.21 -3.68 -12.06
CA ILE A 157 35.12 -2.96 -10.84
C ILE A 157 34.89 -1.48 -11.17
N ASP A 158 33.86 -0.88 -10.60
CA ASP A 158 33.61 0.52 -10.86
C ASP A 158 33.61 1.28 -9.60
N LEU A 159 34.62 2.14 -9.42
CA LEU A 159 34.73 2.95 -8.17
C LEU A 159 35.06 4.40 -8.41
N GLU A 160 34.36 5.29 -7.73
CA GLU A 160 34.54 6.72 -7.88
C GLU A 160 34.68 7.13 -9.36
N GLY A 161 33.82 6.55 -10.19
CA GLY A 161 33.76 6.93 -11.59
C GLY A 161 34.86 6.31 -12.42
N GLN A 162 35.63 5.40 -11.82
CA GLN A 162 36.67 4.75 -12.60
C GLN A 162 36.45 3.27 -12.67
N THR A 163 36.71 2.76 -13.86
CA THR A 163 36.37 1.43 -14.23
C THR A 163 37.61 0.59 -14.51
N TYR A 164 37.67 -0.60 -13.90
CA TYR A 164 38.77 -1.53 -14.13
C TYR A 164 38.25 -2.86 -14.64
N TYR A 165 38.89 -3.39 -15.68
CA TYR A 165 38.47 -4.62 -16.32
C TYR A 165 39.44 -5.71 -15.96
N ALA A 166 38.94 -6.91 -15.70
CA ALA A 166 39.78 -8.01 -15.34
C ALA A 166 39.24 -9.37 -15.84
N GLU A 167 40.12 -10.13 -16.47
CA GLU A 167 39.84 -11.49 -16.90
C GLU A 167 40.41 -12.49 -15.91
N LYS A 168 41.41 -12.05 -15.15
CA LYS A 168 41.96 -12.77 -13.99
C LYS A 168 42.38 -11.75 -12.91
N ALA A 169 42.52 -12.21 -11.68
CA ALA A 169 42.83 -11.33 -10.56
C ALA A 169 44.01 -10.39 -10.80
N ALA A 170 45.06 -10.89 -11.44
CA ALA A 170 46.30 -10.12 -11.65
C ALA A 170 46.11 -8.92 -12.55
N ASP A 171 45.13 -8.98 -13.46
CA ASP A 171 44.83 -7.83 -14.32
C ASP A 171 44.40 -6.61 -13.50
N LEU A 172 44.03 -6.77 -12.24
CA LEU A 172 43.62 -5.62 -11.46
C LEU A 172 44.81 -4.79 -10.97
N PRO A 173 44.56 -3.51 -10.69
CA PRO A 173 45.59 -2.68 -10.08
C PRO A 173 46.12 -3.25 -8.77
N ALA A 174 47.32 -2.81 -8.41
CA ALA A 174 48.06 -3.35 -7.27
C ALA A 174 47.26 -3.24 -5.98
N LEU A 175 46.51 -2.15 -5.83
CA LEU A 175 45.76 -1.85 -4.60
C LEU A 175 44.88 -3.03 -4.19
N PHE A 176 44.36 -3.73 -5.19
CA PHE A 176 43.50 -4.89 -4.94
C PHE A 176 44.24 -6.07 -4.33
N GLN A 177 45.41 -6.35 -4.82
CA GLN A 177 46.24 -7.38 -4.27
C GLN A 177 46.71 -7.02 -2.85
N GLU A 178 46.99 -5.73 -2.63
CA GLU A 178 47.38 -5.26 -1.29
C GLU A 178 46.24 -5.44 -0.32
N VAL A 179 45.03 -5.16 -0.78
CA VAL A 179 43.85 -5.28 0.07
C VAL A 179 43.73 -6.71 0.54
N THR A 180 43.93 -7.65 -0.37
CA THR A 180 43.75 -9.04 0.00
C THR A 180 44.87 -9.55 0.87
N ASP A 181 46.08 -9.06 0.64
CA ASP A 181 47.19 -9.49 1.47
C ASP A 181 46.93 -9.04 2.88
N ALA A 182 46.52 -7.80 3.07
CA ALA A 182 46.15 -7.37 4.42
C ALA A 182 45.04 -8.22 5.04
N TRP A 183 44.09 -8.63 4.23
CA TRP A 183 42.91 -9.33 4.74
C TRP A 183 43.39 -10.68 5.20
N ALA A 184 44.19 -11.33 4.37
CA ALA A 184 44.76 -12.66 4.68
C ALA A 184 45.66 -12.61 5.90
N ASP A 185 46.46 -11.57 5.97
CA ASP A 185 47.34 -11.37 7.11
C ASP A 185 46.56 -11.18 8.39
N ALA A 186 45.53 -10.33 8.32
CA ALA A 186 44.71 -10.04 9.51
C ALA A 186 44.02 -11.31 10.01
N LEU A 187 43.58 -12.15 9.09
CA LEU A 187 42.89 -13.35 9.55
C LEU A 187 43.86 -14.35 10.22
N GLU A 188 45.08 -14.42 9.71
CA GLU A 188 46.12 -15.26 10.24
C GLU A 188 46.60 -14.76 11.61
N SER A 189 46.95 -13.50 11.68
CA SER A 189 47.35 -12.91 12.96
C SER A 189 46.23 -12.98 13.98
N GLY A 190 45.05 -12.53 13.58
CA GLY A 190 43.96 -12.35 14.53
C GLY A 190 43.23 -13.60 14.95
N ALA A 191 43.16 -14.60 14.06
CA ALA A 191 42.29 -15.77 14.27
C ALA A 191 42.94 -17.17 14.16
N ARG A 192 44.20 -17.21 13.70
CA ARG A 192 44.89 -18.47 13.41
C ARG A 192 44.11 -19.25 12.39
N PHE A 193 43.61 -18.49 11.42
CA PHE A 193 42.85 -19.02 10.30
C PHE A 193 43.43 -20.34 9.76
N GLY A 194 44.75 -20.41 9.51
CA GLY A 194 45.36 -21.58 8.81
C GLY A 194 45.26 -22.86 9.63
N ASP A 195 45.48 -22.74 10.93
CA ASP A 195 45.28 -23.84 11.88
C ASP A 195 43.81 -24.22 12.04
N ILE A 196 42.93 -23.22 12.08
CA ILE A 196 41.49 -23.55 12.10
C ILE A 196 41.03 -24.26 10.83
N GLN A 197 41.56 -23.87 9.68
CA GLN A 197 41.13 -24.50 8.44
C GLN A 197 41.70 -25.91 8.32
N GLN A 198 42.91 -26.10 8.82
CA GLN A 198 43.51 -27.41 8.79
C GLN A 198 42.70 -28.37 9.66
N ALA A 199 42.28 -27.89 10.82
CA ALA A 199 41.58 -28.75 11.77
C ALA A 199 40.16 -29.09 11.25
N ILE A 200 39.58 -28.18 10.49
CA ILE A 200 38.28 -28.42 9.88
C ILE A 200 38.49 -29.50 8.84
N ARG A 201 39.52 -29.34 8.01
CA ARG A 201 39.88 -30.32 6.99
C ARG A 201 40.03 -31.70 7.58
N ASP A 202 40.86 -31.86 8.60
CA ASP A 202 41.13 -33.17 9.20
C ASP A 202 40.00 -33.64 10.11
N ARG A 203 39.05 -32.75 10.39
CA ARG A 203 37.97 -33.00 11.31
C ARG A 203 38.55 -33.41 12.66
N ASP A 204 39.45 -32.57 13.12
CA ASP A 204 40.15 -32.74 14.39
C ASP A 204 39.44 -31.88 15.42
N VAL A 205 38.45 -32.48 16.06
CA VAL A 205 37.51 -31.75 16.90
C VAL A 205 38.17 -31.08 18.10
N PRO A 206 38.98 -31.83 18.88
CA PRO A 206 39.61 -31.17 20.06
C PRO A 206 40.42 -29.93 19.66
N ARG A 207 41.20 -30.08 18.60
CA ARG A 207 42.00 -28.98 18.09
C ARG A 207 41.12 -27.79 17.67
N LEU A 208 40.11 -28.07 16.85
CA LEU A 208 39.21 -27.04 16.29
C LEU A 208 38.55 -26.24 17.40
N LYS A 209 38.02 -26.93 18.40
CA LYS A 209 37.40 -26.27 19.53
C LYS A 209 38.38 -25.45 20.41
N GLU A 210 39.62 -25.92 20.49
CA GLU A 210 40.67 -25.23 21.26
C GLU A 210 40.89 -23.87 20.60
N LEU A 211 41.18 -23.92 19.30
CA LEU A 211 41.39 -22.72 18.52
C LEU A 211 40.14 -21.84 18.46
N TRP A 212 38.96 -22.43 18.30
CA TRP A 212 37.76 -21.65 18.20
C TRP A 212 37.35 -21.05 19.51
N ASN A 213 37.38 -21.85 20.58
CA ASN A 213 36.95 -21.36 21.88
C ASN A 213 37.74 -20.16 22.47
N THR A 214 39.01 -20.02 22.14
CA THR A 214 39.75 -18.88 22.64
C THR A 214 39.24 -17.61 21.92
N LEU A 215 38.87 -17.74 20.65
CA LEU A 215 38.28 -16.59 19.94
C LEU A 215 36.90 -16.08 20.45
N VAL A 216 36.05 -17.01 20.89
CA VAL A 216 34.66 -16.65 21.25
C VAL A 216 34.56 -15.47 22.20
N PRO A 217 35.23 -15.53 23.38
CA PRO A 217 35.16 -14.38 24.33
C PRO A 217 35.90 -13.12 23.84
N LEU A 218 36.84 -13.26 22.94
CA LEU A 218 37.59 -12.11 22.47
C LEU A 218 36.79 -11.28 21.40
N TRP A 219 36.06 -11.94 20.52
CA TRP A 219 35.45 -11.26 19.37
C TRP A 219 33.95 -11.25 19.33
N ASP A 220 33.31 -11.94 20.26
CA ASP A 220 31.87 -11.84 20.39
C ASP A 220 31.39 -10.39 20.30
N ASP A 221 31.91 -9.51 21.15
CA ASP A 221 31.33 -8.16 21.30
C ASP A 221 32.06 -7.06 20.54
N ARG A 222 32.83 -7.44 19.54
CA ARG A 222 33.42 -6.47 18.65
C ARG A 222 32.96 -6.69 17.21
N THR A 223 32.90 -5.62 16.43
CA THR A 223 32.43 -5.71 15.10
C THR A 223 33.54 -6.09 14.13
N PHE A 224 33.11 -6.43 12.94
CA PHE A 224 34.00 -6.62 11.84
C PHE A 224 34.76 -5.32 11.57
N TYR A 225 34.08 -4.19 11.60
CA TYR A 225 34.72 -2.86 11.53
C TYR A 225 35.95 -2.71 12.43
N ASP A 226 35.78 -3.07 13.69
CA ASP A 226 36.83 -2.88 14.66
C ASP A 226 37.94 -3.86 14.46
N PHE A 227 37.59 -5.04 13.98
CA PHE A 227 38.59 -5.99 13.63
C PHE A 227 39.52 -5.37 12.64
N VAL A 228 38.97 -4.83 11.56
CA VAL A 228 39.75 -4.24 10.45
C VAL A 228 40.49 -3.03 10.91
N ALA A 229 39.82 -2.18 11.67
CA ALA A 229 40.39 -0.92 12.17
C ALA A 229 41.68 -1.23 12.90
N THR A 230 41.54 -2.06 13.94
CA THR A 230 42.60 -2.42 14.86
C THR A 230 43.53 -3.51 14.30
N SER A 231 43.41 -3.91 13.05
CA SER A 231 44.38 -4.87 12.57
C SER A 231 45.61 -4.11 12.08
N LYS A 232 46.79 -4.64 12.41
CA LYS A 232 48.07 -4.08 12.01
C LYS A 232 48.17 -3.92 10.51
N ALA A 233 47.78 -4.99 9.81
CA ALA A 233 47.87 -5.00 8.34
C ALA A 233 47.05 -3.91 7.63
N PHE A 234 45.87 -3.59 8.15
CA PHE A 234 45.01 -2.58 7.55
C PHE A 234 45.43 -1.22 8.01
N ALA A 235 45.97 -1.13 9.23
CA ALA A 235 46.39 0.16 9.80
C ALA A 235 47.46 0.85 8.93
N LYS A 236 48.40 0.07 8.40
CA LYS A 236 49.45 0.63 7.54
C LYS A 236 49.04 0.86 6.10
N LEU A 237 47.77 0.66 5.77
CA LEU A 237 47.30 0.97 4.46
C LEU A 237 46.53 2.25 4.54
N SER A 238 46.29 2.86 3.39
CA SER A 238 45.55 4.09 3.30
C SER A 238 44.05 3.86 3.60
N PHE A 239 43.30 4.94 3.81
CA PHE A 239 41.86 4.89 3.96
C PHE A 239 41.19 4.32 2.71
N GLN A 240 41.66 4.75 1.54
CA GLN A 240 41.22 4.19 0.26
C GLN A 240 41.30 2.63 0.18
N HIS A 241 42.33 2.03 0.74
CA HIS A 241 42.35 0.61 0.88
C HIS A 241 41.18 0.00 1.64
N ARG A 242 40.88 0.56 2.82
CA ARG A 242 39.72 0.14 3.63
C ARG A 242 38.37 0.40 2.89
N GLU A 243 38.25 1.59 2.32
CA GLU A 243 37.07 1.99 1.59
C GLU A 243 36.74 0.92 0.53
N VAL A 244 37.76 0.62 -0.29
CA VAL A 244 37.68 -0.37 -1.35
C VAL A 244 37.34 -1.73 -0.82
N PHE A 245 37.94 -2.10 0.30
CA PHE A 245 37.64 -3.36 0.92
C PHE A 245 36.16 -3.52 1.30
N GLY A 246 35.54 -2.44 1.83
CA GLY A 246 34.10 -2.41 2.03
C GLY A 246 33.23 -2.50 0.76
N GLN A 247 33.59 -1.73 -0.24
CA GLN A 247 32.78 -1.63 -1.43
C GLN A 247 32.87 -2.88 -2.30
N VAL A 248 34.06 -3.40 -2.56
CA VAL A 248 34.23 -4.57 -3.45
C VAL A 248 35.25 -5.63 -2.96
N GLY A 249 35.69 -5.47 -1.71
CA GLY A 249 36.73 -6.29 -1.13
C GLY A 249 38.00 -6.22 -1.96
N PHE A 250 38.56 -7.36 -2.29
CA PHE A 250 39.75 -7.35 -3.08
C PHE A 250 39.39 -7.66 -4.49
N GLY A 251 38.13 -7.41 -4.82
CA GLY A 251 37.63 -7.50 -6.20
C GLY A 251 36.65 -8.63 -6.45
N THR A 252 36.31 -9.38 -5.40
CA THR A 252 35.39 -10.51 -5.55
C THR A 252 34.17 -10.32 -4.70
N GLY A 253 33.91 -9.09 -4.30
CA GLY A 253 32.75 -8.83 -3.49
C GLY A 253 33.17 -8.11 -2.24
N GLY A 254 32.40 -7.08 -1.92
CA GLY A 254 32.65 -6.27 -0.77
C GLY A 254 32.07 -6.81 0.51
N TRP A 255 32.24 -6.04 1.57
CA TRP A 255 32.04 -6.52 2.90
C TRP A 255 31.33 -5.55 3.80
N ASP A 256 30.92 -4.38 3.28
CA ASP A 256 30.39 -3.28 4.13
C ASP A 256 29.02 -3.52 4.76
N SER A 257 28.22 -4.40 4.18
CA SER A 257 26.95 -4.78 4.83
C SER A 257 27.21 -5.69 6.04
N ASP A 258 28.40 -6.29 6.08
CA ASP A 258 28.78 -7.19 7.13
C ASP A 258 29.62 -6.51 8.22
N PHE A 259 30.09 -5.30 7.95
CA PHE A 259 30.89 -4.53 8.91
C PHE A 259 30.24 -4.38 10.31
N PRO A 260 28.89 -4.15 10.41
CA PRO A 260 28.26 -4.00 11.78
C PRO A 260 28.08 -5.28 12.58
N ASN A 261 28.41 -6.42 12.01
CA ASN A 261 28.16 -7.69 12.62
C ASN A 261 29.33 -8.06 13.50
N SER A 262 29.01 -8.75 14.59
CA SER A 262 29.97 -9.51 15.37
C SER A 262 30.95 -10.21 14.42
N MET A 263 32.22 -9.93 14.69
CA MET A 263 33.32 -10.54 13.98
C MET A 263 33.28 -12.08 14.03
N LEU A 264 32.81 -12.69 15.11
CA LEU A 264 32.68 -14.17 15.14
C LEU A 264 31.91 -14.70 13.94
N GLU A 265 30.87 -13.99 13.52
CA GLU A 265 30.06 -14.38 12.38
C GLU A 265 30.86 -14.45 11.12
N ILE A 266 31.67 -13.43 10.94
CA ILE A 266 32.54 -13.30 9.77
C ILE A 266 33.58 -14.41 9.75
N PHE A 267 34.16 -14.71 10.93
CA PHE A 267 35.13 -15.75 11.02
C PHE A 267 34.46 -17.01 10.55
N ARG A 268 33.28 -17.31 11.09
CA ARG A 268 32.57 -18.57 10.70
C ARG A 268 32.40 -18.70 9.18
N VAL A 269 32.01 -17.61 8.55
CA VAL A 269 31.87 -17.58 7.10
C VAL A 269 33.18 -17.86 6.35
N VAL A 270 34.27 -17.14 6.62
CA VAL A 270 35.51 -17.39 5.88
C VAL A 270 36.15 -18.74 6.20
N MET A 271 36.02 -19.19 7.44
CA MET A 271 36.68 -20.42 7.86
C MET A 271 36.11 -21.67 7.18
N THR A 272 34.82 -21.63 6.87
CA THR A 272 34.12 -22.79 6.33
C THR A 272 33.90 -22.62 4.83
N ASN A 273 34.62 -21.66 4.24
CA ASN A 273 34.63 -21.39 2.80
C ASN A 273 33.25 -21.17 2.22
N CYS A 274 32.39 -20.52 2.98
CA CYS A 274 31.03 -20.21 2.54
C CYS A 274 31.05 -19.26 1.35
N ASP A 275 32.11 -18.45 1.28
CA ASP A 275 32.21 -17.35 0.30
C ASP A 275 32.87 -17.72 -1.04
N ASP A 276 33.25 -19.00 -1.24
CA ASP A 276 33.85 -19.46 -2.53
C ASP A 276 33.40 -20.89 -2.94
N HIS A 277 33.79 -21.32 -4.13
CA HIS A 277 33.35 -22.59 -4.75
C HIS A 277 31.86 -22.88 -4.61
N GLN A 278 31.05 -21.95 -5.08
CA GLN A 278 29.62 -22.02 -4.92
C GLN A 278 28.93 -22.46 -6.21
N HIS A 279 27.82 -23.17 -6.06
CA HIS A 279 26.94 -23.60 -7.16
C HIS A 279 25.50 -23.08 -7.00
N LEU A 280 24.84 -22.89 -8.14
CA LEU A 280 23.41 -22.67 -8.24
C LEU A 280 22.82 -24.01 -8.64
N VAL A 281 21.51 -24.18 -8.39
CA VAL A 281 20.79 -25.39 -8.67
C VAL A 281 20.13 -25.21 -10.01
N VAL A 282 20.35 -26.13 -10.96
CA VAL A 282 19.85 -25.87 -12.31
C VAL A 282 18.35 -26.00 -12.34
N GLY A 283 17.70 -25.00 -12.90
CA GLY A 283 16.22 -24.91 -12.90
C GLY A 283 15.56 -24.39 -11.64
N GLY A 284 16.37 -24.17 -10.59
CA GLY A 284 15.97 -23.40 -9.40
C GLY A 284 16.12 -24.18 -8.13
N VAL A 285 16.68 -23.52 -7.13
CA VAL A 285 16.85 -24.18 -5.85
C VAL A 285 15.49 -24.41 -5.18
N GLU A 286 14.42 -23.77 -5.66
CA GLU A 286 13.12 -24.09 -5.10
C GLU A 286 12.72 -25.56 -5.29
N GLN A 287 13.38 -26.26 -6.24
CA GLN A 287 13.16 -27.72 -6.42
C GLN A 287 13.63 -28.49 -5.21
N VAL A 288 14.53 -27.95 -4.42
CA VAL A 288 14.89 -28.66 -3.21
C VAL A 288 13.67 -28.92 -2.30
N PRO A 289 13.11 -27.85 -1.70
CA PRO A 289 11.97 -28.11 -0.82
C PRO A 289 10.77 -28.79 -1.47
N GLN A 290 10.41 -28.40 -2.69
CA GLN A 290 9.27 -28.98 -3.40
C GLN A 290 9.48 -30.42 -3.58
N GLY A 291 10.74 -30.80 -3.86
CA GLY A 291 11.11 -32.19 -4.12
C GLY A 291 11.12 -32.98 -2.82
N ILE A 292 11.65 -32.38 -1.77
CA ILE A 292 11.54 -33.04 -0.45
C ILE A 292 10.06 -33.28 -0.15
N TRP A 293 9.21 -32.33 -0.46
CA TRP A 293 7.75 -32.53 -0.22
C TRP A 293 7.16 -33.77 -0.89
N ARG A 294 7.72 -34.09 -2.07
CA ARG A 294 7.22 -35.17 -2.91
C ARG A 294 8.02 -36.41 -2.82
N HIS A 295 9.16 -36.41 -2.17
CA HIS A 295 10.04 -37.54 -2.27
C HIS A 295 9.62 -38.78 -1.46
N VAL A 296 9.60 -39.95 -2.14
CA VAL A 296 9.25 -41.22 -1.47
C VAL A 296 10.56 -41.81 -0.99
N PRO A 297 10.76 -41.88 0.32
CA PRO A 297 12.01 -42.52 0.75
C PRO A 297 12.04 -43.99 0.38
N GLU A 298 13.23 -44.56 0.19
CA GLU A 298 13.29 -46.01 -0.03
C GLU A 298 12.86 -46.79 1.22
N ARG A 299 13.27 -46.32 2.42
CA ARG A 299 12.87 -46.99 3.68
C ARG A 299 12.15 -46.07 4.66
N CYS A 300 11.01 -46.56 5.14
CA CYS A 300 10.09 -45.88 6.05
C CYS A 300 9.93 -46.78 7.28
N ALA A 301 10.12 -46.28 8.49
CA ALA A 301 9.50 -46.92 9.66
C ALA A 301 8.00 -46.66 9.61
N HIS A 302 7.19 -47.65 10.00
CA HIS A 302 5.73 -47.57 10.01
C HIS A 302 5.03 -47.40 8.67
N TRP A 303 5.42 -46.40 7.87
CA TRP A 303 4.63 -46.03 6.70
C TRP A 303 4.70 -47.03 5.54
N PRO A 304 3.57 -47.19 4.81
CA PRO A 304 3.53 -47.99 3.61
C PRO A 304 4.40 -47.47 2.44
N GLU A 305 4.82 -48.42 1.64
CA GLU A 305 5.33 -48.16 0.31
C GLU A 305 4.62 -46.95 -0.30
N GLY A 306 5.40 -45.99 -0.79
CA GLY A 306 4.85 -44.85 -1.56
C GLY A 306 4.50 -43.63 -0.72
N THR A 307 4.85 -43.64 0.55
CA THR A 307 4.42 -42.61 1.40
C THR A 307 5.37 -41.43 1.19
N SER A 308 4.79 -40.23 1.09
CA SER A 308 5.58 -39.00 1.02
C SER A 308 5.00 -37.96 1.96
N LEU A 309 5.77 -36.88 2.20
CA LEU A 309 5.17 -35.76 2.95
C LEU A 309 3.85 -35.42 2.28
N SER A 310 3.88 -35.25 0.97
CA SER A 310 2.64 -34.85 0.30
C SER A 310 1.46 -35.87 0.52
N SER A 311 1.68 -37.16 0.42
CA SER A 311 0.54 -38.07 0.59
C SER A 311 0.00 -37.98 2.03
N LEU A 312 0.90 -38.03 3.02
CA LEU A 312 0.46 -37.86 4.39
C LEU A 312 -0.39 -36.63 4.62
N HIS A 313 -0.15 -35.54 3.92
CA HIS A 313 -0.96 -34.27 4.06
C HIS A 313 -2.15 -34.13 3.13
N GLY A 314 -2.33 -35.12 2.22
CA GLY A 314 -3.25 -34.98 1.08
C GLY A 314 -2.88 -33.82 0.14
N GLY A 315 -1.57 -33.50 0.06
CA GLY A 315 -1.00 -32.66 -0.98
C GLY A 315 -0.46 -31.32 -0.57
N ALA A 316 -0.88 -30.75 0.57
CA ALA A 316 -0.41 -29.41 0.96
C ALA A 316 -0.21 -29.27 2.44
N PRO A 317 0.69 -28.36 2.85
CA PRO A 317 0.79 -28.08 4.27
C PRO A 317 -0.50 -27.45 4.73
N ARG A 318 -0.78 -27.51 6.01
CA ARG A 318 -1.87 -26.74 6.56
C ARG A 318 -1.60 -25.24 6.42
N THR A 319 -2.62 -24.43 6.69
CA THR A 319 -2.44 -22.98 6.57
C THR A 319 -1.63 -22.41 7.70
N GLY A 320 -1.55 -21.11 7.76
CA GLY A 320 -0.66 -20.53 8.73
C GLY A 320 -1.07 -20.75 10.16
N VAL A 321 -0.13 -20.53 11.06
CA VAL A 321 -0.38 -20.70 12.48
C VAL A 321 -0.66 -19.38 13.17
N LYS A 322 -1.69 -19.38 14.02
CA LYS A 322 -2.13 -18.21 14.77
C LYS A 322 -1.84 -18.33 16.27
N ARG A 323 -1.90 -19.54 16.78
CA ARG A 323 -1.85 -19.73 18.19
C ARG A 323 -1.09 -20.98 18.61
N ILE A 324 -0.24 -20.84 19.59
CA ILE A 324 0.34 -21.99 20.21
C ILE A 324 0.14 -21.88 21.72
N ALA A 325 -0.40 -22.91 22.34
CA ALA A 325 -0.67 -22.92 23.78
C ALA A 325 -0.46 -24.30 24.40
N ARG A 326 -0.37 -24.35 25.72
CA ARG A 326 -0.28 -25.61 26.42
C ARG A 326 -1.68 -26.09 26.70
N ALA A 327 -2.00 -27.29 26.27
CA ALA A 327 -3.31 -27.81 26.47
C ALA A 327 -3.46 -28.57 27.79
N SER A 328 -4.69 -28.62 28.27
CA SER A 328 -5.03 -29.20 29.58
C SER A 328 -4.75 -30.72 29.70
N ASP A 329 -4.56 -31.40 28.58
CA ASP A 329 -4.07 -32.76 28.57
C ASP A 329 -2.53 -32.90 28.52
N GLY A 330 -1.78 -31.80 28.61
CA GLY A 330 -0.29 -31.90 28.58
C GLY A 330 0.39 -31.63 27.24
N ARG A 331 -0.34 -31.87 26.15
CA ARG A 331 0.18 -31.63 24.81
C ARG A 331 0.12 -30.13 24.43
N LEU A 332 0.57 -29.80 23.21
CA LEU A 332 0.52 -28.44 22.68
C LEU A 332 -0.59 -28.31 21.69
N ALA A 333 -1.31 -27.20 21.82
CA ALA A 333 -2.49 -26.87 20.98
C ALA A 333 -2.06 -25.84 19.96
N VAL A 334 -2.27 -26.17 18.68
CA VAL A 334 -1.89 -25.30 17.57
C VAL A 334 -3.18 -24.94 16.88
N THR A 335 -3.44 -23.65 16.77
CA THR A 335 -4.64 -23.17 16.09
C THR A 335 -4.21 -22.42 14.84
N ASP A 336 -4.79 -22.76 13.70
CA ASP A 336 -4.45 -22.16 12.43
C ASP A 336 -5.32 -20.94 12.17
N ASN A 337 -5.07 -20.26 11.08
CA ASN A 337 -5.71 -19.00 10.77
C ASN A 337 -7.23 -19.06 10.74
N TRP A 338 -7.78 -20.22 10.52
CA TRP A 338 -9.20 -20.37 10.37
C TRP A 338 -9.80 -20.96 11.67
N GLY A 339 -9.05 -21.06 12.75
CA GLY A 339 -9.58 -21.59 14.03
C GLY A 339 -9.54 -23.10 14.25
N ASP A 340 -9.13 -23.88 13.26
CA ASP A 340 -8.97 -25.32 13.48
C ASP A 340 -7.81 -25.55 14.50
N CYS A 341 -8.17 -26.19 15.61
CA CYS A 341 -7.27 -26.39 16.74
C CYS A 341 -6.88 -27.85 16.82
N ARG A 342 -5.59 -28.15 16.93
CA ARG A 342 -5.12 -29.56 17.02
C ARG A 342 -4.00 -29.74 18.04
N HIS A 343 -3.84 -30.97 18.55
CA HIS A 343 -3.00 -31.21 19.72
C HIS A 343 -1.82 -32.09 19.31
N TYR A 344 -0.63 -31.82 19.85
CA TYR A 344 0.54 -32.44 19.47
C TYR A 344 1.46 -32.58 20.67
N ALA A 345 2.20 -33.68 20.70
CA ALA A 345 3.16 -33.89 21.78
C ALA A 345 4.37 -33.04 21.65
N ALA A 346 4.58 -32.53 20.44
CA ALA A 346 5.66 -31.61 20.22
C ALA A 346 5.42 -30.78 19.01
N VAL A 347 6.13 -29.67 18.99
CA VAL A 347 5.93 -28.65 18.00
C VAL A 347 7.29 -28.14 17.61
N LEU A 348 7.56 -28.02 16.31
CA LEU A 348 8.80 -27.34 15.88
C LEU A 348 8.44 -26.12 15.14
N THR A 349 9.03 -24.98 15.51
CA THR A 349 8.83 -23.73 14.77
C THR A 349 10.11 -23.33 14.03
N THR A 350 9.96 -22.85 12.78
CA THR A 350 11.08 -22.38 11.95
C THR A 350 10.84 -21.01 11.35
N CYS A 351 9.75 -20.38 11.71
CA CYS A 351 9.47 -19.05 11.23
C CYS A 351 10.46 -18.09 11.91
N GLN A 352 10.60 -16.92 11.33
CA GLN A 352 11.54 -15.97 11.89
C GLN A 352 11.07 -15.60 13.31
N SER A 353 12.06 -15.47 14.19
CA SER A 353 11.86 -15.39 15.59
C SER A 353 10.86 -14.30 16.07
N TRP A 354 10.83 -13.13 15.45
CA TRP A 354 9.90 -12.11 15.95
C TRP A 354 8.47 -12.45 15.72
N LEU A 355 8.21 -13.42 14.87
CA LEU A 355 6.81 -13.76 14.62
C LEU A 355 6.22 -14.43 15.86
N LEU A 356 7.03 -15.13 16.61
CA LEU A 356 6.56 -15.77 17.83
C LEU A 356 6.10 -14.80 18.89
N THR A 357 6.66 -13.61 18.87
CA THR A 357 6.43 -12.65 19.92
C THR A 357 5.36 -11.63 19.50
N THR A 358 5.08 -11.53 18.20
CA THR A 358 4.10 -10.58 17.67
C THR A 358 2.99 -11.33 16.91
N GLN A 359 3.29 -11.87 15.74
CA GLN A 359 2.22 -12.36 14.88
C GLN A 359 1.58 -13.65 15.40
N ILE A 360 2.35 -14.50 16.06
CA ILE A 360 1.77 -15.70 16.60
C ILE A 360 1.50 -15.50 18.07
N ASP A 361 0.34 -15.95 18.51
CA ASP A 361 0.03 -15.88 19.93
C ASP A 361 0.63 -17.11 20.57
N CYS A 362 1.87 -16.98 20.98
CA CYS A 362 2.59 -18.04 21.65
C CYS A 362 2.65 -17.72 23.16
N GLU A 363 1.93 -18.57 23.88
CA GLU A 363 1.86 -18.59 25.33
C GLU A 363 3.18 -18.55 26.05
N GLU A 364 3.26 -17.59 26.97
CA GLU A 364 4.53 -17.21 27.58
C GLU A 364 5.20 -18.37 28.32
N SER A 365 4.38 -19.22 28.91
CA SER A 365 4.87 -20.37 29.64
C SER A 365 5.69 -21.37 28.82
N LEU A 366 5.61 -21.32 27.49
CA LEU A 366 6.31 -22.33 26.63
C LEU A 366 7.80 -22.08 26.53
N PHE A 367 8.22 -20.87 26.81
CA PHE A 367 9.62 -20.58 26.78
C PHE A 367 10.08 -19.95 28.06
N SER A 368 11.34 -20.18 28.44
CA SER A 368 11.90 -19.48 29.60
C SER A 368 11.90 -18.00 29.36
N GLN A 369 12.17 -17.24 30.42
CA GLN A 369 12.31 -15.81 30.28
C GLN A 369 13.57 -15.52 29.49
N LYS A 370 14.65 -16.25 29.73
CA LYS A 370 15.86 -15.96 28.98
C LYS A 370 15.76 -16.41 27.52
N MET A 371 14.98 -17.44 27.22
CA MET A 371 14.75 -17.79 25.81
C MET A 371 13.96 -16.65 25.11
N TRP A 372 12.85 -16.21 25.66
CA TRP A 372 12.12 -15.06 25.05
C TRP A 372 13.07 -13.88 24.69
N MET A 373 14.02 -13.60 25.56
CA MET A 373 14.91 -12.47 25.37
C MET A 373 15.82 -12.76 24.20
N ALA A 374 16.33 -13.97 24.11
CA ALA A 374 17.20 -14.33 22.97
C ALA A 374 16.43 -14.21 21.65
N LEU A 375 15.16 -14.61 21.67
CA LEU A 375 14.30 -14.56 20.49
C LEU A 375 14.02 -13.15 20.04
N ASP A 376 13.82 -12.23 20.98
CA ASP A 376 13.49 -10.86 20.63
C ASP A 376 14.66 -10.08 20.17
N ARG A 377 15.87 -10.51 20.52
CA ARG A 377 17.07 -9.73 20.20
C ARG A 377 17.53 -9.93 18.77
N THR A 378 16.88 -10.84 18.05
CA THR A 378 17.23 -11.07 16.66
C THR A 378 17.03 -9.84 15.79
N ARG A 379 18.09 -9.37 15.15
CA ARG A 379 17.92 -8.32 14.17
C ARG A 379 18.24 -8.85 12.76
N TYR A 380 17.64 -8.23 11.74
CA TYR A 380 17.60 -8.80 10.40
C TYR A 380 18.23 -7.91 9.36
N MET A 381 18.87 -8.54 8.38
CA MET A 381 19.44 -7.79 7.30
C MET A 381 18.46 -7.73 6.15
N GLN A 382 18.57 -6.62 5.44
CA GLN A 382 17.73 -6.28 4.31
C GLN A 382 18.39 -6.64 3.01
N SER A 383 17.58 -7.06 2.04
CA SER A 383 18.09 -7.40 0.74
C SER A 383 17.12 -7.05 -0.38
N SER A 384 17.73 -6.75 -1.49
CA SER A 384 17.00 -6.48 -2.67
C SER A 384 17.70 -7.08 -3.86
N LYS A 385 16.93 -7.74 -4.69
CA LYS A 385 17.42 -8.25 -5.96
C LYS A 385 16.46 -7.90 -7.08
N THR A 386 16.99 -7.52 -8.22
CA THR A 386 16.20 -7.31 -9.42
C THR A 386 16.83 -8.01 -10.61
N PHE A 387 15.98 -8.76 -11.33
CA PHE A 387 16.37 -9.62 -12.42
C PHE A 387 15.64 -9.33 -13.75
N VAL A 388 16.34 -9.49 -14.86
CA VAL A 388 15.69 -9.54 -16.17
C VAL A 388 16.19 -10.68 -17.00
N MET A 389 15.41 -11.02 -18.00
CA MET A 389 15.79 -12.10 -18.89
C MET A 389 16.22 -11.45 -20.21
N VAL A 390 17.10 -12.12 -20.94
CA VAL A 390 17.57 -11.57 -22.21
C VAL A 390 17.59 -12.63 -23.30
N ASP A 391 17.54 -12.21 -24.55
CA ASP A 391 17.38 -13.18 -25.63
C ASP A 391 18.59 -14.07 -25.80
N ARG A 392 19.77 -13.54 -25.47
CA ARG A 392 20.99 -14.36 -25.53
C ARG A 392 22.07 -13.75 -24.64
N PRO A 393 23.10 -14.54 -24.30
CA PRO A 393 24.20 -14.06 -23.50
C PRO A 393 25.10 -13.26 -24.42
N PHE A 394 24.56 -12.12 -24.79
CA PHE A 394 25.23 -11.17 -25.62
C PHE A 394 26.50 -10.64 -24.94
N TRP A 395 26.53 -10.64 -23.62
CA TRP A 395 27.71 -10.12 -22.90
C TRP A 395 29.02 -10.83 -23.23
N LYS A 396 28.93 -12.04 -23.79
CA LYS A 396 30.10 -12.78 -24.23
C LYS A 396 30.69 -12.16 -25.49
N ASP A 397 29.89 -11.40 -26.23
CA ASP A 397 30.40 -10.77 -27.42
C ASP A 397 31.52 -9.83 -27.04
N LYS A 398 32.44 -9.66 -27.98
CA LYS A 398 33.62 -8.79 -27.79
C LYS A 398 33.43 -7.41 -28.47
N ASP A 399 33.80 -6.37 -27.76
CA ASP A 399 34.00 -5.05 -28.36
C ASP A 399 35.32 -5.09 -29.17
N PRO A 400 35.23 -5.04 -30.51
CA PRO A 400 36.46 -5.16 -31.34
C PRO A 400 37.55 -4.09 -31.02
N GLU A 401 37.10 -2.87 -30.71
CA GLU A 401 38.04 -1.81 -30.32
C GLU A 401 38.91 -2.17 -29.11
N THR A 402 38.30 -2.62 -28.00
CA THR A 402 39.04 -2.87 -26.75
C THR A 402 39.39 -4.34 -26.53
N GLY A 403 38.73 -5.26 -27.22
CA GLY A 403 38.80 -6.69 -26.85
C GLY A 403 38.03 -7.05 -25.56
N ARG A 404 37.26 -6.12 -25.00
CA ARG A 404 36.47 -6.41 -23.81
C ARG A 404 35.15 -7.11 -24.18
N ASP A 405 34.76 -8.08 -23.36
CA ASP A 405 33.36 -8.50 -23.25
C ASP A 405 32.47 -7.27 -23.15
N LEU A 406 31.32 -7.37 -23.80
CA LEU A 406 30.41 -6.24 -23.86
C LEU A 406 29.84 -5.92 -22.48
N MET A 407 29.87 -6.91 -21.60
CA MET A 407 29.50 -6.71 -20.20
C MET A 407 30.17 -7.79 -19.36
N SER A 408 30.28 -7.48 -18.07
CA SER A 408 30.83 -8.38 -17.11
C SER A 408 30.05 -8.44 -15.76
N MET A 409 30.34 -9.46 -14.96
CA MET A 409 30.05 -9.43 -13.53
C MET A 409 30.52 -8.07 -13.06
N THR A 410 29.63 -7.30 -12.44
CA THR A 410 29.95 -5.89 -12.13
C THR A 410 29.83 -5.58 -10.66
N LEU A 411 30.90 -5.01 -10.11
CA LEU A 411 30.94 -4.56 -8.74
C LEU A 411 31.19 -3.07 -8.71
N THR A 412 30.31 -2.33 -8.05
CA THR A 412 30.40 -0.93 -8.11
C THR A 412 29.99 -0.27 -6.82
N ASP A 413 30.33 1.01 -6.73
CA ASP A 413 29.85 1.83 -5.66
C ASP A 413 28.57 2.50 -6.08
N ARG A 414 28.20 2.38 -7.35
CA ARG A 414 26.86 2.85 -7.73
C ARG A 414 25.74 1.99 -7.13
N LEU A 415 24.48 2.45 -7.20
CA LEU A 415 23.38 1.78 -6.46
C LEU A 415 23.13 0.32 -6.77
N THR A 416 23.50 -0.15 -7.98
CA THR A 416 23.35 -1.57 -8.31
C THR A 416 24.19 -2.50 -7.42
N ARG A 417 25.41 -2.04 -7.11
CA ARG A 417 26.42 -2.78 -6.34
C ARG A 417 26.92 -4.00 -7.07
N GLY A 418 26.05 -4.99 -7.23
CA GLY A 418 26.45 -6.26 -7.76
C GLY A 418 25.54 -6.59 -8.93
N THR A 419 26.14 -7.01 -10.05
CA THR A 419 25.38 -7.45 -11.19
C THR A 419 25.94 -8.78 -11.69
N TYR A 420 25.06 -9.77 -11.84
CA TYR A 420 25.43 -11.14 -12.12
C TYR A 420 24.92 -11.47 -13.47
N LEU A 421 25.70 -12.27 -14.22
CA LEU A 421 25.35 -12.70 -15.54
C LEU A 421 25.22 -14.19 -15.57
N PHE A 422 24.05 -14.67 -15.96
CA PHE A 422 23.79 -16.09 -16.02
C PHE A 422 23.56 -16.57 -17.45
N ASP A 423 24.49 -17.42 -17.87
CA ASP A 423 24.59 -17.99 -19.22
C ASP A 423 23.89 -19.32 -19.18
N ASN A 424 22.85 -19.47 -19.99
CA ASN A 424 22.17 -20.75 -20.10
C ASN A 424 22.53 -21.52 -21.39
N GLY A 425 23.56 -21.08 -22.10
CA GLY A 425 23.91 -21.60 -23.43
C GLY A 425 23.73 -20.52 -24.48
N ASP A 426 24.53 -20.53 -25.55
CA ASP A 426 24.34 -19.60 -26.70
C ASP A 426 22.95 -19.77 -27.29
N ASP A 427 22.48 -21.01 -27.20
CA ASP A 427 21.19 -21.49 -27.62
C ASP A 427 19.96 -20.90 -26.87
N LYS A 428 20.17 -20.38 -25.68
CA LYS A 428 19.07 -20.09 -24.76
C LYS A 428 19.08 -18.67 -24.20
N PRO A 429 17.96 -18.24 -23.59
CA PRO A 429 17.98 -16.88 -23.08
C PRO A 429 18.91 -16.74 -21.88
N GLY A 430 19.45 -15.55 -21.68
CA GLY A 430 20.21 -15.28 -20.47
C GLY A 430 19.36 -14.74 -19.36
N VAL A 431 19.91 -14.79 -18.17
CA VAL A 431 19.36 -14.05 -17.01
C VAL A 431 20.43 -13.12 -16.42
N ILE A 432 20.03 -11.88 -16.15
CA ILE A 432 20.91 -10.96 -15.56
C ILE A 432 20.31 -10.52 -14.22
N CYS A 433 21.08 -10.67 -13.12
CA CYS A 433 20.72 -10.05 -11.86
C CYS A 433 21.24 -8.66 -11.96
N LEU A 434 20.35 -7.70 -12.20
CA LEU A 434 20.83 -6.35 -12.45
C LEU A 434 21.47 -5.75 -11.21
N SER A 435 20.93 -6.08 -10.07
CA SER A 435 21.32 -5.47 -8.85
C SER A 435 21.07 -6.41 -7.69
N TYR A 436 22.08 -6.53 -6.85
CA TYR A 436 22.03 -7.37 -5.67
C TYR A 436 22.65 -6.51 -4.63
N ALA A 437 21.80 -6.01 -3.73
CA ALA A 437 22.23 -5.09 -2.72
C ALA A 437 21.75 -5.50 -1.32
N TRP A 438 22.44 -5.02 -0.30
CA TRP A 438 22.11 -5.28 1.12
C TRP A 438 21.95 -3.96 1.89
N MET A 439 21.23 -4.04 3.00
CA MET A 439 21.13 -2.96 3.97
C MET A 439 20.72 -1.63 3.33
N SER A 440 21.54 -0.58 3.45
CA SER A 440 21.14 0.77 2.99
C SER A 440 20.84 0.81 1.51
N ASP A 441 21.73 0.21 0.74
CA ASP A 441 21.55 0.12 -0.70
C ASP A 441 20.20 -0.56 -1.03
N ALA A 442 19.83 -1.56 -0.24
CA ALA A 442 18.55 -2.26 -0.39
C ALA A 442 17.40 -1.37 -0.02
N LEU A 443 17.56 -0.64 1.07
CA LEU A 443 16.51 0.29 1.52
C LEU A 443 16.28 1.44 0.53
N LYS A 444 17.34 1.86 -0.17
CA LYS A 444 17.21 2.83 -1.30
C LYS A 444 16.22 2.37 -2.40
N MET A 445 16.17 1.06 -2.65
CA MET A 445 15.26 0.44 -3.61
C MET A 445 13.86 0.11 -3.09
N LEU A 446 13.76 -0.18 -1.79
CA LEU A 446 12.52 -0.67 -1.18
C LEU A 446 11.25 0.01 -1.69
N PRO A 447 11.20 1.35 -1.60
CA PRO A 447 9.89 1.96 -1.88
C PRO A 447 9.40 1.99 -3.35
N HIS A 448 10.23 1.58 -4.30
CA HIS A 448 9.95 1.76 -5.74
C HIS A 448 9.35 0.54 -6.47
N PRO A 449 8.46 0.78 -7.46
CA PRO A 449 7.95 -0.36 -8.19
C PRO A 449 9.06 -0.97 -8.95
N VAL A 450 8.83 -2.19 -9.39
CA VAL A 450 9.81 -2.90 -10.16
C VAL A 450 10.33 -2.10 -11.37
N GLU A 451 9.44 -1.51 -12.12
CA GLU A 451 9.82 -0.69 -13.27
C GLU A 451 10.83 0.40 -12.92
N LYS A 452 10.64 1.06 -11.81
CA LYS A 452 11.58 2.07 -11.41
C LYS A 452 12.95 1.43 -11.06
N ARG A 453 12.94 0.29 -10.41
CA ARG A 453 14.17 -0.33 -9.99
C ARG A 453 14.97 -0.75 -11.18
N VAL A 454 14.31 -1.38 -12.12
CA VAL A 454 14.97 -1.77 -13.31
C VAL A 454 15.57 -0.55 -14.00
N GLN A 455 14.78 0.50 -14.11
CA GLN A 455 15.28 1.66 -14.80
C GLN A 455 16.48 2.26 -14.12
N LEU A 456 16.45 2.35 -12.81
CA LEU A 456 17.56 2.97 -12.09
C LEU A 456 18.81 2.12 -12.22
N ALA A 457 18.62 0.82 -12.20
CA ALA A 457 19.72 -0.06 -12.47
C ALA A 457 20.26 0.14 -13.85
N LEU A 458 19.39 0.05 -14.86
CA LEU A 458 19.84 0.26 -16.23
C LEU A 458 20.54 1.63 -16.42
N ASP A 459 20.15 2.64 -15.68
CA ASP A 459 20.78 3.93 -15.83
C ASP A 459 22.18 3.84 -15.32
N ALA A 460 22.32 3.35 -14.10
CA ALA A 460 23.64 3.12 -13.50
C ALA A 460 24.54 2.26 -14.39
N LEU A 461 24.02 1.19 -14.96
CA LEU A 461 24.89 0.35 -15.82
C LEU A 461 25.28 1.04 -17.13
N LYS A 462 24.41 1.91 -17.61
CA LYS A 462 24.77 2.73 -18.75
C LYS A 462 25.98 3.61 -18.44
N LYS A 463 26.11 4.07 -17.20
CA LYS A 463 27.23 4.93 -16.86
C LYS A 463 28.50 4.13 -16.90
N ILE A 464 28.42 2.86 -16.54
CA ILE A 464 29.56 1.98 -16.49
C ILE A 464 29.86 1.42 -17.86
N TYR A 465 28.82 1.07 -18.60
CA TYR A 465 28.96 0.59 -19.96
C TYR A 465 28.19 1.50 -20.93
N PRO A 466 28.75 2.66 -21.25
CA PRO A 466 27.98 3.58 -22.08
C PRO A 466 27.67 3.03 -23.49
N LYS A 467 28.42 2.03 -23.92
CA LYS A 467 28.27 1.46 -25.26
C LYS A 467 27.49 0.17 -25.35
N THR A 468 27.09 -0.39 -24.22
CA THR A 468 26.27 -1.59 -24.26
C THR A 468 24.76 -1.30 -24.19
N ASP A 469 24.03 -1.94 -25.09
CA ASP A 469 22.60 -1.75 -25.15
C ASP A 469 21.95 -2.98 -24.52
N ILE A 470 21.76 -2.92 -23.21
CA ILE A 470 21.29 -4.07 -22.47
C ILE A 470 19.83 -4.16 -22.77
N ALA A 471 19.17 -3.00 -22.80
CA ALA A 471 17.73 -2.90 -22.86
C ALA A 471 17.20 -3.57 -24.11
N GLY A 472 17.95 -3.41 -25.19
CA GLY A 472 17.58 -4.02 -26.44
C GLY A 472 17.70 -5.51 -26.50
N HIS A 473 18.19 -6.14 -25.44
CA HIS A 473 18.21 -7.61 -25.37
C HIS A 473 17.14 -8.22 -24.46
N ILE A 474 16.46 -7.34 -23.71
CA ILE A 474 15.58 -7.76 -22.65
C ILE A 474 14.26 -8.29 -23.20
N ILE A 475 13.97 -9.52 -22.81
CA ILE A 475 12.68 -10.12 -23.03
C ILE A 475 12.06 -10.54 -21.68
N GLY A 476 10.73 -10.66 -21.69
CA GLY A 476 10.00 -11.12 -20.54
C GLY A 476 9.73 -10.00 -19.59
N ASP A 477 9.33 -10.40 -18.40
CA ASP A 477 8.92 -9.49 -17.33
C ASP A 477 10.05 -9.29 -16.35
N PRO A 478 10.12 -8.14 -15.71
CA PRO A 478 11.19 -7.95 -14.73
C PRO A 478 10.79 -8.60 -13.44
N ILE A 479 11.73 -9.07 -12.63
CA ILE A 479 11.37 -9.73 -11.35
C ILE A 479 12.25 -9.23 -10.26
N THR A 480 11.63 -8.89 -9.15
CA THR A 480 12.29 -8.26 -8.04
C THR A 480 11.70 -8.77 -6.76
N ILE A 481 12.44 -8.59 -5.68
CA ILE A 481 11.96 -9.00 -4.38
C ILE A 481 12.50 -8.13 -3.31
N SER A 482 11.64 -7.83 -2.34
CA SER A 482 12.07 -7.22 -1.10
C SER A 482 11.49 -8.02 0.04
N TRP A 483 12.37 -8.58 0.85
CA TRP A 483 11.93 -9.61 1.79
C TRP A 483 11.15 -9.07 2.98
N GLU A 484 11.69 -8.05 3.64
CA GLU A 484 10.96 -7.38 4.73
C GLU A 484 9.53 -6.94 4.40
N ALA A 485 9.34 -6.52 3.15
CA ALA A 485 8.03 -6.12 2.65
C ALA A 485 6.99 -7.22 2.76
N ASP A 486 7.42 -8.48 2.89
CA ASP A 486 6.49 -9.58 3.10
C ASP A 486 6.09 -9.57 4.58
N PRO A 487 4.82 -9.88 4.87
CA PRO A 487 4.40 -9.85 6.27
C PRO A 487 4.80 -11.09 7.11
N HIS A 488 5.29 -12.15 6.44
CA HIS A 488 5.80 -13.35 7.11
C HIS A 488 7.36 -13.39 7.19
N PHE A 489 7.99 -12.27 6.87
CA PHE A 489 9.42 -12.16 6.95
C PHE A 489 9.80 -10.76 7.37
N LEU A 490 10.93 -10.70 8.06
CA LEU A 490 11.37 -9.48 8.70
C LEU A 490 12.60 -8.97 7.95
N GLY A 491 13.21 -9.82 7.17
CA GLY A 491 14.41 -9.46 6.49
C GLY A 491 14.80 -10.71 5.78
N ALA A 492 15.92 -10.63 5.07
CA ALA A 492 16.39 -11.71 4.23
C ALA A 492 16.93 -12.82 5.10
N PHE A 493 17.63 -12.42 6.16
CA PHE A 493 18.17 -13.32 7.16
C PHE A 493 18.64 -12.47 8.33
N LYS A 494 18.90 -13.13 9.46
CA LYS A 494 19.48 -12.42 10.59
C LYS A 494 20.93 -12.04 10.36
N GLY A 495 21.32 -10.97 11.03
CA GLY A 495 22.75 -10.67 11.23
C GLY A 495 23.06 -10.68 12.72
N ALA A 496 24.17 -11.27 13.09
CA ALA A 496 24.49 -11.36 14.54
C ALA A 496 25.13 -10.04 14.97
N LEU A 497 24.52 -9.41 15.96
CA LEU A 497 25.11 -8.22 16.58
C LEU A 497 26.24 -8.60 17.52
N PRO A 498 27.17 -7.68 17.79
CA PRO A 498 28.14 -7.95 18.85
C PRO A 498 27.47 -8.17 20.18
N GLY A 499 28.00 -9.10 20.93
CA GLY A 499 27.43 -9.42 22.25
C GLY A 499 26.32 -10.43 22.17
N HIS A 500 25.98 -10.89 20.99
CA HIS A 500 24.87 -11.77 20.88
C HIS A 500 25.23 -13.25 21.02
N TYR A 501 26.51 -13.58 21.24
CA TYR A 501 26.91 -14.98 21.29
C TYR A 501 26.07 -15.77 22.28
N ARG A 502 25.87 -15.21 23.47
CA ARG A 502 25.12 -15.90 24.49
C ARG A 502 23.70 -16.19 24.04
N TYR A 503 23.04 -15.24 23.33
CA TYR A 503 21.64 -15.47 22.88
C TYR A 503 21.56 -16.63 21.91
N ASN A 504 22.51 -16.65 21.01
CA ASN A 504 22.56 -17.67 19.96
C ASN A 504 22.87 -19.04 20.59
N GLN A 505 23.74 -19.04 21.59
CA GLN A 505 24.12 -20.21 22.29
C GLN A 505 22.88 -20.77 22.97
N ARG A 506 22.10 -19.91 23.70
CA ARG A 506 20.85 -20.40 24.37
C ARG A 506 19.90 -21.01 23.33
N MET A 507 19.71 -20.31 22.22
CA MET A 507 18.84 -20.79 21.16
C MET A 507 19.33 -22.10 20.46
N TYR A 508 20.62 -22.21 20.15
CA TYR A 508 21.17 -23.36 19.45
C TYR A 508 21.06 -24.58 20.33
N ALA A 509 21.12 -24.41 21.66
CA ALA A 509 21.02 -25.51 22.60
C ALA A 509 19.61 -25.75 23.08
N HIS A 510 18.63 -24.99 22.62
CA HIS A 510 17.25 -25.16 23.12
C HIS A 510 16.68 -26.55 22.86
N PHE A 511 17.24 -27.20 21.84
CA PHE A 511 16.81 -28.57 21.54
C PHE A 511 17.21 -29.58 22.62
N MET A 512 18.19 -29.22 23.45
CA MET A 512 18.68 -30.07 24.56
C MET A 512 17.91 -29.69 25.83
N GLN A 513 16.95 -30.53 26.17
CA GLN A 513 15.85 -30.22 27.07
C GLN A 513 15.85 -31.01 28.37
N ALA A 514 16.89 -31.77 28.61
CA ALA A 514 16.95 -32.60 29.82
C ALA A 514 16.90 -31.75 31.11
N GLN A 515 17.41 -30.52 31.07
CA GLN A 515 17.37 -29.62 32.24
C GLN A 515 16.16 -28.67 32.32
N MET A 516 15.24 -28.76 31.37
CA MET A 516 14.20 -27.79 31.26
C MET A 516 13.06 -28.20 32.13
N PRO A 517 12.34 -27.20 32.67
CA PRO A 517 11.05 -27.37 33.25
C PRO A 517 10.08 -28.04 32.28
N VAL A 518 9.28 -28.97 32.79
CA VAL A 518 8.29 -29.69 32.02
C VAL A 518 7.47 -28.79 31.06
N GLU A 519 7.07 -27.62 31.55
CA GLU A 519 6.19 -26.71 30.77
C GLU A 519 6.92 -26.09 29.58
N GLN A 520 8.26 -26.17 29.59
CA GLN A 520 9.08 -25.65 28.49
C GLN A 520 9.46 -26.71 27.49
N ARG A 521 9.06 -27.96 27.71
CA ARG A 521 9.51 -29.02 26.84
C ARG A 521 8.52 -29.47 25.78
N GLY A 522 9.10 -29.86 24.66
CA GLY A 522 8.28 -30.44 23.59
C GLY A 522 8.04 -29.43 22.50
N ILE A 523 8.37 -28.18 22.79
CA ILE A 523 8.52 -27.22 21.73
C ILE A 523 9.96 -27.11 21.36
N PHE A 524 10.22 -26.96 20.07
CA PHE A 524 11.57 -26.83 19.53
C PHE A 524 11.58 -25.70 18.48
N ILE A 525 12.78 -25.19 18.22
CA ILE A 525 13.00 -24.19 17.22
C ILE A 525 14.12 -24.68 16.35
N ALA A 526 14.12 -24.21 15.09
CA ALA A 526 15.17 -24.47 14.19
C ALA A 526 15.08 -23.42 13.11
N GLY A 527 16.19 -23.15 12.44
CA GLY A 527 16.22 -22.33 11.28
C GLY A 527 17.41 -21.44 11.15
N ASP A 528 17.32 -20.62 10.09
CA ASP A 528 18.24 -19.53 9.80
C ASP A 528 18.60 -18.75 11.08
N ASP A 529 17.57 -18.33 11.82
CA ASP A 529 17.74 -17.60 13.08
C ASP A 529 18.47 -18.38 14.15
N VAL A 530 18.31 -19.71 14.11
CA VAL A 530 18.87 -20.55 15.14
C VAL A 530 20.32 -20.82 14.84
N SER A 531 20.70 -20.65 13.57
CA SER A 531 22.01 -21.15 13.13
C SER A 531 23.10 -20.15 13.50
N TRP A 532 24.36 -20.59 13.49
CA TRP A 532 25.54 -19.75 13.70
C TRP A 532 26.04 -19.11 12.43
N THR A 533 25.52 -19.54 11.30
CA THR A 533 25.93 -18.95 10.02
C THR A 533 24.68 -18.47 9.29
N PRO A 534 24.12 -17.40 9.77
CA PRO A 534 22.74 -17.12 9.34
C PRO A 534 22.42 -16.85 7.85
N ALA A 535 23.34 -16.44 7.00
CA ALA A 535 22.88 -16.26 5.58
C ALA A 535 23.15 -17.50 4.71
N TRP A 536 23.16 -18.67 5.33
CA TRP A 536 23.70 -19.82 4.62
C TRP A 536 22.89 -21.05 4.94
N VAL A 537 22.27 -21.59 3.91
CA VAL A 537 21.29 -22.60 4.05
C VAL A 537 21.65 -23.76 4.96
N GLU A 538 22.92 -24.19 4.94
CA GLU A 538 23.44 -25.28 5.81
C GLU A 538 23.11 -25.09 7.27
N GLY A 539 23.13 -23.85 7.75
CA GLY A 539 22.84 -23.58 9.15
C GLY A 539 21.39 -23.89 9.50
N ALA A 540 20.50 -23.62 8.55
CA ALA A 540 19.11 -24.00 8.63
C ALA A 540 18.93 -25.53 8.63
N VAL A 541 19.67 -26.23 7.79
CA VAL A 541 19.57 -27.67 7.72
C VAL A 541 20.16 -28.27 8.98
N GLN A 542 21.29 -27.75 9.38
CA GLN A 542 21.92 -28.28 10.56
C GLN A 542 21.06 -28.13 11.79
N THR A 543 20.50 -26.95 12.03
CA THR A 543 19.68 -26.73 13.23
C THR A 543 18.41 -27.62 13.13
N SER A 544 17.89 -27.79 11.92
CA SER A 544 16.73 -28.67 11.71
C SER A 544 17.06 -30.05 12.20
N LEU A 545 18.27 -30.52 11.90
CA LEU A 545 18.66 -31.89 12.27
C LEU A 545 18.89 -32.04 13.73
N ASN A 546 19.46 -31.05 14.37
CA ASN A 546 19.48 -31.07 15.83
C ASN A 546 18.08 -31.24 16.47
N ALA A 547 17.09 -30.55 15.91
CA ALA A 547 15.77 -30.61 16.46
C ALA A 547 15.10 -31.95 16.11
N VAL A 548 15.41 -32.51 14.97
CA VAL A 548 14.96 -33.88 14.69
C VAL A 548 15.40 -34.75 15.86
N TRP A 549 16.67 -34.68 16.27
CA TRP A 549 17.19 -35.42 17.44
C TRP A 549 16.45 -35.12 18.72
N GLY A 550 16.19 -33.84 18.96
CA GLY A 550 15.44 -33.37 20.16
C GLY A 550 14.04 -33.94 20.14
N ILE A 551 13.39 -33.96 18.96
CA ILE A 551 12.04 -34.46 18.88
C ILE A 551 11.95 -36.02 19.03
N MET A 552 12.93 -36.69 18.42
CA MET A 552 13.10 -38.12 18.60
C MET A 552 13.38 -38.43 20.03
N ASN A 553 14.31 -37.74 20.63
CA ASN A 553 14.50 -37.90 22.06
C ASN A 553 13.21 -37.69 22.88
N HIS A 554 12.42 -36.70 22.52
CA HIS A 554 11.23 -36.36 23.23
C HIS A 554 10.16 -37.47 23.20
N PHE A 555 10.04 -38.14 22.07
CA PHE A 555 9.11 -39.23 21.90
C PHE A 555 9.76 -40.49 22.49
N GLY A 556 10.83 -40.38 23.30
CA GLY A 556 11.49 -41.55 23.94
C GLY A 556 12.33 -42.41 23.00
N GLY A 557 12.78 -41.83 21.91
CA GLY A 557 13.53 -42.58 20.93
C GLY A 557 14.99 -42.46 21.14
N LYS A 558 15.78 -43.13 20.30
CA LYS A 558 17.19 -42.88 20.35
C LYS A 558 17.90 -43.26 19.10
N THR A 559 19.16 -42.81 19.01
CA THR A 559 19.95 -43.07 17.86
C THR A 559 20.55 -44.43 17.97
N HIS A 560 20.77 -45.04 16.83
CA HIS A 560 21.45 -46.34 16.72
C HIS A 560 22.85 -46.18 17.32
N ALA A 561 23.22 -47.18 18.09
CA ALA A 561 24.54 -47.21 18.73
C ALA A 561 25.70 -46.93 17.77
N ASP A 562 25.66 -47.36 16.50
CA ASP A 562 26.84 -47.03 15.63
C ASP A 562 26.73 -45.70 14.85
N ASN A 563 25.59 -45.01 14.99
CA ASN A 563 25.39 -43.70 14.36
C ASN A 563 24.82 -42.61 15.31
N PRO A 564 25.60 -42.22 16.31
CA PRO A 564 25.20 -41.25 17.32
C PRO A 564 24.89 -39.89 16.68
N GLY A 565 23.90 -39.21 17.23
CA GLY A 565 23.39 -37.98 16.65
C GLY A 565 23.70 -36.76 17.50
N PRO A 566 23.17 -35.60 17.11
CA PRO A 566 23.63 -34.38 17.74
C PRO A 566 23.61 -34.38 19.24
N GLY A 567 22.48 -34.74 19.82
CA GLY A 567 22.27 -34.67 21.27
C GLY A 567 23.06 -35.69 22.07
N ASP A 568 23.64 -36.67 21.37
CA ASP A 568 24.47 -37.69 22.01
C ASP A 568 25.88 -37.18 22.34
N VAL A 569 26.36 -36.19 21.62
CA VAL A 569 27.70 -35.70 21.77
C VAL A 569 27.71 -34.21 22.12
N PHE A 570 26.52 -33.59 22.22
CA PHE A 570 26.37 -32.12 22.27
C PHE A 570 27.01 -31.60 23.53
N ASP A 571 26.77 -32.28 24.64
CA ASP A 571 27.33 -31.88 25.88
C ASP A 571 28.85 -31.95 25.82
N GLU A 572 29.41 -32.88 25.05
CA GLU A 572 30.86 -32.89 24.95
C GLU A 572 31.46 -31.83 24.03
N ILE A 573 31.01 -31.73 22.77
CA ILE A 573 31.60 -30.84 21.76
C ILE A 573 30.72 -29.63 21.33
N GLY A 574 29.55 -29.49 21.93
CA GLY A 574 28.69 -28.37 21.69
C GLY A 574 29.24 -26.99 21.91
N GLN A 575 28.51 -26.03 21.39
CA GLN A 575 28.93 -24.67 21.53
C GLN A 575 29.24 -24.31 23.00
N ILE A 576 30.41 -23.76 23.23
CA ILE A 576 30.80 -23.32 24.56
C ILE A 576 29.81 -22.30 25.19
N ALA A 577 29.58 -22.36 26.48
CA ALA A 577 28.74 -21.38 27.18
C ALA A 577 29.58 -20.36 27.95
N LEU A 578 29.25 -19.07 27.88
CA LEU A 578 30.06 -18.04 28.50
C LEU A 578 29.53 -17.66 29.83
N ALA A 579 30.41 -17.36 30.76
CA ALA A 579 29.98 -16.97 32.09
C ALA A 579 29.41 -15.57 32.05
N ASP A 580 28.58 -15.28 33.01
CA ASP A 580 28.04 -13.96 33.17
C ASP A 580 29.12 -12.92 33.52
N LYS B 32 -31.15 -31.91 -32.27
CA LYS B 32 -31.31 -30.44 -32.51
C LYS B 32 -29.99 -29.71 -32.77
N LYS B 33 -30.02 -28.69 -33.64
CA LYS B 33 -28.83 -27.88 -33.93
C LYS B 33 -28.45 -26.98 -32.71
N PRO B 34 -27.14 -26.91 -32.38
CA PRO B 34 -26.76 -26.20 -31.14
C PRO B 34 -26.85 -24.67 -31.20
N ILE B 35 -27.17 -24.06 -30.05
CA ILE B 35 -26.95 -22.65 -29.83
C ILE B 35 -25.44 -22.38 -29.74
N THR B 36 -25.04 -21.26 -30.34
CA THR B 36 -23.65 -20.83 -30.31
C THR B 36 -23.57 -19.31 -30.25
N ILE B 37 -22.41 -18.78 -29.83
CA ILE B 37 -22.24 -17.30 -29.82
C ILE B 37 -22.08 -16.79 -31.26
N PHE B 38 -23.23 -16.73 -31.96
CA PHE B 38 -23.33 -16.47 -33.44
C PHE B 38 -24.11 -15.18 -33.58
N GLY B 39 -23.37 -14.11 -33.69
CA GLY B 39 -23.94 -12.78 -33.58
C GLY B 39 -24.42 -12.60 -32.15
N PRO B 40 -25.58 -11.99 -31.96
CA PRO B 40 -26.45 -11.54 -33.05
C PRO B 40 -25.92 -10.34 -33.89
N ASP B 41 -25.03 -9.52 -33.33
CA ASP B 41 -24.57 -8.29 -34.00
C ASP B 41 -23.77 -8.58 -35.24
N PHE B 42 -22.81 -9.48 -35.12
CA PHE B 42 -22.02 -9.89 -36.26
C PHE B 42 -21.98 -11.41 -36.38
N PRO B 43 -23.01 -11.99 -37.01
CA PRO B 43 -23.20 -13.44 -37.10
C PRO B 43 -22.32 -14.10 -38.17
N PHE B 44 -21.01 -14.01 -37.95
CA PHE B 44 -20.05 -14.64 -38.80
C PHE B 44 -19.68 -15.96 -38.14
N ALA B 45 -19.59 -17.01 -38.97
CA ALA B 45 -19.16 -18.36 -38.53
C ALA B 45 -17.64 -18.40 -38.28
N PHE B 46 -17.17 -17.81 -37.17
CA PHE B 46 -15.76 -17.90 -36.80
C PHE B 46 -15.27 -19.34 -36.70
N ASP B 47 -16.06 -20.24 -36.12
CA ASP B 47 -15.71 -21.66 -36.08
C ASP B 47 -15.48 -22.26 -37.49
N ASP B 48 -16.44 -22.13 -38.42
CA ASP B 48 -16.24 -22.60 -39.79
C ASP B 48 -14.95 -21.97 -40.40
N TRP B 49 -14.72 -20.65 -40.19
CA TRP B 49 -13.51 -20.03 -40.76
C TRP B 49 -12.22 -20.66 -40.28
N LEU B 50 -12.15 -20.87 -38.96
CA LEU B 50 -10.99 -21.50 -38.38
C LEU B 50 -10.83 -22.98 -38.79
N GLU B 51 -11.94 -23.64 -39.00
CA GLU B 51 -11.89 -25.07 -39.22
C GLU B 51 -11.65 -25.44 -40.66
N HIS B 52 -11.89 -24.48 -41.55
CA HIS B 52 -11.84 -24.72 -42.97
C HIS B 52 -10.40 -25.04 -43.35
N PRO B 53 -10.19 -26.08 -44.18
CA PRO B 53 -8.82 -26.55 -44.49
C PRO B 53 -8.02 -25.64 -45.37
N ALA B 54 -8.63 -24.70 -46.07
CA ALA B 54 -7.85 -23.72 -46.85
C ALA B 54 -6.98 -22.77 -46.03
N GLY B 55 -7.30 -22.62 -44.74
CA GLY B 55 -6.59 -21.69 -43.87
C GLY B 55 -7.20 -20.31 -44.00
N LEU B 56 -6.73 -19.35 -43.21
CA LEU B 56 -7.47 -18.05 -43.13
C LEU B 56 -7.10 -17.13 -44.28
N GLY B 57 -6.21 -17.54 -45.19
CA GLY B 57 -5.87 -16.64 -46.28
C GLY B 57 -4.42 -16.62 -46.55
N SER B 58 -3.96 -15.57 -47.20
CA SER B 58 -2.52 -15.45 -47.41
C SER B 58 -2.10 -14.01 -47.52
N ILE B 59 -0.83 -13.82 -47.33
CA ILE B 59 -0.17 -12.53 -47.44
C ILE B 59 0.90 -12.77 -48.51
N PRO B 60 1.17 -11.76 -49.29
CA PRO B 60 2.20 -11.85 -50.27
C PRO B 60 3.58 -12.23 -49.71
N ALA B 61 4.27 -13.09 -50.47
CA ALA B 61 5.50 -13.71 -50.05
C ALA B 61 6.58 -12.70 -49.66
N ALA B 62 6.58 -11.55 -50.31
CA ALA B 62 7.55 -10.52 -50.03
C ALA B 62 7.39 -9.99 -48.59
N ARG B 63 6.27 -10.23 -47.93
CA ARG B 63 6.02 -9.71 -46.59
C ARG B 63 6.32 -10.72 -45.49
N HIS B 64 6.61 -11.95 -45.89
CA HIS B 64 6.82 -13.02 -44.94
C HIS B 64 8.00 -12.69 -44.11
N GLY B 65 7.95 -13.02 -42.81
CA GLY B 65 9.05 -12.71 -41.87
C GLY B 65 9.01 -11.31 -41.27
N GLU B 66 8.08 -10.49 -41.75
CA GLU B 66 7.98 -9.10 -41.34
C GLU B 66 7.12 -9.05 -40.08
N GLU B 67 7.48 -8.12 -39.20
CA GLU B 67 7.02 -8.10 -37.84
C GLU B 67 5.73 -7.36 -37.78
N VAL B 68 4.86 -7.77 -36.86
CA VAL B 68 3.71 -7.00 -36.43
C VAL B 68 3.68 -6.98 -34.88
N ALA B 69 3.37 -5.84 -34.25
CA ALA B 69 3.43 -5.73 -32.80
C ALA B 69 2.11 -6.06 -32.22
N ILE B 70 2.12 -6.71 -31.06
CA ILE B 70 0.89 -7.07 -30.36
C ILE B 70 0.98 -6.71 -28.90
N VAL B 71 0.10 -5.91 -28.43
CA VAL B 71 0.22 -5.44 -27.07
C VAL B 71 -0.74 -6.26 -26.24
N GLY B 72 -0.21 -7.15 -25.43
CA GLY B 72 -0.96 -8.00 -24.51
C GLY B 72 -0.76 -9.47 -24.87
N ALA B 73 -0.35 -10.28 -23.90
CA ALA B 73 -0.25 -11.72 -24.10
C ALA B 73 -1.40 -12.45 -23.38
N GLY B 74 -2.58 -11.84 -23.41
CA GLY B 74 -3.85 -12.48 -23.09
C GLY B 74 -4.31 -13.25 -24.33
N ILE B 75 -5.48 -13.89 -24.19
CA ILE B 75 -6.03 -14.78 -25.23
C ILE B 75 -6.21 -14.05 -26.55
N ALA B 76 -6.72 -12.81 -26.49
CA ALA B 76 -6.88 -11.99 -27.69
C ALA B 76 -5.57 -11.69 -28.41
N GLY B 77 -4.51 -11.50 -27.66
CA GLY B 77 -3.21 -11.23 -28.29
C GLY B 77 -2.56 -12.48 -28.82
N LEU B 78 -2.65 -13.55 -28.03
CA LEU B 78 -1.99 -14.80 -28.39
C LEU B 78 -2.64 -15.48 -29.56
N VAL B 79 -3.96 -15.34 -29.64
CA VAL B 79 -4.70 -15.84 -30.79
C VAL B 79 -4.28 -15.18 -32.06
N ALA B 80 -4.22 -13.85 -32.01
CA ALA B 80 -3.92 -13.14 -33.18
C ALA B 80 -2.45 -13.39 -33.55
N ALA B 81 -1.60 -13.50 -32.54
CA ALA B 81 -0.22 -13.63 -32.83
C ALA B 81 -0.07 -15.01 -33.57
N TYR B 82 -0.76 -16.03 -33.10
CA TYR B 82 -0.56 -17.41 -33.57
C TYR B 82 -1.05 -17.54 -35.00
N GLU B 83 -2.25 -17.05 -35.30
CA GLU B 83 -2.72 -17.13 -36.67
C GLU B 83 -1.89 -16.27 -37.60
N LEU B 84 -1.36 -15.12 -37.15
CA LEU B 84 -0.63 -14.27 -38.07
C LEU B 84 0.71 -14.87 -38.27
N MET B 85 1.24 -15.50 -37.26
CA MET B 85 2.45 -16.28 -37.47
C MET B 85 2.20 -17.36 -38.53
N LYS B 86 1.04 -18.01 -38.49
CA LYS B 86 0.72 -18.98 -39.52
C LYS B 86 0.59 -18.42 -40.93
N LEU B 87 0.18 -17.13 -41.06
CA LEU B 87 0.09 -16.46 -42.35
C LEU B 87 1.43 -15.99 -42.87
N GLY B 88 2.49 -16.24 -42.10
CA GLY B 88 3.87 -16.02 -42.54
C GLY B 88 4.57 -14.83 -41.91
N LEU B 89 3.85 -14.12 -41.03
CA LEU B 89 4.38 -12.97 -40.31
C LEU B 89 5.08 -13.40 -39.04
N LYS B 90 5.93 -12.52 -38.54
CA LYS B 90 6.60 -12.64 -37.23
C LYS B 90 5.93 -11.72 -36.20
N PRO B 91 4.92 -12.21 -35.47
CA PRO B 91 4.41 -11.33 -34.44
C PRO B 91 5.40 -11.14 -33.30
N VAL B 92 5.38 -9.91 -32.75
CA VAL B 92 6.14 -9.58 -31.56
C VAL B 92 5.19 -9.15 -30.49
N VAL B 93 5.06 -9.98 -29.45
CA VAL B 93 4.06 -9.84 -28.39
C VAL B 93 4.74 -9.15 -27.21
N TYR B 94 4.07 -8.15 -26.67
CA TYR B 94 4.62 -7.40 -25.57
C TYR B 94 3.67 -7.69 -24.45
N GLU B 95 4.20 -7.93 -23.23
CA GLU B 95 3.31 -8.15 -22.06
C GLU B 95 3.94 -7.49 -20.88
N ALA B 96 3.19 -6.61 -20.26
CA ALA B 96 3.68 -5.76 -19.23
C ALA B 96 3.56 -6.41 -17.85
N SER B 97 2.77 -7.47 -17.73
CA SER B 97 2.52 -8.09 -16.44
C SER B 97 2.69 -9.64 -16.59
N LYS B 98 1.63 -10.41 -16.44
CA LYS B 98 1.71 -11.84 -16.54
C LYS B 98 1.08 -12.33 -17.82
N MET B 99 1.71 -13.36 -18.35
CA MET B 99 1.15 -14.04 -19.45
C MET B 99 -0.22 -14.62 -19.16
N GLY B 100 -1.07 -14.59 -20.18
CA GLY B 100 -2.40 -15.15 -20.11
C GLY B 100 -3.45 -14.15 -19.67
N GLY B 101 -3.02 -12.99 -19.18
CA GLY B 101 -3.97 -11.97 -18.81
C GLY B 101 -5.03 -12.48 -17.83
N ARG B 102 -6.29 -12.29 -18.23
CA ARG B 102 -7.39 -12.62 -17.39
C ARG B 102 -7.82 -14.08 -17.52
N LEU B 103 -6.92 -14.91 -18.03
CA LEU B 103 -7.09 -16.35 -17.90
C LEU B 103 -5.92 -16.82 -17.07
N ARG B 104 -6.21 -17.25 -15.89
CA ARG B 104 -5.17 -17.28 -14.85
C ARG B 104 -5.47 -18.29 -13.79
N SER B 105 -4.55 -19.22 -13.61
CA SER B 105 -4.84 -20.42 -12.88
C SER B 105 -3.71 -20.62 -11.89
N GLN B 106 -3.95 -20.33 -10.64
CA GLN B 106 -2.89 -20.41 -9.67
C GLN B 106 -2.92 -21.68 -8.87
N ALA B 107 -1.77 -22.37 -8.91
CA ALA B 107 -1.52 -23.57 -8.13
C ALA B 107 -1.51 -23.31 -6.61
N PHE B 108 -2.09 -24.22 -5.87
CA PHE B 108 -2.05 -24.18 -4.44
C PHE B 108 -0.70 -24.69 -3.94
N ASN B 109 -0.27 -24.17 -2.78
CA ASN B 109 0.98 -24.63 -2.12
C ASN B 109 1.14 -26.13 -2.23
N GLY B 110 2.17 -26.59 -2.93
CA GLY B 110 2.66 -27.93 -2.74
C GLY B 110 1.96 -29.03 -3.49
N THR B 111 0.89 -28.67 -4.18
CA THR B 111 0.09 -29.61 -4.98
C THR B 111 0.55 -29.59 -6.45
N ASP B 112 0.19 -30.63 -7.19
CA ASP B 112 0.36 -30.63 -8.64
C ASP B 112 -0.99 -30.67 -9.25
N GLY B 113 -1.28 -29.72 -10.12
CA GLY B 113 -2.57 -29.64 -10.80
C GLY B 113 -3.82 -29.28 -10.01
N ILE B 114 -3.69 -28.78 -8.80
CA ILE B 114 -4.85 -28.31 -8.14
C ILE B 114 -4.75 -26.77 -8.17
N ILE B 115 -5.68 -26.14 -8.87
CA ILE B 115 -5.63 -24.74 -9.12
C ILE B 115 -6.90 -24.03 -8.67
N ALA B 116 -6.75 -22.73 -8.48
CA ALA B 116 -7.87 -21.81 -8.33
C ALA B 116 -7.93 -20.96 -9.61
N GLU B 117 -9.09 -20.94 -10.28
CA GLU B 117 -9.27 -20.02 -11.47
C GLU B 117 -9.47 -18.54 -11.07
N LEU B 118 -8.53 -17.66 -11.41
CA LEU B 118 -8.65 -16.25 -10.93
C LEU B 118 -9.33 -15.30 -11.91
N GLY B 119 -9.27 -15.56 -13.19
CA GLY B 119 -10.09 -14.84 -14.15
C GLY B 119 -11.20 -15.75 -14.68
N GLY B 120 -11.34 -15.87 -15.99
CA GLY B 120 -12.37 -16.75 -16.57
C GLY B 120 -12.29 -18.15 -15.98
N MET B 121 -13.44 -18.71 -15.57
CA MET B 121 -13.50 -20.09 -15.05
C MET B 121 -14.52 -20.99 -15.74
N ARG B 122 -15.59 -20.46 -16.33
CA ARG B 122 -16.67 -21.32 -16.80
C ARG B 122 -17.03 -20.94 -18.19
N PHE B 123 -16.88 -21.88 -19.11
CA PHE B 123 -16.95 -21.56 -20.50
C PHE B 123 -18.08 -22.30 -21.19
N PRO B 124 -19.13 -21.56 -21.55
CA PRO B 124 -20.25 -22.17 -22.26
C PRO B 124 -19.77 -22.84 -23.55
N VAL B 125 -20.31 -24.03 -23.80
CA VAL B 125 -20.04 -24.76 -25.02
C VAL B 125 -20.44 -23.98 -26.29
N SER B 126 -21.36 -23.03 -26.15
CA SER B 126 -21.64 -22.08 -27.23
C SER B 126 -20.40 -21.21 -27.67
N SER B 127 -19.28 -21.32 -26.98
CA SER B 127 -18.08 -20.56 -27.29
C SER B 127 -17.22 -21.31 -28.30
N THR B 128 -17.71 -21.44 -29.52
CA THR B 128 -17.05 -22.37 -30.40
C THR B 128 -15.60 -21.96 -30.81
N ALA B 129 -15.32 -20.66 -30.97
CA ALA B 129 -14.00 -20.25 -31.44
C ALA B 129 -13.03 -20.43 -30.30
N PHE B 130 -13.40 -20.00 -29.08
CA PHE B 130 -12.61 -20.43 -27.91
C PHE B 130 -12.32 -21.95 -27.92
N TYR B 131 -13.35 -22.76 -28.12
CA TYR B 131 -13.18 -24.22 -28.04
C TYR B 131 -12.31 -24.75 -29.17
N HIS B 132 -12.25 -24.08 -30.30
CA HIS B 132 -11.28 -24.49 -31.34
C HIS B 132 -9.85 -24.58 -30.77
N TYR B 133 -9.49 -23.62 -29.89
CA TYR B 133 -8.16 -23.50 -29.33
C TYR B 133 -7.98 -24.51 -28.17
N VAL B 134 -9.02 -24.71 -27.40
CA VAL B 134 -8.94 -25.72 -26.37
C VAL B 134 -8.69 -27.11 -26.97
N ASP B 135 -9.42 -27.43 -28.04
CA ASP B 135 -9.27 -28.73 -28.72
C ASP B 135 -7.98 -28.91 -29.49
N LYS B 136 -7.53 -27.86 -30.16
CA LYS B 136 -6.31 -27.92 -30.88
C LYS B 136 -5.18 -28.31 -29.94
N LEU B 137 -5.24 -27.83 -28.72
CA LEU B 137 -4.22 -28.19 -27.71
C LEU B 137 -4.46 -29.52 -27.04
N GLY B 138 -5.61 -30.13 -27.28
CA GLY B 138 -5.94 -31.39 -26.63
C GLY B 138 -6.22 -31.31 -25.13
N LEU B 139 -6.72 -30.17 -24.64
CA LEU B 139 -7.01 -30.06 -23.22
C LEU B 139 -8.30 -30.78 -22.89
N GLU B 140 -8.41 -31.14 -21.63
CA GLU B 140 -9.57 -31.82 -21.14
C GLU B 140 -10.47 -30.78 -20.50
N THR B 141 -11.78 -30.93 -20.64
CA THR B 141 -12.73 -30.10 -19.92
C THR B 141 -13.68 -30.98 -19.09
N LYS B 142 -14.30 -30.39 -18.09
CA LYS B 142 -15.38 -31.06 -17.40
C LYS B 142 -16.43 -30.07 -16.95
N PRO B 143 -17.67 -30.56 -16.74
CA PRO B 143 -18.77 -29.62 -16.63
C PRO B 143 -18.60 -28.83 -15.39
N PHE B 144 -18.84 -27.53 -15.47
CA PHE B 144 -18.62 -26.67 -14.31
C PHE B 144 -19.72 -26.93 -13.33
N PRO B 145 -19.46 -26.83 -12.00
CA PRO B 145 -20.49 -27.16 -10.99
C PRO B 145 -21.51 -26.06 -10.65
N ASN B 146 -22.29 -25.67 -11.64
CA ASN B 146 -23.31 -24.65 -11.50
C ASN B 146 -24.53 -25.21 -10.76
N PRO B 147 -25.25 -24.36 -10.03
CA PRO B 147 -26.41 -24.82 -9.31
C PRO B 147 -27.50 -25.48 -10.20
N LEU B 148 -28.08 -26.56 -9.70
CA LEU B 148 -29.22 -27.18 -10.29
C LEU B 148 -28.85 -27.70 -11.66
N THR B 149 -27.64 -28.23 -11.77
CA THR B 149 -27.21 -28.96 -12.95
C THR B 149 -26.81 -30.33 -12.51
N PRO B 150 -26.70 -31.27 -13.45
CA PRO B 150 -26.03 -32.54 -13.13
C PRO B 150 -24.65 -32.39 -12.44
N ALA B 151 -23.84 -31.39 -12.83
CA ALA B 151 -22.51 -31.29 -12.22
C ALA B 151 -22.56 -30.96 -10.71
N SER B 152 -23.69 -30.47 -10.24
CA SER B 152 -23.84 -30.04 -8.86
C SER B 152 -24.90 -30.93 -8.18
N ARG B 153 -24.56 -31.51 -7.04
CA ARG B 153 -25.49 -32.46 -6.41
C ARG B 153 -26.64 -31.74 -5.76
N SER B 154 -26.35 -30.54 -5.29
CA SER B 154 -27.28 -29.79 -4.51
C SER B 154 -26.97 -28.31 -4.44
N THR B 155 -28.01 -27.56 -4.13
CA THR B 155 -27.95 -26.14 -4.07
C THR B 155 -28.68 -25.69 -2.85
N VAL B 156 -28.21 -24.57 -2.31
CA VAL B 156 -28.84 -23.97 -1.19
C VAL B 156 -29.03 -22.51 -1.50
N ILE B 157 -30.26 -22.06 -1.36
CA ILE B 157 -30.56 -20.67 -1.48
C ILE B 157 -30.70 -20.15 -0.06
N ASP B 158 -29.98 -19.09 0.30
CA ASP B 158 -30.13 -18.50 1.62
C ASP B 158 -30.58 -17.07 1.49
N LEU B 159 -31.81 -16.77 1.90
CA LEU B 159 -32.31 -15.36 1.79
C LEU B 159 -33.01 -14.85 3.01
N GLU B 160 -32.77 -13.58 3.33
CA GLU B 160 -33.32 -12.99 4.54
C GLU B 160 -33.32 -13.98 5.73
N GLY B 161 -32.22 -14.71 5.88
CA GLY B 161 -32.05 -15.58 7.04
C GLY B 161 -32.75 -16.91 6.91
N GLN B 162 -33.34 -17.17 5.74
CA GLN B 162 -33.98 -18.45 5.55
C GLN B 162 -33.33 -19.24 4.46
N THR B 163 -33.24 -20.53 4.73
CA THR B 163 -32.48 -21.43 3.95
C THR B 163 -33.37 -22.44 3.25
N TYR B 164 -33.19 -22.58 1.93
CA TYR B 164 -33.91 -23.59 1.16
C TYR B 164 -32.92 -24.51 0.48
N TYR B 165 -33.21 -25.80 0.56
CA TYR B 165 -32.34 -26.83 -0.01
C TYR B 165 -33.04 -27.42 -1.22
N ALA B 166 -32.26 -27.78 -2.22
CA ALA B 166 -32.80 -28.29 -3.42
C ALA B 166 -31.76 -29.22 -4.07
N GLU B 167 -32.21 -30.41 -4.46
CA GLU B 167 -31.43 -31.33 -5.26
C GLU B 167 -31.81 -31.23 -6.74
N LYS B 168 -33.05 -30.77 -7.00
CA LYS B 168 -33.54 -30.38 -8.34
C LYS B 168 -34.41 -29.13 -8.25
N ALA B 169 -34.58 -28.44 -9.35
CA ALA B 169 -35.29 -27.17 -9.31
C ALA B 169 -36.66 -27.19 -8.63
N ALA B 170 -37.41 -28.28 -8.80
CA ALA B 170 -38.79 -28.34 -8.24
C ALA B 170 -38.81 -28.41 -6.74
N ASP B 171 -37.71 -28.83 -6.09
CA ASP B 171 -37.67 -28.85 -4.62
C ASP B 171 -37.79 -27.44 -4.03
N LEU B 172 -37.61 -26.41 -4.84
CA LEU B 172 -37.64 -25.06 -4.35
C LEU B 172 -39.07 -24.58 -4.16
N PRO B 173 -39.25 -23.57 -3.30
CA PRO B 173 -40.56 -22.93 -3.14
C PRO B 173 -41.12 -22.38 -4.45
N ALA B 174 -42.43 -22.14 -4.46
CA ALA B 174 -43.17 -21.83 -5.68
C ALA B 174 -42.70 -20.53 -6.32
N LEU B 175 -42.29 -19.61 -5.46
CA LEU B 175 -41.85 -18.29 -5.85
C LEU B 175 -40.71 -18.35 -6.84
N PHE B 176 -39.87 -19.37 -6.72
CA PHE B 176 -38.76 -19.52 -7.65
C PHE B 176 -39.18 -19.86 -9.05
N GLN B 177 -40.17 -20.72 -9.16
CA GLN B 177 -40.68 -21.08 -10.48
C GLN B 177 -41.44 -19.92 -11.08
N GLU B 178 -42.11 -19.14 -10.23
CA GLU B 178 -42.87 -17.97 -10.69
C GLU B 178 -41.90 -16.94 -11.27
N VAL B 179 -40.77 -16.77 -10.61
CA VAL B 179 -39.76 -15.81 -11.00
C VAL B 179 -39.27 -16.16 -12.41
N THR B 180 -38.98 -17.44 -12.64
CA THR B 180 -38.49 -17.81 -13.93
C THR B 180 -39.51 -17.71 -15.01
N ASP B 181 -40.77 -18.01 -14.69
CA ASP B 181 -41.82 -17.87 -15.68
C ASP B 181 -41.94 -16.42 -16.09
N ALA B 182 -41.94 -15.50 -15.16
CA ALA B 182 -41.97 -14.11 -15.55
C ALA B 182 -40.77 -13.76 -16.41
N TRP B 183 -39.62 -14.36 -16.12
CA TRP B 183 -38.38 -13.99 -16.80
C TRP B 183 -38.51 -14.43 -18.21
N ALA B 184 -38.93 -15.69 -18.37
CA ALA B 184 -39.08 -16.32 -19.68
C ALA B 184 -40.14 -15.60 -20.50
N ASP B 185 -41.21 -15.20 -19.84
CA ASP B 185 -42.27 -14.47 -20.53
C ASP B 185 -41.76 -13.12 -21.00
N ALA B 186 -41.03 -12.41 -20.15
CA ALA B 186 -40.60 -11.05 -20.50
C ALA B 186 -39.66 -11.07 -21.70
N LEU B 187 -38.86 -12.13 -21.78
CA LEU B 187 -37.89 -12.25 -22.88
C LEU B 187 -38.58 -12.61 -24.21
N GLU B 188 -39.60 -13.45 -24.15
CA GLU B 188 -40.41 -13.81 -25.33
C GLU B 188 -41.22 -12.60 -25.81
N SER B 189 -41.96 -11.99 -24.91
CA SER B 189 -42.71 -10.79 -25.27
C SER B 189 -41.81 -9.64 -25.72
N GLY B 190 -40.78 -9.35 -24.93
CA GLY B 190 -39.95 -8.20 -25.17
C GLY B 190 -38.93 -8.32 -26.30
N ALA B 191 -38.43 -9.54 -26.54
CA ALA B 191 -37.31 -9.73 -27.49
C ALA B 191 -37.46 -10.76 -28.62
N ARG B 192 -38.54 -11.55 -28.58
CA ARG B 192 -38.78 -12.59 -29.54
C ARG B 192 -37.66 -13.62 -29.36
N PHE B 193 -37.29 -13.80 -28.10
CA PHE B 193 -36.27 -14.73 -27.72
C PHE B 193 -36.32 -16.04 -28.51
N GLY B 194 -37.49 -16.70 -28.57
CA GLY B 194 -37.62 -18.03 -29.19
C GLY B 194 -37.32 -18.03 -30.68
N ASP B 195 -37.77 -17.01 -31.41
CA ASP B 195 -37.40 -16.84 -32.83
C ASP B 195 -35.94 -16.43 -33.02
N ILE B 196 -35.44 -15.57 -32.14
CA ILE B 196 -33.98 -15.35 -32.17
C ILE B 196 -33.12 -16.65 -31.96
N GLN B 197 -33.53 -17.47 -31.01
CA GLN B 197 -32.74 -18.67 -30.71
C GLN B 197 -32.84 -19.63 -31.87
N GLN B 198 -34.03 -19.73 -32.47
CA GLN B 198 -34.20 -20.63 -33.60
C GLN B 198 -33.29 -20.21 -34.78
N ALA B 199 -33.23 -18.91 -35.01
CA ALA B 199 -32.42 -18.38 -36.11
C ALA B 199 -30.91 -18.54 -35.89
N ILE B 200 -30.51 -18.53 -34.62
CA ILE B 200 -29.13 -18.74 -34.23
C ILE B 200 -28.85 -20.21 -34.47
N ARG B 201 -29.72 -21.07 -33.96
CA ARG B 201 -29.60 -22.50 -34.23
C ARG B 201 -29.41 -22.77 -35.69
N ASP B 202 -30.26 -22.21 -36.52
CA ASP B 202 -30.25 -22.50 -37.97
C ASP B 202 -29.21 -21.71 -38.74
N ARG B 203 -28.59 -20.77 -38.04
CA ARG B 203 -27.64 -19.87 -38.66
C ARG B 203 -28.29 -19.19 -39.87
N ASP B 204 -29.50 -18.70 -39.62
CA ASP B 204 -30.30 -17.96 -40.60
C ASP B 204 -30.05 -16.45 -40.42
N VAL B 205 -29.07 -15.95 -41.15
CA VAL B 205 -28.50 -14.64 -40.91
C VAL B 205 -29.49 -13.52 -41.16
N PRO B 206 -30.13 -13.51 -42.36
CA PRO B 206 -31.04 -12.38 -42.60
C PRO B 206 -32.14 -12.35 -41.55
N ARG B 207 -32.68 -13.50 -41.21
CA ARG B 207 -33.70 -13.59 -40.19
C ARG B 207 -33.17 -13.08 -38.83
N LEU B 208 -31.99 -13.57 -38.40
CA LEU B 208 -31.39 -13.21 -37.11
C LEU B 208 -31.22 -11.72 -36.98
N LYS B 209 -30.69 -11.11 -38.04
CA LYS B 209 -30.48 -9.69 -38.08
C LYS B 209 -31.73 -8.86 -38.06
N GLU B 210 -32.79 -9.40 -38.66
CA GLU B 210 -34.07 -8.72 -38.75
C GLU B 210 -34.61 -8.59 -37.35
N LEU B 211 -34.59 -9.71 -36.65
CA LEU B 211 -35.08 -9.74 -35.29
C LEU B 211 -34.19 -8.91 -34.36
N TRP B 212 -32.88 -9.03 -34.53
CA TRP B 212 -31.96 -8.36 -33.66
C TRP B 212 -31.94 -6.86 -33.89
N ASN B 213 -31.95 -6.45 -35.17
CA ASN B 213 -31.86 -5.04 -35.50
C ASN B 213 -33.03 -4.16 -35.04
N THR B 214 -34.23 -4.71 -34.91
CA THR B 214 -35.34 -3.95 -34.36
C THR B 214 -35.11 -3.68 -32.83
N LEU B 215 -34.52 -4.64 -32.13
CA LEU B 215 -34.16 -4.39 -30.70
C LEU B 215 -33.05 -3.31 -30.44
N VAL B 216 -32.06 -3.22 -31.32
CA VAL B 216 -30.91 -2.34 -31.07
C VAL B 216 -31.32 -0.91 -30.70
N PRO B 217 -32.14 -0.22 -31.55
CA PRO B 217 -32.59 1.16 -31.16
C PRO B 217 -33.55 1.22 -29.99
N LEU B 218 -34.22 0.13 -29.65
CA LEU B 218 -35.20 0.14 -28.56
C LEU B 218 -34.56 -0.05 -27.17
N TRP B 219 -33.54 -0.89 -27.03
CA TRP B 219 -32.97 -1.26 -25.70
C TRP B 219 -31.54 -0.81 -25.50
N ASP B 220 -30.88 -0.29 -26.53
CA ASP B 220 -29.59 0.35 -26.30
C ASP B 220 -29.58 1.20 -25.03
N ASP B 221 -30.46 2.21 -24.94
CA ASP B 221 -30.32 3.20 -23.87
C ASP B 221 -31.24 2.95 -22.68
N ARG B 222 -31.69 1.73 -22.51
CA ARG B 222 -32.42 1.36 -21.29
C ARG B 222 -31.69 0.27 -20.51
N THR B 223 -31.83 0.27 -19.19
CA THR B 223 -31.13 -0.71 -18.42
C THR B 223 -31.93 -2.02 -18.34
N PHE B 224 -31.26 -3.02 -17.81
CA PHE B 224 -31.87 -4.29 -17.49
C PHE B 224 -32.94 -4.07 -16.43
N TYR B 225 -32.63 -3.28 -15.43
CA TYR B 225 -33.61 -2.82 -14.43
C TYR B 225 -34.95 -2.41 -15.04
N ASP B 226 -34.88 -1.48 -15.98
CA ASP B 226 -36.09 -0.93 -16.55
C ASP B 226 -36.80 -1.93 -17.39
N PHE B 227 -36.04 -2.77 -18.06
CA PHE B 227 -36.68 -3.82 -18.81
C PHE B 227 -37.57 -4.59 -17.88
N VAL B 228 -37.02 -5.04 -16.76
CA VAL B 228 -37.76 -5.85 -15.79
C VAL B 228 -38.88 -5.08 -15.16
N ALA B 229 -38.60 -3.84 -14.79
CA ALA B 229 -39.56 -2.95 -14.13
C ALA B 229 -40.81 -2.88 -14.97
N THR B 230 -40.63 -2.42 -16.20
CA THR B 230 -41.69 -2.17 -17.15
C THR B 230 -42.16 -3.44 -17.86
N SER B 231 -41.77 -4.63 -17.44
CA SER B 231 -42.31 -5.79 -18.12
C SER B 231 -43.59 -6.20 -17.42
N LYS B 232 -44.57 -6.57 -18.24
CA LYS B 232 -45.90 -6.99 -17.77
C LYS B 232 -45.83 -8.14 -16.79
N ALA B 233 -45.00 -9.12 -17.12
CA ALA B 233 -44.90 -10.33 -16.29
C ALA B 233 -44.35 -10.09 -14.89
N PHE B 234 -43.40 -9.17 -14.74
CA PHE B 234 -42.82 -8.87 -13.44
C PHE B 234 -43.71 -7.88 -12.72
N ALA B 235 -44.46 -7.08 -13.48
CA ALA B 235 -45.34 -6.07 -12.87
C ALA B 235 -46.46 -6.73 -12.02
N LYS B 236 -46.94 -7.88 -12.43
CA LYS B 236 -47.96 -8.56 -11.65
C LYS B 236 -47.42 -9.36 -10.48
N LEU B 237 -46.09 -9.42 -10.35
CA LEU B 237 -45.50 -10.10 -9.23
C LEU B 237 -45.18 -9.12 -8.13
N SER B 238 -44.98 -9.62 -6.94
CA SER B 238 -44.64 -8.78 -5.78
C SER B 238 -43.20 -8.27 -5.92
N PHE B 239 -42.88 -7.28 -5.09
CA PHE B 239 -41.52 -6.78 -4.94
C PHE B 239 -40.54 -7.90 -4.61
N GLN B 240 -40.93 -8.73 -3.64
CA GLN B 240 -40.16 -9.88 -3.23
C GLN B 240 -39.72 -10.77 -4.40
N HIS B 241 -40.57 -10.97 -5.39
CA HIS B 241 -40.18 -11.66 -6.62
C HIS B 241 -38.99 -11.01 -7.32
N ARG B 242 -39.08 -9.70 -7.50
CA ARG B 242 -38.02 -8.93 -8.15
C ARG B 242 -36.69 -8.97 -7.34
N GLU B 243 -36.83 -8.70 -6.05
CA GLU B 243 -35.73 -8.75 -5.09
C GLU B 243 -34.97 -10.06 -5.28
N VAL B 244 -35.72 -11.17 -5.16
CA VAL B 244 -35.20 -12.51 -5.30
C VAL B 244 -34.56 -12.70 -6.66
N PHE B 245 -35.16 -12.15 -7.71
CA PHE B 245 -34.58 -12.28 -9.04
C PHE B 245 -33.21 -11.63 -9.13
N GLY B 246 -33.04 -10.46 -8.48
CA GLY B 246 -31.73 -9.83 -8.34
C GLY B 246 -30.68 -10.63 -7.54
N GLN B 247 -31.08 -11.17 -6.42
CA GLN B 247 -30.16 -11.83 -5.53
C GLN B 247 -29.76 -13.19 -6.05
N VAL B 248 -30.70 -14.02 -6.44
CA VAL B 248 -30.39 -15.38 -6.86
C VAL B 248 -31.10 -15.82 -8.12
N GLY B 249 -31.77 -14.87 -8.78
CA GLY B 249 -32.56 -15.17 -9.96
C GLY B 249 -33.65 -16.16 -9.61
N PHE B 250 -33.79 -17.21 -10.41
CA PHE B 250 -34.78 -18.19 -10.12
C PHE B 250 -34.14 -19.35 -9.44
N GLY B 251 -32.94 -19.11 -8.91
CA GLY B 251 -32.21 -20.07 -8.09
C GLY B 251 -30.96 -20.62 -8.76
N THR B 252 -30.59 -20.10 -9.91
CA THR B 252 -29.37 -20.54 -10.58
C THR B 252 -28.38 -19.41 -10.72
N GLY B 253 -28.54 -18.38 -9.89
CA GLY B 253 -27.72 -17.20 -10.01
C GLY B 253 -28.52 -15.93 -10.26
N GLY B 254 -28.15 -14.91 -9.52
CA GLY B 254 -28.78 -13.65 -9.63
C GLY B 254 -28.27 -12.77 -10.75
N TRP B 255 -28.87 -11.58 -10.79
CA TRP B 255 -28.73 -10.70 -11.91
C TRP B 255 -28.52 -9.26 -11.50
N ASP B 256 -28.34 -8.97 -10.21
CA ASP B 256 -28.28 -7.56 -9.74
C ASP B 256 -26.98 -6.81 -10.11
N SER B 257 -25.89 -7.53 -10.34
CA SER B 257 -24.67 -6.88 -10.86
C SER B 257 -24.85 -6.44 -12.31
N ASP B 258 -25.77 -7.10 -13.01
CA ASP B 258 -26.05 -6.80 -14.38
C ASP B 258 -27.20 -5.81 -14.60
N PHE B 259 -27.99 -5.53 -13.55
CA PHE B 259 -29.09 -4.57 -13.66
C PHE B 259 -28.72 -3.22 -14.31
N PRO B 260 -27.56 -2.57 -13.96
CA PRO B 260 -27.17 -1.26 -14.56
C PRO B 260 -26.75 -1.25 -16.04
N ASN B 261 -26.68 -2.42 -16.66
CA ASN B 261 -26.14 -2.56 -18.00
C ASN B 261 -27.29 -2.37 -18.96
N SER B 262 -26.98 -1.78 -20.08
CA SER B 262 -27.81 -1.85 -21.27
C SER B 262 -28.36 -3.26 -21.44
N MET B 263 -29.67 -3.32 -21.59
CA MET B 263 -30.41 -4.54 -21.76
C MET B 263 -29.93 -5.33 -22.96
N LEU B 264 -29.39 -4.64 -23.97
CA LEU B 264 -28.85 -5.31 -25.14
C LEU B 264 -27.79 -6.31 -24.76
N GLU B 265 -26.95 -5.97 -23.78
CA GLU B 265 -25.88 -6.84 -23.35
C GLU B 265 -26.46 -8.09 -22.74
N ILE B 266 -27.50 -7.91 -21.91
CA ILE B 266 -28.20 -9.03 -21.30
C ILE B 266 -28.84 -9.96 -22.36
N PHE B 267 -29.53 -9.37 -23.35
CA PHE B 267 -30.08 -10.15 -24.43
C PHE B 267 -28.95 -10.98 -25.02
N ARG B 268 -27.84 -10.33 -25.39
CA ARG B 268 -26.72 -11.08 -26.03
C ARG B 268 -26.30 -12.29 -25.20
N VAL B 269 -26.21 -12.10 -23.89
CA VAL B 269 -25.86 -13.19 -23.00
C VAL B 269 -26.90 -14.33 -22.98
N VAL B 270 -28.18 -14.05 -22.69
CA VAL B 270 -29.17 -15.14 -22.67
C VAL B 270 -29.37 -15.82 -24.04
N MET B 271 -29.26 -15.07 -25.14
CA MET B 271 -29.64 -15.59 -26.47
C MET B 271 -28.65 -16.61 -27.04
N THR B 272 -27.40 -16.45 -26.65
CA THR B 272 -26.32 -17.29 -27.15
C THR B 272 -25.90 -18.31 -26.06
N ASN B 273 -26.81 -18.54 -25.12
CA ASN B 273 -26.65 -19.49 -24.02
C ASN B 273 -25.34 -19.40 -23.27
N CYS B 274 -24.87 -18.17 -23.06
CA CYS B 274 -23.64 -17.93 -22.32
C CYS B 274 -23.79 -18.40 -20.87
N ASP B 275 -25.04 -18.31 -20.36
CA ASP B 275 -25.41 -18.57 -18.95
C ASP B 275 -25.60 -20.07 -18.55
N ASP B 276 -25.48 -21.00 -19.52
CA ASP B 276 -25.71 -22.45 -19.24
C ASP B 276 -24.77 -23.40 -20.03
N HIS B 277 -24.80 -24.68 -19.68
CA HIS B 277 -23.95 -25.72 -20.24
C HIS B 277 -22.46 -25.35 -20.32
N GLN B 278 -21.91 -25.00 -19.17
CA GLN B 278 -20.58 -24.43 -19.09
C GLN B 278 -19.55 -25.45 -18.53
N HIS B 279 -18.34 -25.44 -19.09
CA HIS B 279 -17.20 -26.29 -18.63
C HIS B 279 -16.01 -25.48 -18.12
N LEU B 280 -15.30 -26.08 -17.18
CA LEU B 280 -14.00 -25.59 -16.77
C LEU B 280 -12.98 -26.47 -17.51
N VAL B 281 -11.75 -25.96 -17.60
CA VAL B 281 -10.66 -26.62 -18.24
C VAL B 281 -9.88 -27.38 -17.17
N VAL B 282 -9.67 -28.67 -17.37
CA VAL B 282 -9.04 -29.43 -16.31
C VAL B 282 -7.57 -29.07 -16.15
N GLY B 283 -7.18 -28.79 -14.90
CA GLY B 283 -5.85 -28.31 -14.58
C GLY B 283 -5.60 -26.84 -14.89
N GLY B 284 -6.61 -26.13 -15.43
CA GLY B 284 -6.69 -24.68 -15.47
C GLY B 284 -6.74 -24.13 -16.87
N VAL B 285 -7.58 -23.14 -17.06
CA VAL B 285 -7.75 -22.56 -18.39
C VAL B 285 -6.52 -21.74 -18.79
N GLU B 286 -5.61 -21.47 -17.87
CA GLU B 286 -4.41 -20.73 -18.21
C GLU B 286 -3.54 -21.54 -19.14
N GLN B 287 -3.79 -22.83 -19.23
CA GLN B 287 -3.10 -23.68 -20.25
C GLN B 287 -3.53 -23.31 -21.65
N VAL B 288 -4.67 -22.69 -21.81
CA VAL B 288 -4.98 -22.25 -23.16
C VAL B 288 -3.90 -21.30 -23.75
N PRO B 289 -3.75 -20.11 -23.16
CA PRO B 289 -2.71 -19.21 -23.69
C PRO B 289 -1.30 -19.77 -23.61
N GLN B 290 -0.96 -20.48 -22.54
CA GLN B 290 0.40 -20.97 -22.39
C GLN B 290 0.67 -21.97 -23.46
N GLY B 291 -0.39 -22.69 -23.84
CA GLY B 291 -0.32 -23.73 -24.86
C GLY B 291 -0.26 -23.12 -26.23
N ILE B 292 -1.11 -22.13 -26.52
CA ILE B 292 -0.95 -21.37 -27.78
C ILE B 292 0.49 -20.87 -27.90
N TRP B 293 1.09 -20.44 -26.81
CA TRP B 293 2.44 -19.87 -26.87
C TRP B 293 3.49 -20.84 -27.42
N ARG B 294 3.32 -22.08 -27.00
CA ARG B 294 4.19 -23.21 -27.24
C ARG B 294 3.73 -24.13 -28.37
N HIS B 295 2.55 -23.93 -28.92
CA HIS B 295 2.04 -24.82 -29.97
C HIS B 295 2.74 -24.75 -31.32
N VAL B 296 3.25 -25.89 -31.82
CA VAL B 296 3.84 -25.94 -33.14
C VAL B 296 2.77 -26.26 -34.14
N PRO B 297 2.41 -25.31 -35.01
CA PRO B 297 1.35 -25.68 -35.92
C PRO B 297 1.80 -26.73 -36.95
N GLU B 298 0.85 -27.54 -37.41
CA GLU B 298 1.16 -28.53 -38.41
C GLU B 298 1.53 -27.86 -39.72
N ARG B 299 0.80 -26.80 -40.11
CA ARG B 299 1.16 -26.03 -41.31
C ARG B 299 1.46 -24.57 -40.99
N CYS B 300 2.61 -24.09 -41.47
CA CYS B 300 3.13 -22.73 -41.31
C CYS B 300 3.30 -22.13 -42.74
N ALA B 301 2.85 -20.92 -43.05
CA ALA B 301 3.44 -20.16 -44.21
C ALA B 301 4.82 -19.67 -43.80
N HIS B 302 5.81 -19.73 -44.72
CA HIS B 302 7.20 -19.24 -44.52
C HIS B 302 8.05 -19.99 -43.49
N TRP B 303 7.50 -20.20 -42.29
CA TRP B 303 8.31 -20.65 -41.21
C TRP B 303 8.75 -22.12 -41.30
N PRO B 304 9.99 -22.40 -40.81
CA PRO B 304 10.50 -23.75 -40.75
C PRO B 304 9.72 -24.65 -39.79
N GLU B 305 9.71 -25.93 -40.13
CA GLU B 305 9.35 -27.00 -39.23
C GLU B 305 9.67 -26.65 -37.77
N GLY B 306 8.69 -26.76 -36.89
CA GLY B 306 8.95 -26.62 -35.47
C GLY B 306 8.89 -25.21 -34.90
N THR B 307 8.48 -24.25 -35.71
CA THR B 307 8.38 -22.91 -35.27
C THR B 307 7.14 -22.74 -34.39
N SER B 308 7.32 -22.09 -33.23
CA SER B 308 6.20 -21.67 -32.40
C SER B 308 6.29 -20.20 -32.08
N LEU B 309 5.22 -19.61 -31.49
CA LEU B 309 5.34 -18.22 -31.07
C LEU B 309 6.62 -18.20 -30.20
N SER B 310 6.72 -19.13 -29.24
CA SER B 310 7.83 -19.08 -28.26
C SER B 310 9.22 -19.09 -28.97
N SER B 311 9.42 -19.96 -29.96
CA SER B 311 10.72 -19.99 -30.62
C SER B 311 10.97 -18.68 -31.33
N LEU B 312 10.00 -18.19 -32.09
CA LEU B 312 10.15 -16.87 -32.69
C LEU B 312 10.53 -15.74 -31.71
N HIS B 313 10.18 -15.82 -30.44
CA HIS B 313 10.57 -14.74 -29.44
C HIS B 313 11.83 -15.00 -28.61
N GLY B 314 12.45 -16.18 -28.85
CA GLY B 314 13.38 -16.78 -27.87
C GLY B 314 12.84 -17.03 -26.45
N GLY B 315 11.54 -17.35 -26.36
CA GLY B 315 10.96 -17.93 -25.16
C GLY B 315 9.89 -17.11 -24.47
N ALA B 316 9.91 -15.78 -24.63
CA ALA B 316 8.99 -14.94 -23.86
C ALA B 316 8.55 -13.72 -24.60
N PRO B 317 7.36 -13.20 -24.27
CA PRO B 317 7.01 -11.93 -24.85
C PRO B 317 7.95 -10.84 -24.40
N ARG B 318 8.05 -9.77 -25.20
CA ARG B 318 8.75 -8.54 -24.79
C ARG B 318 8.09 -7.94 -23.57
N THR B 319 8.75 -6.98 -22.93
CA THR B 319 8.16 -6.31 -21.75
C THR B 319 7.04 -5.35 -22.09
N GLY B 320 6.53 -4.63 -21.10
CA GLY B 320 5.38 -3.76 -21.35
C GLY B 320 5.63 -2.62 -22.31
N VAL B 321 4.55 -2.14 -22.88
CA VAL B 321 4.62 -1.05 -23.82
C VAL B 321 4.42 0.28 -23.12
N LYS B 322 5.26 1.26 -23.44
CA LYS B 322 5.17 2.60 -22.82
C LYS B 322 4.70 3.67 -23.83
N ARG B 323 5.04 3.46 -25.09
CA ARG B 323 4.72 4.47 -26.10
C ARG B 323 4.39 3.90 -27.48
N ILE B 324 3.41 4.52 -28.14
CA ILE B 324 3.13 4.22 -29.52
C ILE B 324 3.04 5.52 -30.27
N ALA B 325 3.81 5.65 -31.33
CA ALA B 325 3.83 6.85 -32.17
C ALA B 325 3.95 6.49 -33.65
N ARG B 326 3.66 7.45 -34.51
CA ARG B 326 3.85 7.26 -35.94
C ARG B 326 5.26 7.69 -36.24
N ALA B 327 6.02 6.80 -36.88
CA ALA B 327 7.39 7.08 -37.20
C ALA B 327 7.58 7.74 -38.57
N SER B 328 8.74 8.34 -38.76
CA SER B 328 9.02 9.20 -39.94
C SER B 328 9.15 8.44 -41.29
N ASP B 329 9.30 7.12 -41.20
CA ASP B 329 9.19 6.21 -42.32
C ASP B 329 7.78 5.66 -42.58
N GLY B 330 6.75 6.19 -41.91
CA GLY B 330 5.37 5.73 -42.11
C GLY B 330 4.86 4.57 -41.22
N ARG B 331 5.79 3.76 -40.75
CA ARG B 331 5.48 2.68 -39.80
C ARG B 331 5.19 3.21 -38.39
N LEU B 332 4.81 2.29 -37.49
CA LEU B 332 4.49 2.61 -36.10
C LEU B 332 5.64 2.20 -35.22
N ALA B 333 5.99 3.13 -34.32
CA ALA B 333 7.10 3.00 -33.37
C ALA B 333 6.57 2.65 -31.98
N VAL B 334 7.03 1.52 -31.48
CA VAL B 334 6.59 1.01 -30.17
C VAL B 334 7.79 1.09 -29.27
N THR B 335 7.66 1.84 -28.20
CA THR B 335 8.73 1.88 -27.19
C THR B 335 8.31 1.12 -25.93
N ASP B 336 9.15 0.23 -25.45
CA ASP B 336 8.83 -0.56 -24.26
C ASP B 336 9.34 0.14 -23.00
N ASN B 337 9.08 -0.45 -21.86
CA ASN B 337 9.42 0.12 -20.57
C ASN B 337 10.85 0.52 -20.34
N TRP B 338 11.76 -0.11 -21.03
CA TRP B 338 13.18 0.16 -20.91
C TRP B 338 13.72 1.02 -22.05
N GLY B 339 12.88 1.64 -22.86
CA GLY B 339 13.40 2.48 -23.95
C GLY B 339 13.67 1.81 -25.28
N ASP B 340 13.65 0.49 -25.35
CA ASP B 340 13.82 -0.16 -26.66
C ASP B 340 12.64 0.18 -27.61
N CYS B 341 12.98 0.86 -28.70
CA CYS B 341 12.01 1.35 -29.68
C CYS B 341 12.09 0.51 -30.92
N ARG B 342 10.96 0.06 -31.43
CA ARG B 342 10.98 -0.70 -32.72
C ARG B 342 9.81 -0.34 -33.63
N HIS B 343 9.99 -0.59 -34.92
CA HIS B 343 9.05 -0.13 -35.94
C HIS B 343 8.31 -1.30 -36.55
N TYR B 344 7.01 -1.09 -36.80
CA TYR B 344 6.14 -2.10 -37.33
C TYR B 344 5.12 -1.51 -38.29
N ALA B 345 4.74 -2.29 -39.31
CA ALA B 345 3.74 -1.80 -40.27
C ALA B 345 2.34 -1.80 -39.70
N ALA B 346 2.16 -2.54 -38.61
CA ALA B 346 0.91 -2.54 -37.85
C ALA B 346 1.12 -2.97 -36.44
N VAL B 347 0.10 -2.72 -35.68
CA VAL B 347 0.16 -2.84 -34.25
C VAL B 347 -1.25 -3.19 -33.80
N LEU B 348 -1.35 -4.20 -32.97
CA LEU B 348 -2.63 -4.59 -32.38
C LEU B 348 -2.49 -4.40 -30.91
N THR B 349 -3.43 -3.67 -30.33
CA THR B 349 -3.49 -3.49 -28.89
C THR B 349 -4.69 -4.23 -28.28
N THR B 350 -4.49 -4.94 -27.18
CA THR B 350 -5.57 -5.67 -26.49
C THR B 350 -5.60 -5.33 -25.02
N CYS B 351 -4.76 -4.45 -24.53
CA CYS B 351 -4.85 -4.08 -23.14
C CYS B 351 -6.22 -3.39 -22.95
N GLN B 352 -6.71 -3.35 -21.72
CA GLN B 352 -7.98 -2.67 -21.50
C GLN B 352 -7.86 -1.22 -21.98
N SER B 353 -8.96 -0.70 -22.50
CA SER B 353 -8.98 0.54 -23.27
C SER B 353 -8.45 1.81 -22.55
N TRP B 354 -8.71 2.00 -21.27
CA TRP B 354 -8.21 3.22 -20.62
C TRP B 354 -6.72 3.25 -20.52
N LEU B 355 -6.07 2.12 -20.70
CA LEU B 355 -4.62 2.15 -20.62
C LEU B 355 -4.03 2.96 -21.78
N LEU B 356 -4.66 2.84 -22.94
CA LEU B 356 -4.25 3.65 -24.09
C LEU B 356 -4.29 5.16 -23.87
N THR B 357 -5.22 5.60 -23.05
CA THR B 357 -5.48 7.00 -22.90
C THR B 357 -4.75 7.59 -21.70
N THR B 358 -4.24 6.75 -20.81
CA THR B 358 -3.52 7.18 -19.60
C THR B 358 -2.13 6.53 -19.57
N GLN B 359 -2.02 5.24 -19.27
CA GLN B 359 -0.70 4.65 -19.01
C GLN B 359 0.20 4.59 -20.25
N ILE B 360 -0.37 4.37 -21.41
CA ILE B 360 0.46 4.29 -22.60
C ILE B 360 0.43 5.63 -23.29
N ASP B 361 1.57 6.07 -23.77
CA ASP B 361 1.65 7.33 -24.48
C ASP B 361 1.33 6.99 -25.91
N CYS B 362 0.07 7.08 -26.26
CA CYS B 362 -0.37 6.77 -27.60
C CYS B 362 -0.72 8.08 -28.28
N GLU B 363 0.09 8.41 -29.29
CA GLU B 363 -0.01 9.63 -30.11
C GLU B 363 -1.39 9.89 -30.63
N GLU B 364 -1.87 11.11 -30.47
CA GLU B 364 -3.27 11.43 -30.77
C GLU B 364 -3.70 11.10 -32.21
N SER B 365 -2.82 11.36 -33.17
CA SER B 365 -3.09 11.15 -34.59
C SER B 365 -3.49 9.73 -34.97
N LEU B 366 -3.19 8.75 -34.11
CA LEU B 366 -3.41 7.32 -34.49
C LEU B 366 -4.87 6.91 -34.42
N PHE B 367 -5.69 7.62 -33.65
CA PHE B 367 -7.11 7.34 -33.61
C PHE B 367 -7.94 8.58 -33.89
N SER B 368 -9.16 8.40 -34.39
CA SER B 368 -9.99 9.54 -34.72
C SER B 368 -10.44 10.15 -33.42
N GLN B 369 -11.10 11.30 -33.51
CA GLN B 369 -11.63 11.91 -32.31
C GLN B 369 -12.78 11.08 -31.79
N LYS B 370 -13.57 10.51 -32.69
CA LYS B 370 -14.69 9.70 -32.24
C LYS B 370 -14.22 8.33 -31.70
N MET B 371 -13.12 7.78 -32.23
CA MET B 371 -12.55 6.57 -31.68
C MET B 371 -11.99 6.82 -30.25
N TRP B 372 -11.23 7.91 -30.03
CA TRP B 372 -10.77 8.22 -28.65
C TRP B 372 -11.96 8.24 -27.69
N MET B 373 -13.07 8.78 -28.14
CA MET B 373 -14.19 9.00 -27.26
C MET B 373 -14.79 7.66 -26.89
N ALA B 374 -14.93 6.78 -27.87
CA ALA B 374 -15.49 5.45 -27.60
C ALA B 374 -14.60 4.69 -26.61
N LEU B 375 -13.30 4.76 -26.83
CA LEU B 375 -12.32 4.14 -25.93
C LEU B 375 -12.40 4.68 -24.50
N ASP B 376 -12.57 6.00 -24.34
CA ASP B 376 -12.64 6.61 -23.01
C ASP B 376 -13.90 6.28 -22.28
N ARG B 377 -14.97 5.94 -23.00
CA ARG B 377 -16.26 5.74 -22.40
C ARG B 377 -16.40 4.34 -21.78
N THR B 378 -15.39 3.50 -21.92
CA THR B 378 -15.45 2.16 -21.34
C THR B 378 -15.55 2.22 -19.83
N ARG B 379 -16.52 1.50 -19.27
CA ARG B 379 -16.75 1.48 -17.84
C ARG B 379 -16.58 0.02 -17.39
N TYR B 380 -15.93 -0.23 -16.26
CA TYR B 380 -15.50 -1.60 -15.90
C TYR B 380 -16.21 -2.17 -14.69
N MET B 381 -16.42 -3.49 -14.66
CA MET B 381 -17.03 -4.09 -13.49
C MET B 381 -15.98 -4.68 -12.59
N GLN B 382 -16.30 -4.64 -11.33
CA GLN B 382 -15.47 -5.13 -10.24
C GLN B 382 -15.73 -6.58 -9.87
N SER B 383 -14.68 -7.31 -9.53
CA SER B 383 -14.90 -8.66 -9.10
C SER B 383 -13.94 -9.08 -8.02
N SER B 384 -14.44 -9.96 -7.18
CA SER B 384 -13.65 -10.58 -6.15
C SER B 384 -13.97 -12.07 -6.06
N LYS B 385 -12.93 -12.88 -5.97
CA LYS B 385 -13.10 -14.29 -5.65
C LYS B 385 -12.08 -14.73 -4.61
N THR B 386 -12.49 -15.58 -3.69
CA THR B 386 -11.57 -16.18 -2.73
C THR B 386 -11.76 -17.69 -2.63
N PHE B 387 -10.62 -18.41 -2.74
CA PHE B 387 -10.56 -19.86 -2.87
C PHE B 387 -9.78 -20.58 -1.72
N VAL B 388 -10.24 -21.75 -1.28
CA VAL B 388 -9.44 -22.59 -0.41
C VAL B 388 -9.40 -24.03 -0.88
N MET B 389 -8.36 -24.72 -0.47
CA MET B 389 -8.27 -26.13 -0.86
C MET B 389 -8.69 -26.97 0.35
N VAL B 390 -9.27 -28.15 0.08
CA VAL B 390 -9.71 -29.06 1.13
C VAL B 390 -9.20 -30.48 0.86
N ASP B 391 -9.11 -31.26 1.94
CA ASP B 391 -8.44 -32.58 1.86
C ASP B 391 -9.24 -33.63 1.08
N ARG B 392 -10.56 -33.45 1.10
CA ARG B 392 -11.50 -34.26 0.30
C ARG B 392 -12.81 -33.48 0.11
N PRO B 393 -13.65 -33.93 -0.86
CA PRO B 393 -14.94 -33.32 -1.13
C PRO B 393 -15.91 -33.81 -0.10
N PHE B 394 -15.62 -33.39 1.11
CA PHE B 394 -16.38 -33.80 2.23
C PHE B 394 -17.86 -33.39 2.08
N TRP B 395 -18.12 -32.35 1.31
CA TRP B 395 -19.49 -31.85 1.18
C TRP B 395 -20.49 -32.87 0.65
N LYS B 396 -20.01 -33.92 -0.04
CA LYS B 396 -20.85 -35.03 -0.49
C LYS B 396 -21.39 -35.85 0.67
N ASP B 397 -20.71 -35.83 1.79
CA ASP B 397 -21.18 -36.53 2.96
C ASP B 397 -22.57 -36.01 3.33
N LYS B 398 -23.39 -36.91 3.86
CA LYS B 398 -24.77 -36.62 4.25
C LYS B 398 -24.91 -36.41 5.77
N ASP B 399 -25.71 -35.44 6.15
CA ASP B 399 -26.17 -35.28 7.52
C ASP B 399 -27.25 -36.33 7.84
N PRO B 400 -26.96 -37.27 8.75
CA PRO B 400 -27.91 -38.37 9.04
C PRO B 400 -29.32 -37.93 9.49
N GLU B 401 -29.40 -36.84 10.25
CA GLU B 401 -30.71 -36.32 10.60
C GLU B 401 -31.56 -35.93 9.40
N THR B 402 -31.04 -35.09 8.49
CA THR B 402 -31.84 -34.48 7.38
C THR B 402 -31.67 -35.18 6.03
N GLY B 403 -30.63 -35.99 5.89
CA GLY B 403 -30.24 -36.51 4.56
C GLY B 403 -29.68 -35.45 3.61
N ARG B 404 -29.38 -34.24 4.12
CA ARG B 404 -28.76 -33.20 3.28
C ARG B 404 -27.25 -33.40 3.19
N ASP B 405 -26.70 -33.17 1.99
CA ASP B 405 -25.27 -32.89 1.81
C ASP B 405 -24.82 -31.89 2.86
N LEU B 406 -23.61 -32.11 3.35
CA LEU B 406 -23.07 -31.28 4.43
C LEU B 406 -22.83 -29.86 3.94
N MET B 407 -22.64 -29.72 2.64
CA MET B 407 -22.58 -28.40 2.03
C MET B 407 -23.06 -28.49 0.59
N SER B 408 -23.49 -27.34 0.07
CA SER B 408 -23.92 -27.24 -1.30
C SER B 408 -23.36 -25.99 -2.05
N MET B 409 -23.56 -25.97 -3.36
CA MET B 409 -23.50 -24.74 -4.10
C MET B 409 -24.42 -23.77 -3.35
N THR B 410 -23.92 -22.60 -2.98
CA THR B 410 -24.66 -21.69 -2.11
C THR B 410 -24.88 -20.33 -2.71
N LEU B 411 -26.15 -19.92 -2.80
CA LEU B 411 -26.48 -18.61 -3.25
C LEU B 411 -27.15 -17.89 -2.13
N THR B 412 -26.63 -16.71 -1.79
CA THR B 412 -27.12 -16.05 -0.64
C THR B 412 -27.14 -14.56 -0.84
N ASP B 413 -27.89 -13.92 0.02
CA ASP B 413 -27.82 -12.50 0.13
C ASP B 413 -26.69 -12.10 1.05
N ARG B 414 -26.10 -13.04 1.78
CA ARG B 414 -24.93 -12.66 2.61
C ARG B 414 -23.70 -12.30 1.73
N LEU B 415 -22.65 -11.78 2.33
CA LEU B 415 -21.54 -11.19 1.58
C LEU B 415 -20.81 -12.13 0.67
N THR B 416 -20.82 -13.42 0.96
CA THR B 416 -20.22 -14.39 0.05
C THR B 416 -20.89 -14.45 -1.35
N ARG B 417 -22.22 -14.29 -1.36
CA ARG B 417 -23.04 -14.39 -2.56
C ARG B 417 -23.05 -15.77 -3.17
N GLY B 418 -21.90 -16.18 -3.65
CA GLY B 418 -21.84 -17.38 -4.43
C GLY B 418 -20.69 -18.19 -3.92
N THR B 419 -20.91 -19.48 -3.75
CA THR B 419 -19.92 -20.39 -3.26
C THR B 419 -19.99 -21.66 -4.08
N TYR B 420 -18.87 -22.03 -4.69
CA TYR B 420 -18.80 -23.12 -5.67
C TYR B 420 -17.98 -24.22 -5.07
N LEU B 421 -18.32 -25.48 -5.38
CA LEU B 421 -17.59 -26.62 -4.85
C LEU B 421 -17.08 -27.39 -6.00
N PHE B 422 -15.79 -27.67 -6.00
CA PHE B 422 -15.14 -28.35 -7.08
C PHE B 422 -14.55 -29.68 -6.58
N ASP B 423 -15.10 -30.76 -7.10
CA ASP B 423 -14.80 -32.15 -6.73
C ASP B 423 -13.74 -32.63 -7.72
N ASN B 424 -12.60 -33.07 -7.22
CA ASN B 424 -11.59 -33.63 -8.11
C ASN B 424 -11.46 -35.19 -7.99
N GLY B 425 -12.44 -35.83 -7.34
CA GLY B 425 -12.42 -37.25 -6.97
C GLY B 425 -12.43 -37.42 -5.44
N ASP B 426 -13.09 -38.46 -4.91
CA ASP B 426 -12.97 -38.85 -3.46
C ASP B 426 -11.50 -39.00 -3.04
N ASP B 427 -10.70 -39.45 -4.00
CA ASP B 427 -9.26 -39.66 -3.92
C ASP B 427 -8.40 -38.40 -3.76
N LYS B 428 -8.92 -37.23 -4.12
CA LYS B 428 -8.09 -36.03 -4.29
C LYS B 428 -8.57 -34.84 -3.47
N PRO B 429 -7.74 -33.80 -3.34
CA PRO B 429 -8.26 -32.60 -2.65
C PRO B 429 -9.41 -31.91 -3.39
N GLY B 430 -10.30 -31.31 -2.62
CA GLY B 430 -11.31 -30.41 -3.19
C GLY B 430 -10.87 -28.98 -3.24
N VAL B 431 -11.54 -28.18 -4.05
CA VAL B 431 -11.41 -26.72 -4.05
C VAL B 431 -12.78 -26.08 -3.80
N ILE B 432 -12.80 -25.04 -2.96
CA ILE B 432 -14.01 -24.30 -2.70
C ILE B 432 -13.83 -22.82 -3.08
N CYS B 433 -14.70 -22.28 -3.93
CA CYS B 433 -14.71 -20.86 -4.13
C CYS B 433 -15.61 -20.36 -3.05
N LEU B 434 -15.03 -19.74 -2.02
CA LEU B 434 -15.82 -19.37 -0.89
C LEU B 434 -16.80 -18.28 -1.23
N SER B 435 -16.36 -17.35 -2.04
CA SER B 435 -17.11 -16.21 -2.40
C SER B 435 -16.78 -15.79 -3.79
N TYR B 436 -17.81 -15.46 -4.54
CA TYR B 436 -17.72 -14.93 -5.89
C TYR B 436 -18.71 -13.80 -5.87
N ALA B 437 -18.20 -12.59 -5.94
CA ALA B 437 -19.02 -11.42 -5.84
C ALA B 437 -18.63 -10.44 -6.93
N TRP B 438 -19.58 -9.57 -7.27
CA TRP B 438 -19.38 -8.51 -8.25
C TRP B 438 -19.77 -7.18 -7.63
N MET B 439 -19.22 -6.12 -8.20
CA MET B 439 -19.65 -4.74 -7.95
C MET B 439 -19.62 -4.38 -6.46
N SER B 440 -20.73 -3.99 -5.85
CA SER B 440 -20.69 -3.55 -4.43
C SER B 440 -20.12 -4.61 -3.51
N ASP B 441 -20.63 -5.83 -3.70
CA ASP B 441 -20.23 -6.96 -2.87
C ASP B 441 -18.69 -7.19 -2.99
N ALA B 442 -18.16 -6.95 -4.19
CA ALA B 442 -16.73 -7.08 -4.41
C ALA B 442 -16.00 -5.96 -3.73
N LEU B 443 -16.53 -4.76 -3.82
CA LEU B 443 -15.88 -3.62 -3.16
C LEU B 443 -15.88 -3.73 -1.64
N LYS B 444 -16.88 -4.41 -1.10
CA LYS B 444 -16.91 -4.72 0.35
C LYS B 444 -15.67 -5.49 0.82
N MET B 445 -15.19 -6.37 -0.05
CA MET B 445 -13.97 -7.16 0.16
C MET B 445 -12.63 -6.48 -0.22
N LEU B 446 -12.64 -5.57 -1.19
CA LEU B 446 -11.40 -4.98 -1.76
C LEU B 446 -10.31 -4.65 -0.75
N PRO B 447 -10.65 -3.87 0.28
CA PRO B 447 -9.54 -3.39 1.10
C PRO B 447 -8.92 -4.41 2.10
N HIS B 448 -9.49 -5.60 2.24
CA HIS B 448 -9.05 -6.53 3.29
C HIS B 448 -8.01 -7.57 2.86
N PRO B 449 -7.13 -8.00 3.80
CA PRO B 449 -6.13 -8.99 3.37
C PRO B 449 -6.81 -10.28 3.11
N VAL B 450 -6.13 -11.20 2.48
CA VAL B 450 -6.74 -12.47 2.18
C VAL B 450 -7.32 -13.14 3.41
N GLU B 451 -6.57 -13.14 4.50
CA GLU B 451 -6.98 -13.78 5.74
C GLU B 451 -8.31 -13.26 6.26
N LYS B 452 -8.52 -11.97 6.16
CA LYS B 452 -9.79 -11.41 6.56
C LYS B 452 -10.94 -11.86 5.64
N ARG B 453 -10.70 -11.92 4.35
CA ARG B 453 -11.76 -12.31 3.43
C ARG B 453 -12.16 -13.74 3.65
N VAL B 454 -11.16 -14.61 3.76
CA VAL B 454 -11.47 -15.95 4.09
C VAL B 454 -12.33 -16.03 5.35
N GLN B 455 -11.92 -15.35 6.41
CA GLN B 455 -12.61 -15.47 7.66
C GLN B 455 -14.01 -14.92 7.56
N LEU B 456 -14.17 -13.80 6.89
CA LEU B 456 -15.50 -13.22 6.78
C LEU B 456 -16.42 -14.15 6.02
N ALA B 457 -15.87 -14.84 5.04
CA ALA B 457 -16.66 -15.77 4.30
C ALA B 457 -16.97 -16.93 5.18
N LEU B 458 -15.95 -17.52 5.80
CA LEU B 458 -16.24 -18.66 6.68
C LEU B 458 -17.30 -18.27 7.76
N ASP B 459 -17.32 -17.02 8.19
CA ASP B 459 -18.24 -16.62 9.22
C ASP B 459 -19.64 -16.65 8.66
N ALA B 460 -19.85 -15.97 7.54
CA ALA B 460 -21.12 -16.10 6.80
C ALA B 460 -21.54 -17.54 6.49
N LEU B 461 -20.62 -18.42 6.09
CA LEU B 461 -21.05 -19.79 5.78
C LEU B 461 -21.44 -20.55 7.02
N LYS B 462 -20.85 -20.18 8.15
CA LYS B 462 -21.23 -20.76 9.42
C LYS B 462 -22.69 -20.40 9.72
N LYS B 463 -23.14 -19.22 9.34
CA LYS B 463 -24.52 -18.84 9.66
C LYS B 463 -25.47 -19.71 8.86
N ILE B 464 -25.05 -20.08 7.65
CA ILE B 464 -25.89 -20.84 6.74
C ILE B 464 -25.78 -22.33 7.01
N TYR B 465 -24.56 -22.78 7.35
CA TYR B 465 -24.31 -24.16 7.72
C TYR B 465 -23.75 -24.24 9.15
N PRO B 466 -24.60 -24.02 10.16
CA PRO B 466 -24.06 -23.94 11.52
C PRO B 466 -23.44 -25.26 12.03
N LYS B 467 -23.71 -26.37 11.35
CA LYS B 467 -23.15 -27.68 11.72
C LYS B 467 -22.03 -28.19 10.85
N THR B 468 -21.58 -27.43 9.87
CA THR B 468 -20.47 -27.90 9.05
C THR B 468 -19.16 -27.26 9.46
N ASP B 469 -18.13 -28.09 9.57
CA ASP B 469 -16.82 -27.64 9.99
C ASP B 469 -15.93 -27.53 8.75
N ILE B 470 -15.99 -26.40 8.08
CA ILE B 470 -15.33 -26.33 6.78
C ILE B 470 -13.85 -26.19 7.08
N ALA B 471 -13.56 -25.35 8.08
CA ALA B 471 -12.19 -25.03 8.44
C ALA B 471 -11.31 -26.26 8.70
N GLY B 472 -11.85 -27.26 9.35
CA GLY B 472 -11.12 -28.49 9.60
C GLY B 472 -10.85 -29.34 8.38
N HIS B 473 -11.34 -28.94 7.23
CA HIS B 473 -10.96 -29.62 6.00
C HIS B 473 -9.92 -28.88 5.16
N ILE B 474 -9.66 -27.62 5.52
CA ILE B 474 -8.86 -26.76 4.71
C ILE B 474 -7.38 -27.06 4.87
N ILE B 475 -6.73 -27.27 3.74
CA ILE B 475 -5.27 -27.38 3.62
C ILE B 475 -4.77 -26.40 2.57
N GLY B 476 -3.47 -26.07 2.61
CA GLY B 476 -2.93 -25.12 1.69
C GLY B 476 -3.13 -23.66 2.07
N ASP B 477 -2.82 -22.82 1.10
CA ASP B 477 -2.85 -21.41 1.28
C ASP B 477 -4.13 -20.85 0.66
N PRO B 478 -4.62 -19.74 1.19
CA PRO B 478 -5.83 -19.17 0.63
C PRO B 478 -5.46 -18.33 -0.56
N ILE B 479 -6.35 -18.25 -1.57
CA ILE B 479 -6.04 -17.48 -2.76
C ILE B 479 -7.20 -16.59 -3.12
N THR B 480 -6.88 -15.35 -3.35
CA THR B 480 -7.89 -14.36 -3.63
C THR B 480 -7.39 -13.47 -4.75
N ILE B 481 -8.31 -12.71 -5.32
CA ILE B 481 -7.94 -11.79 -6.34
C ILE B 481 -8.91 -10.70 -6.42
N SER B 482 -8.35 -9.50 -6.61
CA SER B 482 -9.11 -8.34 -6.96
C SER B 482 -8.43 -7.68 -8.15
N TRP B 483 -9.17 -7.55 -9.22
CA TRP B 483 -8.56 -7.28 -10.52
C TRP B 483 -8.21 -5.83 -10.69
N GLU B 484 -9.15 -4.94 -10.41
CA GLU B 484 -8.85 -3.50 -10.42
C GLU B 484 -7.59 -3.09 -9.67
N ALA B 485 -7.35 -3.80 -8.57
CA ALA B 485 -6.21 -3.54 -7.72
C ALA B 485 -4.90 -3.71 -8.44
N ASP B 486 -4.91 -4.42 -9.57
CA ASP B 486 -3.72 -4.57 -10.42
C ASP B 486 -3.60 -3.27 -11.20
N PRO B 487 -2.37 -2.84 -11.47
CA PRO B 487 -2.22 -1.61 -12.21
C PRO B 487 -2.38 -1.72 -13.76
N HIS B 488 -2.43 -2.93 -14.32
CA HIS B 488 -2.65 -3.13 -15.75
C HIS B 488 -4.09 -3.56 -16.06
N PHE B 489 -4.95 -3.47 -15.07
CA PHE B 489 -6.33 -3.76 -15.23
C PHE B 489 -7.15 -2.73 -14.45
N LEU B 490 -8.34 -2.49 -14.97
CA LEU B 490 -9.21 -1.47 -14.45
C LEU B 490 -10.42 -2.17 -13.84
N GLY B 491 -10.55 -3.46 -14.09
CA GLY B 491 -11.69 -4.19 -13.63
C GLY B 491 -11.59 -5.55 -14.21
N ALA B 492 -12.55 -6.40 -13.88
CA ALA B 492 -12.54 -7.77 -14.34
C ALA B 492 -12.85 -7.82 -15.84
N PHE B 493 -13.77 -6.97 -16.26
CA PHE B 493 -14.15 -6.81 -17.65
C PHE B 493 -15.05 -5.58 -17.72
N LYS B 494 -15.29 -5.08 -18.93
CA LYS B 494 -16.23 -3.99 -19.11
C LYS B 494 -17.67 -4.44 -18.92
N GLY B 495 -18.51 -3.49 -18.52
CA GLY B 495 -19.96 -3.64 -18.63
C GLY B 495 -20.49 -2.56 -19.54
N ALA B 496 -21.41 -2.91 -20.43
CA ALA B 496 -22.00 -1.93 -21.36
C ALA B 496 -23.00 -1.00 -20.66
N LEU B 497 -22.77 0.30 -20.76
CA LEU B 497 -23.72 1.27 -20.28
C LEU B 497 -24.81 1.52 -21.31
N PRO B 498 -26.01 1.94 -20.86
CA PRO B 498 -27.02 2.33 -21.80
C PRO B 498 -26.55 3.48 -22.63
N GLY B 499 -26.86 3.42 -23.89
CA GLY B 499 -26.45 4.41 -24.84
C GLY B 499 -25.09 4.17 -25.43
N HIS B 500 -24.45 3.06 -25.08
CA HIS B 500 -23.12 2.85 -25.53
C HIS B 500 -23.04 2.04 -26.79
N TYR B 501 -24.17 1.67 -27.37
CA TYR B 501 -24.13 0.84 -28.54
C TYR B 501 -23.27 1.47 -29.63
N ARG B 502 -23.50 2.77 -29.86
CA ARG B 502 -22.78 3.47 -30.89
C ARG B 502 -21.28 3.37 -30.68
N TYR B 503 -20.80 3.50 -29.40
CA TYR B 503 -19.33 3.45 -29.09
C TYR B 503 -18.73 2.11 -29.42
N ASN B 504 -19.43 1.09 -28.98
CA ASN B 504 -19.02 -0.26 -29.18
C ASN B 504 -19.04 -0.56 -30.70
N GLN B 505 -20.05 -0.05 -31.39
CA GLN B 505 -20.16 -0.26 -32.84
C GLN B 505 -18.92 0.33 -33.51
N ARG B 506 -18.56 1.61 -33.17
CA ARG B 506 -17.32 2.23 -33.78
C ARG B 506 -16.07 1.30 -33.56
N MET B 507 -15.91 0.84 -32.31
CA MET B 507 -14.78 0.04 -31.91
C MET B 507 -14.75 -1.35 -32.59
N TYR B 508 -15.90 -2.00 -32.66
CA TYR B 508 -15.97 -3.34 -33.27
C TYR B 508 -15.63 -3.28 -34.77
N ALA B 509 -15.94 -2.15 -35.42
CA ALA B 509 -15.70 -1.99 -36.83
C ALA B 509 -14.35 -1.37 -37.15
N HIS B 510 -13.60 -0.97 -36.13
CA HIS B 510 -12.32 -0.26 -36.29
C HIS B 510 -11.31 -1.03 -37.16
N PHE B 511 -11.45 -2.34 -37.10
CA PHE B 511 -10.61 -3.20 -37.97
C PHE B 511 -10.91 -2.99 -39.46
N MET B 512 -12.06 -2.40 -39.76
CA MET B 512 -12.43 -2.12 -41.15
C MET B 512 -12.00 -0.70 -41.57
N GLN B 513 -10.93 -0.69 -42.35
CA GLN B 513 -10.07 0.49 -42.45
C GLN B 513 -10.02 1.23 -43.80
N ALA B 514 -10.74 0.71 -44.76
CA ALA B 514 -10.75 1.26 -46.12
C ALA B 514 -11.20 2.74 -46.16
N GLN B 515 -12.05 3.18 -45.25
CA GLN B 515 -12.49 4.59 -45.18
C GLN B 515 -11.63 5.51 -44.27
N MET B 516 -10.55 4.99 -43.71
CA MET B 516 -9.86 5.74 -42.68
C MET B 516 -8.83 6.55 -43.36
N PRO B 517 -8.55 7.73 -42.79
CA PRO B 517 -7.34 8.46 -43.04
C PRO B 517 -6.11 7.56 -42.91
N VAL B 518 -5.19 7.66 -43.84
CA VAL B 518 -3.96 6.91 -43.81
C VAL B 518 -3.26 6.90 -42.42
N GLU B 519 -3.31 8.02 -41.70
CA GLU B 519 -2.59 8.16 -40.41
C GLU B 519 -3.29 7.42 -39.27
N GLN B 520 -4.54 7.01 -39.52
CA GLN B 520 -5.29 6.18 -38.60
C GLN B 520 -5.14 4.68 -38.91
N ARG B 521 -4.47 4.32 -40.00
CA ARG B 521 -4.43 2.94 -40.39
C ARG B 521 -3.22 2.12 -39.97
N GLY B 522 -3.49 0.85 -39.68
CA GLY B 522 -2.40 -0.10 -39.37
C GLY B 522 -2.28 -0.33 -37.89
N ILE B 523 -3.01 0.50 -37.13
CA ILE B 523 -3.26 0.19 -35.76
C ILE B 523 -4.62 -0.47 -35.64
N PHE B 524 -4.68 -1.49 -34.78
CA PHE B 524 -5.86 -2.35 -34.60
C PHE B 524 -6.07 -2.60 -33.11
N ILE B 525 -7.33 -2.85 -32.74
CA ILE B 525 -7.68 -3.14 -31.36
C ILE B 525 -8.44 -4.44 -31.37
N ALA B 526 -8.48 -5.10 -30.23
CA ALA B 526 -9.19 -6.31 -30.07
C ALA B 526 -9.29 -6.59 -28.60
N GLY B 527 -10.28 -7.40 -28.24
CA GLY B 527 -10.41 -7.95 -26.92
C GLY B 527 -11.73 -7.77 -26.27
N ASP B 528 -11.73 -8.12 -25.00
CA ASP B 528 -12.88 -8.03 -24.12
C ASP B 528 -13.65 -6.69 -24.26
N ASP B 529 -12.91 -5.60 -24.30
CA ASP B 529 -13.50 -4.26 -24.45
C ASP B 529 -14.12 -4.05 -25.82
N VAL B 530 -13.57 -4.73 -26.82
CA VAL B 530 -14.04 -4.56 -28.18
C VAL B 530 -15.29 -5.39 -28.42
N SER B 531 -15.47 -6.40 -27.59
CA SER B 531 -16.46 -7.39 -27.88
C SER B 531 -17.84 -6.86 -27.47
N TRP B 532 -18.89 -7.42 -28.07
CA TRP B 532 -20.28 -7.15 -27.69
C TRP B 532 -20.72 -7.95 -26.46
N THR B 533 -19.91 -8.93 -26.08
CA THR B 533 -20.24 -9.81 -24.93
C THR B 533 -19.12 -9.75 -23.90
N PRO B 534 -19.08 -8.64 -23.19
CA PRO B 534 -17.80 -8.42 -22.54
C PRO B 534 -17.36 -9.36 -21.43
N ALA B 535 -18.23 -10.09 -20.77
CA ALA B 535 -17.63 -10.98 -19.71
C ALA B 535 -17.32 -12.43 -20.19
N TRP B 536 -17.04 -12.62 -21.47
CA TRP B 536 -17.08 -13.97 -22.06
C TRP B 536 -16.03 -14.08 -23.09
N VAL B 537 -15.13 -15.04 -22.87
CA VAL B 537 -13.90 -15.14 -23.57
C VAL B 537 -14.03 -15.13 -25.08
N GLU B 538 -15.10 -15.73 -25.59
CA GLU B 538 -15.36 -15.89 -27.04
C GLU B 538 -15.38 -14.56 -27.78
N GLY B 539 -15.90 -13.52 -27.12
CA GLY B 539 -15.87 -12.18 -27.66
C GLY B 539 -14.47 -11.62 -27.84
N ALA B 540 -13.58 -11.88 -26.87
CA ALA B 540 -12.14 -11.67 -27.06
C ALA B 540 -11.57 -12.48 -28.23
N VAL B 541 -11.90 -13.74 -28.33
CA VAL B 541 -11.40 -14.52 -29.46
C VAL B 541 -11.94 -14.00 -30.77
N GLN B 542 -13.21 -13.69 -30.79
CA GLN B 542 -13.83 -13.28 -32.03
C GLN B 542 -13.27 -11.95 -32.54
N THR B 543 -13.13 -10.96 -31.63
CA THR B 543 -12.64 -9.67 -32.04
C THR B 543 -11.16 -9.79 -32.48
N SER B 544 -10.41 -10.68 -31.83
CA SER B 544 -9.03 -10.96 -32.22
C SER B 544 -8.99 -11.40 -33.65
N LEU B 545 -9.91 -12.29 -34.01
CA LEU B 545 -10.00 -12.82 -35.41
C LEU B 545 -10.41 -11.80 -36.41
N ASN B 546 -11.35 -10.93 -36.09
CA ASN B 546 -11.56 -9.78 -36.97
C ASN B 546 -10.26 -9.00 -37.23
N ALA B 547 -9.51 -8.78 -36.18
CA ALA B 547 -8.34 -7.97 -36.32
C ALA B 547 -7.24 -8.70 -37.12
N VAL B 548 -7.11 -10.01 -36.91
CA VAL B 548 -6.28 -10.84 -37.83
C VAL B 548 -6.62 -10.54 -39.30
N TRP B 549 -7.92 -10.54 -39.66
CA TRP B 549 -8.38 -10.22 -41.00
C TRP B 549 -7.93 -8.81 -41.41
N GLY B 550 -8.14 -7.86 -40.49
CA GLY B 550 -7.76 -6.46 -40.69
C GLY B 550 -6.28 -6.37 -40.98
N ILE B 551 -5.47 -7.14 -40.25
CA ILE B 551 -4.01 -7.03 -40.37
C ILE B 551 -3.51 -7.75 -41.63
N MET B 552 -4.13 -8.85 -41.96
CA MET B 552 -3.87 -9.55 -43.21
C MET B 552 -4.20 -8.65 -44.33
N ASN B 553 -5.40 -8.09 -44.32
CA ASN B 553 -5.74 -7.12 -45.35
C ASN B 553 -4.70 -5.97 -45.44
N HIS B 554 -4.25 -5.46 -44.30
CA HIS B 554 -3.30 -4.36 -44.29
C HIS B 554 -1.98 -4.74 -44.94
N PHE B 555 -1.56 -5.98 -44.78
CA PHE B 555 -0.33 -6.41 -45.41
C PHE B 555 -0.61 -6.77 -46.87
N GLY B 556 -1.74 -6.33 -47.43
CA GLY B 556 -2.11 -6.63 -48.83
C GLY B 556 -2.52 -8.06 -49.09
N GLY B 557 -2.90 -8.78 -48.06
CA GLY B 557 -3.22 -10.19 -48.18
C GLY B 557 -4.70 -10.34 -48.39
N LYS B 558 -5.16 -11.59 -48.59
CA LYS B 558 -6.58 -11.81 -48.63
C LYS B 558 -6.93 -13.22 -48.33
N THR B 559 -8.22 -13.40 -48.03
CA THR B 559 -8.71 -14.69 -47.68
C THR B 559 -8.85 -15.49 -48.95
N HIS B 560 -8.79 -16.77 -48.75
CA HIS B 560 -9.06 -17.72 -49.78
C HIS B 560 -10.50 -17.65 -50.29
N ALA B 561 -10.66 -17.70 -51.61
CA ALA B 561 -12.00 -17.59 -52.22
C ALA B 561 -13.03 -18.57 -51.66
N ASP B 562 -12.65 -19.78 -51.28
CA ASP B 562 -13.65 -20.66 -50.64
C ASP B 562 -13.79 -20.51 -49.11
N ASN B 563 -12.98 -19.65 -48.48
CA ASN B 563 -13.10 -19.41 -47.01
C ASN B 563 -13.10 -17.92 -46.62
N PRO B 564 -14.13 -17.19 -47.05
CA PRO B 564 -14.26 -15.74 -46.74
C PRO B 564 -14.20 -15.45 -45.26
N GLY B 565 -13.55 -14.33 -44.92
CA GLY B 565 -13.23 -13.97 -43.56
C GLY B 565 -14.08 -12.77 -43.13
N PRO B 566 -13.94 -12.35 -41.88
CA PRO B 566 -14.84 -11.31 -41.32
C PRO B 566 -15.02 -10.07 -42.19
N GLY B 567 -13.91 -9.52 -42.65
CA GLY B 567 -13.92 -8.28 -43.42
C GLY B 567 -14.48 -8.40 -44.84
N ASP B 568 -14.61 -9.64 -45.31
CA ASP B 568 -15.20 -9.96 -46.63
C ASP B 568 -16.74 -9.86 -46.60
N VAL B 569 -17.33 -10.06 -45.44
CA VAL B 569 -18.77 -10.05 -45.34
C VAL B 569 -19.30 -8.96 -44.40
N PHE B 570 -18.37 -8.22 -43.78
CA PHE B 570 -18.69 -7.32 -42.66
C PHE B 570 -19.62 -6.20 -43.07
N ASP B 571 -19.43 -5.65 -44.27
CA ASP B 571 -20.27 -4.56 -44.71
C ASP B 571 -21.70 -5.04 -44.98
N GLU B 572 -21.87 -6.29 -45.39
CA GLU B 572 -23.20 -6.86 -45.53
C GLU B 572 -23.96 -7.18 -44.22
N ILE B 573 -23.35 -7.98 -43.33
CA ILE B 573 -24.00 -8.54 -42.15
C ILE B 573 -23.47 -8.00 -40.79
N GLY B 574 -22.51 -7.12 -40.83
CA GLY B 574 -21.98 -6.56 -39.64
C GLY B 574 -22.93 -5.70 -38.83
N GLN B 575 -22.44 -5.34 -37.66
CA GLN B 575 -23.25 -4.59 -36.76
C GLN B 575 -23.85 -3.30 -37.40
N ILE B 576 -25.14 -3.16 -37.27
CA ILE B 576 -25.82 -1.98 -37.72
C ILE B 576 -25.29 -0.64 -37.09
N ALA B 577 -25.15 0.42 -37.88
CA ALA B 577 -24.82 1.76 -37.39
C ALA B 577 -26.06 2.61 -37.17
N LEU B 578 -26.20 3.23 -36.02
CA LEU B 578 -27.38 4.03 -35.71
C LEU B 578 -27.17 5.46 -36.12
N ALA B 579 -28.25 6.13 -36.48
CA ALA B 579 -28.13 7.50 -36.92
C ALA B 579 -27.99 8.39 -35.71
N ASP B 580 -27.49 9.58 -35.94
CA ASP B 580 -27.51 10.62 -34.95
C ASP B 580 -28.92 11.11 -34.63
N LYS C 32 -41.10 36.33 -3.59
CA LYS C 32 -41.61 34.93 -3.67
C LYS C 32 -41.09 34.02 -2.56
N LYS C 33 -41.94 33.10 -2.11
CA LYS C 33 -41.61 32.21 -1.00
C LYS C 33 -40.52 31.22 -1.43
N PRO C 34 -39.52 30.98 -0.56
CA PRO C 34 -38.35 30.25 -1.05
C PRO C 34 -38.55 28.74 -1.18
N ILE C 35 -37.83 28.17 -2.14
CA ILE C 35 -37.69 26.71 -2.22
C ILE C 35 -36.83 26.35 -1.02
N THR C 36 -37.18 25.28 -0.32
CA THR C 36 -36.39 24.75 0.77
C THR C 36 -36.45 23.26 0.65
N ILE C 37 -35.55 22.55 1.35
CA ILE C 37 -35.54 21.07 1.28
C ILE C 37 -36.63 20.57 2.22
N PHE C 38 -37.83 20.67 1.70
CA PHE C 38 -39.04 20.44 2.45
C PHE C 38 -39.70 19.22 1.87
N GLY C 39 -39.52 18.07 2.52
CA GLY C 39 -39.88 16.80 1.91
C GLY C 39 -39.05 16.57 0.63
N PRO C 40 -39.68 16.09 -0.42
CA PRO C 40 -41.12 15.81 -0.42
C PRO C 40 -41.50 14.64 0.48
N ASP C 41 -40.56 13.78 0.85
CA ASP C 41 -40.93 12.49 1.45
C ASP C 41 -41.44 12.66 2.87
N PHE C 42 -40.74 13.52 3.62
CA PHE C 42 -41.12 13.89 4.99
C PHE C 42 -41.13 15.39 5.18
N PRO C 43 -42.19 16.07 4.69
CA PRO C 43 -42.19 17.53 4.63
C PRO C 43 -42.46 18.05 6.01
N PHE C 44 -41.46 17.86 6.87
CA PHE C 44 -41.52 18.34 8.23
C PHE C 44 -40.68 19.60 8.27
N ALA C 45 -41.19 20.60 8.94
CA ALA C 45 -40.53 21.90 9.01
C ALA C 45 -39.42 21.81 10.07
N PHE C 46 -38.30 21.16 9.73
CA PHE C 46 -37.18 21.08 10.68
C PHE C 46 -36.71 22.49 11.09
N ASP C 47 -36.68 23.45 10.17
CA ASP C 47 -36.23 24.80 10.56
C ASP C 47 -37.07 25.38 11.72
N ASP C 48 -38.40 25.35 11.59
CA ASP C 48 -39.31 25.88 12.60
C ASP C 48 -39.11 25.15 13.94
N TRP C 49 -38.96 23.82 13.90
CA TRP C 49 -38.76 23.01 15.11
C TRP C 49 -37.51 23.40 15.88
N LEU C 50 -36.44 23.67 15.14
CA LEU C 50 -35.20 24.10 15.77
C LEU C 50 -35.33 25.48 16.35
N GLU C 51 -36.06 26.33 15.63
CA GLU C 51 -36.06 27.78 15.89
C GLU C 51 -36.99 28.13 17.06
N HIS C 52 -38.00 27.29 17.24
CA HIS C 52 -39.06 27.55 18.19
C HIS C 52 -38.44 27.79 19.55
N PRO C 53 -38.95 28.81 20.30
CA PRO C 53 -38.38 29.15 21.62
C PRO C 53 -38.62 28.13 22.73
N ALA C 54 -39.60 27.27 22.56
CA ALA C 54 -39.82 26.18 23.52
C ALA C 54 -38.79 25.05 23.52
N GLY C 55 -37.97 24.92 22.48
CA GLY C 55 -36.97 23.87 22.43
C GLY C 55 -37.54 22.52 22.04
N LEU C 56 -36.68 21.52 21.97
CA LEU C 56 -37.07 20.28 21.27
C LEU C 56 -37.79 19.32 22.16
N GLY C 57 -37.91 19.66 23.43
CA GLY C 57 -38.75 18.89 24.34
C GLY C 57 -38.01 18.58 25.61
N SER C 58 -38.34 17.46 26.23
CA SER C 58 -37.69 17.16 27.51
C SER C 58 -37.64 15.70 27.79
N ILE C 59 -36.79 15.39 28.77
CA ILE C 59 -36.60 14.06 29.28
C ILE C 59 -36.85 14.11 30.81
N PRO C 60 -37.42 13.05 31.39
CA PRO C 60 -37.61 13.00 32.84
C PRO C 60 -36.32 13.26 33.62
N ALA C 61 -36.39 14.17 34.58
CA ALA C 61 -35.24 14.57 35.37
C ALA C 61 -34.49 13.37 35.92
N ALA C 62 -35.21 12.29 36.26
CA ALA C 62 -34.57 11.04 36.69
C ALA C 62 -33.59 10.42 35.69
N ARG C 63 -33.60 10.87 34.43
CA ARG C 63 -32.71 10.32 33.39
C ARG C 63 -31.55 11.27 33.01
N HIS C 64 -31.60 12.52 33.49
CA HIS C 64 -30.60 13.53 33.23
C HIS C 64 -29.20 13.03 33.61
N GLY C 65 -28.21 13.40 32.79
CA GLY C 65 -26.82 12.96 32.98
C GLY C 65 -26.56 11.56 32.45
N GLU C 66 -27.61 10.81 32.13
CA GLU C 66 -27.43 9.47 31.62
C GLU C 66 -26.81 9.46 30.24
N GLU C 67 -26.08 8.42 29.93
CA GLU C 67 -25.26 8.44 28.73
C GLU C 67 -25.92 7.86 27.49
N VAL C 68 -25.60 8.45 26.34
CA VAL C 68 -26.00 7.89 25.05
C VAL C 68 -24.84 7.94 24.06
N ALA C 69 -24.55 6.77 23.49
CA ALA C 69 -23.41 6.58 22.64
C ALA C 69 -23.74 6.97 21.23
N ILE C 70 -22.75 7.56 20.55
CA ILE C 70 -22.91 8.03 19.18
C ILE C 70 -21.69 7.63 18.33
N VAL C 71 -21.92 6.77 17.35
CA VAL C 71 -20.84 6.31 16.54
C VAL C 71 -20.69 7.24 15.37
N GLY C 72 -19.63 8.05 15.42
CA GLY C 72 -19.30 8.98 14.36
C GLY C 72 -19.35 10.43 14.80
N ALA C 73 -18.36 11.21 14.41
CA ALA C 73 -18.30 12.64 14.70
C ALA C 73 -18.44 13.53 13.45
N GLY C 74 -19.28 13.09 12.56
CA GLY C 74 -19.64 13.88 11.40
C GLY C 74 -20.77 14.77 11.81
N ILE C 75 -21.39 15.40 10.83
CA ILE C 75 -22.42 16.38 11.06
C ILE C 75 -23.66 15.77 11.73
N ALA C 76 -24.09 14.61 11.25
CA ALA C 76 -25.23 13.95 11.86
C ALA C 76 -24.97 13.63 13.36
N GLY C 77 -23.78 13.09 13.64
CA GLY C 77 -23.39 12.64 14.94
C GLY C 77 -23.35 13.80 15.88
N LEU C 78 -22.71 14.87 15.45
CA LEU C 78 -22.54 16.01 16.34
C LEU C 78 -23.88 16.70 16.58
N VAL C 79 -24.70 16.84 15.56
CA VAL C 79 -25.97 17.52 15.69
C VAL C 79 -26.78 16.75 16.74
N ALA C 80 -26.87 15.45 16.56
CA ALA C 80 -27.66 14.63 17.46
C ALA C 80 -27.16 14.79 18.89
N ALA C 81 -25.83 14.68 19.07
CA ALA C 81 -25.19 14.86 20.39
C ALA C 81 -25.46 16.23 20.97
N TYR C 82 -25.32 17.29 20.18
CA TYR C 82 -25.51 18.66 20.70
C TYR C 82 -26.95 18.84 21.28
N GLU C 83 -27.95 18.36 20.56
CA GLU C 83 -29.33 18.51 21.00
C GLU C 83 -29.65 17.57 22.15
N LEU C 84 -29.08 16.39 22.14
CA LEU C 84 -29.32 15.46 23.24
C LEU C 84 -28.61 15.94 24.52
N MET C 85 -27.48 16.63 24.38
CA MET C 85 -26.87 17.32 25.52
C MET C 85 -27.82 18.38 26.05
N LYS C 86 -28.40 19.16 25.14
CA LYS C 86 -29.35 20.19 25.53
C LYS C 86 -30.57 19.64 26.25
N LEU C 87 -30.98 18.43 25.90
CA LEU C 87 -32.11 17.81 26.57
C LEU C 87 -31.70 17.20 27.89
N GLY C 88 -30.44 17.36 28.28
CA GLY C 88 -30.02 16.97 29.61
C GLY C 88 -29.36 15.62 29.71
N LEU C 89 -29.11 14.99 28.55
CA LEU C 89 -28.39 13.74 28.51
C LEU C 89 -26.90 14.07 28.39
N LYS C 90 -26.09 13.04 28.51
CA LYS C 90 -24.64 13.13 28.30
C LYS C 90 -24.30 12.27 27.12
N PRO C 91 -24.28 12.87 25.92
CA PRO C 91 -23.81 12.08 24.78
C PRO C 91 -22.31 11.72 24.87
N VAL C 92 -21.96 10.53 24.40
CA VAL C 92 -20.58 10.08 24.30
C VAL C 92 -20.34 9.72 22.84
N VAL C 93 -19.48 10.49 22.19
CA VAL C 93 -19.26 10.43 20.76
C VAL C 93 -17.96 9.64 20.48
N TYR C 94 -18.05 8.67 19.61
CA TYR C 94 -16.91 7.91 19.22
C TYR C 94 -16.51 8.30 17.76
N GLU C 95 -15.23 8.55 17.53
CA GLU C 95 -14.74 8.83 16.18
C GLU C 95 -13.48 8.02 15.90
N ALA C 96 -13.54 7.19 14.88
CA ALA C 96 -12.45 6.29 14.55
C ALA C 96 -11.31 6.97 13.78
N SER C 97 -11.56 8.13 13.23
CA SER C 97 -10.69 8.75 12.28
C SER C 97 -10.72 10.24 12.56
N LYS C 98 -11.26 11.00 11.64
CA LYS C 98 -11.16 12.46 11.71
C LYS C 98 -12.49 13.11 12.06
N MET C 99 -12.43 14.05 12.99
CA MET C 99 -13.59 14.80 13.33
C MET C 99 -14.09 15.57 12.14
N GLY C 100 -15.41 15.78 12.06
CA GLY C 100 -16.04 16.48 10.94
C GLY C 100 -16.53 15.54 9.86
N GLY C 101 -16.00 14.33 9.83
CA GLY C 101 -16.47 13.37 8.84
C GLY C 101 -16.31 13.94 7.47
N ARG C 102 -17.35 13.88 6.66
CA ARG C 102 -17.18 14.25 5.27
C ARG C 102 -17.31 15.72 5.03
N LEU C 103 -17.30 16.48 6.12
CA LEU C 103 -17.10 17.91 6.08
C LEU C 103 -15.67 18.17 6.49
N ARG C 104 -14.80 18.39 5.51
CA ARG C 104 -13.38 18.40 5.74
C ARG C 104 -12.71 19.51 4.96
N SER C 105 -12.02 20.39 5.70
CA SER C 105 -11.37 21.57 5.16
C SER C 105 -9.89 21.57 5.52
N GLN C 106 -9.03 21.23 4.56
CA GLN C 106 -7.59 21.17 4.79
C GLN C 106 -6.86 22.43 4.37
N ALA C 107 -5.98 22.87 5.25
CA ALA C 107 -5.19 24.08 5.04
C ALA C 107 -4.04 23.79 4.13
N PHE C 108 -3.69 24.75 3.29
CA PHE C 108 -2.49 24.62 2.46
C PHE C 108 -1.25 24.92 3.30
N ASN C 109 -0.11 24.41 2.87
CA ASN C 109 1.17 24.67 3.55
C ASN C 109 1.37 26.14 3.73
N GLY C 110 1.57 26.57 4.97
CA GLY C 110 2.21 27.87 5.22
C GLY C 110 1.36 29.11 5.10
N THR C 111 0.12 28.93 4.65
CA THR C 111 -0.86 30.02 4.60
C THR C 111 -1.71 30.05 5.85
N ASP C 112 -2.52 31.08 5.99
CA ASP C 112 -3.50 31.13 7.06
C ASP C 112 -4.90 31.25 6.42
N GLY C 113 -5.76 30.26 6.69
CA GLY C 113 -7.16 30.30 6.35
C GLY C 113 -7.44 30.13 4.88
N ILE C 114 -6.51 29.52 4.18
CA ILE C 114 -6.73 29.19 2.79
C ILE C 114 -6.84 27.69 2.72
N ILE C 115 -8.05 27.23 2.42
CA ILE C 115 -8.39 25.85 2.55
C ILE C 115 -8.85 25.20 1.25
N ALA C 116 -8.78 23.88 1.25
CA ALA C 116 -9.36 23.10 0.20
C ALA C 116 -10.52 22.29 0.84
N GLU C 117 -11.72 22.43 0.28
CA GLU C 117 -12.88 21.69 0.68
C GLU C 117 -12.87 20.27 0.12
N LEU C 118 -12.65 19.27 0.97
CA LEU C 118 -12.42 17.91 0.49
C LEU C 118 -13.68 17.06 0.39
N GLY C 119 -14.69 17.41 1.21
CA GLY C 119 -15.97 16.74 1.21
C GLY C 119 -16.97 17.72 0.66
N GLY C 120 -18.08 17.88 1.38
CA GLY C 120 -19.09 18.88 0.98
C GLY C 120 -18.44 20.24 0.80
N MET C 121 -18.78 20.94 -0.27
CA MET C 121 -18.24 22.29 -0.46
C MET C 121 -19.22 23.39 -0.87
N ARG C 122 -20.34 23.03 -1.47
CA ARG C 122 -21.34 24.00 -1.90
C ARG C 122 -22.67 23.64 -1.29
N PHE C 123 -23.26 24.58 -0.55
CA PHE C 123 -24.43 24.32 0.26
C PHE C 123 -25.67 25.13 -0.16
N PRO C 124 -26.58 24.46 -0.86
CA PRO C 124 -27.77 25.17 -1.35
C PRO C 124 -28.49 25.84 -0.21
N VAL C 125 -28.91 27.09 -0.45
CA VAL C 125 -29.63 27.88 0.54
C VAL C 125 -30.96 27.23 0.89
N SER C 126 -31.40 26.28 0.09
CA SER C 126 -32.60 25.56 0.46
C SER C 126 -32.37 24.65 1.68
N SER C 127 -31.11 24.59 2.16
CA SER C 127 -30.69 23.70 3.27
C SER C 127 -30.90 24.37 4.65
N THR C 128 -32.16 24.53 5.06
CA THR C 128 -32.42 25.44 6.21
C THR C 128 -32.00 24.89 7.57
N ALA C 129 -32.19 23.60 7.79
CA ALA C 129 -31.71 23.00 9.01
C ALA C 129 -30.19 23.11 9.08
N PHE C 130 -29.48 22.75 8.00
CA PHE C 130 -28.02 22.95 7.95
C PHE C 130 -27.66 24.39 8.30
N TYR C 131 -28.28 25.35 7.63
CA TYR C 131 -27.98 26.78 7.89
C TYR C 131 -28.34 27.29 9.30
N HIS C 132 -29.35 26.70 9.96
CA HIS C 132 -29.61 27.05 11.35
C HIS C 132 -28.34 26.97 12.21
N TYR C 133 -27.55 25.90 12.03
CA TYR C 133 -26.31 25.72 12.78
C TYR C 133 -25.17 26.62 12.29
N VAL C 134 -25.09 26.85 10.98
CA VAL C 134 -24.05 27.71 10.43
C VAL C 134 -24.20 29.05 11.11
N ASP C 135 -25.44 29.54 11.15
CA ASP C 135 -25.79 30.84 11.72
C ASP C 135 -25.60 30.90 13.22
N LYS C 136 -26.06 29.85 13.90
CA LYS C 136 -25.85 29.71 15.35
C LYS C 136 -24.38 29.88 15.75
N LEU C 137 -23.46 29.41 14.91
CA LEU C 137 -22.02 29.59 15.13
C LEU C 137 -21.47 30.92 14.60
N GLY C 138 -22.32 31.67 13.90
CA GLY C 138 -21.94 32.96 13.34
C GLY C 138 -20.90 32.92 12.25
N LEU C 139 -20.86 31.82 11.50
CA LEU C 139 -19.91 31.70 10.41
C LEU C 139 -20.34 32.53 9.22
N GLU C 140 -19.38 32.89 8.37
CA GLU C 140 -19.66 33.66 7.15
C GLU C 140 -19.71 32.74 5.92
N THR C 141 -20.55 33.11 4.93
CA THR C 141 -20.63 32.38 3.68
C THR C 141 -20.51 33.34 2.52
N LYS C 142 -20.25 32.78 1.33
CA LYS C 142 -20.29 33.51 0.08
C LYS C 142 -20.70 32.59 -1.09
N PRO C 143 -21.17 33.17 -2.20
CA PRO C 143 -21.70 32.33 -3.25
C PRO C 143 -20.64 31.47 -3.89
N PHE C 144 -21.02 30.25 -4.19
CA PHE C 144 -20.06 29.31 -4.72
C PHE C 144 -19.91 29.64 -6.18
N PRO C 145 -18.67 29.62 -6.67
CA PRO C 145 -18.43 29.95 -8.08
C PRO C 145 -18.86 28.80 -9.06
N ASN C 146 -20.17 28.56 -9.11
CA ASN C 146 -20.78 27.65 -10.06
C ASN C 146 -20.88 28.26 -11.45
N PRO C 147 -20.70 27.44 -12.50
CA PRO C 147 -20.76 27.98 -13.86
C PRO C 147 -22.04 28.75 -14.18
N LEU C 148 -21.89 29.83 -14.93
CA LEU C 148 -22.99 30.68 -15.38
C LEU C 148 -23.81 31.27 -14.25
N THR C 149 -23.14 31.64 -13.16
CA THR C 149 -23.79 32.31 -12.06
C THR C 149 -23.09 33.63 -11.91
N PRO C 150 -23.78 34.61 -11.29
CA PRO C 150 -23.07 35.85 -10.98
C PRO C 150 -21.70 35.61 -10.31
N ALA C 151 -21.59 34.65 -9.38
CA ALA C 151 -20.31 34.33 -8.72
C ALA C 151 -19.20 33.82 -9.64
N SER C 152 -19.48 33.48 -10.89
CA SER C 152 -18.45 32.99 -11.81
C SER C 152 -18.41 33.89 -13.03
N ARG C 153 -17.25 34.48 -13.31
CA ARG C 153 -17.17 35.47 -14.37
C ARG C 153 -17.41 34.82 -15.73
N SER C 154 -16.90 33.61 -15.91
CA SER C 154 -16.94 32.93 -17.18
C SER C 154 -16.81 31.42 -17.02
N THR C 155 -17.26 30.75 -18.07
CA THR C 155 -17.32 29.33 -18.10
C THR C 155 -16.86 28.92 -19.48
N VAL C 156 -16.14 27.81 -19.54
CA VAL C 156 -15.68 27.26 -20.77
C VAL C 156 -16.19 25.85 -20.78
N ILE C 157 -16.66 25.41 -21.95
CA ILE C 157 -17.18 24.06 -22.16
C ILE C 157 -16.25 23.40 -23.17
N ASP C 158 -15.73 22.23 -22.85
CA ASP C 158 -14.81 21.59 -23.77
C ASP C 158 -15.28 20.19 -24.17
N LEU C 159 -15.71 20.06 -25.42
CA LEU C 159 -16.30 18.80 -25.91
C LEU C 159 -15.78 18.42 -27.29
N GLU C 160 -15.48 17.14 -27.46
CA GLU C 160 -14.93 16.57 -28.71
C GLU C 160 -13.83 17.47 -29.29
N GLY C 161 -12.96 17.94 -28.41
CA GLY C 161 -11.84 18.76 -28.81
C GLY C 161 -12.18 20.17 -29.26
N GLN C 162 -13.44 20.58 -29.11
CA GLN C 162 -13.82 21.95 -29.40
C GLN C 162 -14.23 22.71 -28.15
N THR C 163 -13.90 24.00 -28.15
CA THR C 163 -14.06 24.84 -26.98
C THR C 163 -15.01 25.99 -27.19
N TYR C 164 -15.88 26.21 -26.20
CA TYR C 164 -16.88 27.28 -26.24
C TYR C 164 -16.75 28.17 -25.00
N TYR C 165 -16.69 29.48 -25.18
CA TYR C 165 -16.52 30.44 -24.09
C TYR C 165 -17.83 31.14 -23.88
N ALA C 166 -18.23 31.28 -22.63
CA ALA C 166 -19.49 31.96 -22.30
C ALA C 166 -19.36 32.75 -21.03
N GLU C 167 -19.80 33.99 -21.09
CA GLU C 167 -19.87 34.88 -19.94
C GLU C 167 -21.30 34.89 -19.37
N LYS C 168 -22.27 34.50 -20.18
CA LYS C 168 -23.65 34.31 -19.75
C LYS C 168 -24.20 33.19 -20.63
N ALA C 169 -25.28 32.53 -20.18
CA ALA C 169 -25.81 31.34 -20.87
C ALA C 169 -26.02 31.51 -22.37
N ALA C 170 -26.61 32.65 -22.74
CA ALA C 170 -26.97 32.90 -24.15
C ALA C 170 -25.78 32.82 -25.13
N ASP C 171 -24.58 33.19 -24.66
CA ASP C 171 -23.34 33.12 -25.49
C ASP C 171 -23.06 31.74 -26.01
N LEU C 172 -23.62 30.71 -25.38
CA LEU C 172 -23.35 29.34 -25.80
C LEU C 172 -24.11 28.99 -27.05
N PRO C 173 -23.57 28.06 -27.84
CA PRO C 173 -24.30 27.66 -29.02
C PRO C 173 -25.69 27.11 -28.73
N ALA C 174 -26.49 27.11 -29.79
CA ALA C 174 -27.90 26.80 -29.74
C ALA C 174 -28.18 25.45 -29.10
N LEU C 175 -27.31 24.47 -29.35
CA LEU C 175 -27.45 23.12 -28.81
C LEU C 175 -27.70 23.08 -27.32
N PHE C 176 -27.01 23.91 -26.59
CA PHE C 176 -27.14 23.89 -25.15
C PHE C 176 -28.52 24.34 -24.70
N GLN C 177 -29.08 25.33 -25.38
CA GLN C 177 -30.38 25.85 -25.00
C GLN C 177 -31.44 24.78 -25.28
N GLU C 178 -31.30 24.12 -26.42
CA GLU C 178 -32.18 23.03 -26.82
C GLU C 178 -32.16 21.93 -25.78
N VAL C 179 -30.98 21.73 -25.21
CA VAL C 179 -30.77 20.72 -24.18
C VAL C 179 -31.50 21.09 -22.93
N THR C 180 -31.47 22.35 -22.58
CA THR C 180 -32.15 22.64 -21.34
C THR C 180 -33.66 22.65 -21.52
N ASP C 181 -34.12 23.03 -22.71
CA ASP C 181 -35.54 23.12 -22.96
C ASP C 181 -36.10 21.75 -22.88
N ALA C 182 -35.38 20.79 -23.44
CA ALA C 182 -35.84 19.42 -23.34
C ALA C 182 -35.82 18.95 -21.89
N TRP C 183 -34.83 19.34 -21.13
CA TRP C 183 -34.75 18.92 -19.74
C TRP C 183 -35.94 19.50 -18.97
N ALA C 184 -36.11 20.80 -19.05
CA ALA C 184 -37.27 21.44 -18.43
C ALA C 184 -38.55 20.76 -18.88
N ASP C 185 -38.69 20.54 -20.18
CA ASP C 185 -39.89 19.90 -20.72
C ASP C 185 -40.07 18.45 -20.32
N ALA C 186 -38.95 17.76 -20.15
CA ALA C 186 -39.08 16.40 -19.68
C ALA C 186 -39.51 16.37 -18.22
N LEU C 187 -39.02 17.31 -17.41
CA LEU C 187 -39.41 17.30 -15.99
C LEU C 187 -40.89 17.66 -15.79
N GLU C 188 -41.41 18.57 -16.63
CA GLU C 188 -42.80 19.03 -16.52
C GLU C 188 -43.71 17.88 -16.88
N SER C 189 -43.47 17.34 -18.07
CA SER C 189 -44.20 16.16 -18.57
C SER C 189 -44.20 15.00 -17.59
N GLY C 190 -42.99 14.64 -17.11
CA GLY C 190 -42.76 13.40 -16.39
C GLY C 190 -42.84 13.45 -14.87
N ALA C 191 -42.90 14.66 -14.29
CA ALA C 191 -43.00 14.85 -12.85
C ALA C 191 -43.88 15.96 -12.28
N ARG C 192 -44.61 16.74 -13.08
CA ARG C 192 -45.38 17.88 -12.55
C ARG C 192 -44.50 18.78 -11.67
N PHE C 193 -43.30 19.03 -12.19
CA PHE C 193 -42.29 19.83 -11.55
C PHE C 193 -42.84 21.16 -11.00
N GLY C 194 -43.56 21.89 -11.83
CA GLY C 194 -44.05 23.21 -11.42
C GLY C 194 -45.02 23.13 -10.24
N ASP C 195 -45.95 22.17 -10.27
CA ASP C 195 -46.91 22.02 -9.15
C ASP C 195 -46.17 21.65 -7.87
N ILE C 196 -45.25 20.70 -7.99
CA ILE C 196 -44.41 20.30 -6.88
C ILE C 196 -43.64 21.50 -6.28
N GLN C 197 -42.99 22.30 -7.11
CA GLN C 197 -42.17 23.39 -6.60
C GLN C 197 -43.04 24.43 -5.88
N GLN C 198 -44.24 24.64 -6.42
CA GLN C 198 -45.22 25.55 -5.83
C GLN C 198 -45.71 25.06 -4.46
N ALA C 199 -45.99 23.77 -4.37
CA ALA C 199 -46.40 23.17 -3.13
C ALA C 199 -45.28 23.23 -2.05
N ILE C 200 -44.02 23.18 -2.50
CA ILE C 200 -42.86 23.31 -1.58
C ILE C 200 -42.72 24.77 -1.06
N ARG C 201 -42.81 25.72 -1.99
CA ARG C 201 -42.82 27.13 -1.66
C ARG C 201 -43.89 27.49 -0.61
N ASP C 202 -45.12 27.01 -0.81
CA ASP C 202 -46.25 27.41 0.08
C ASP C 202 -46.36 26.48 1.27
N ARG C 203 -45.51 25.46 1.26
CA ARG C 203 -45.47 24.46 2.30
C ARG C 203 -46.86 23.83 2.45
N ASP C 204 -47.45 23.57 1.29
CA ASP C 204 -48.71 22.89 1.18
C ASP C 204 -48.53 21.34 1.28
N VAL C 205 -48.56 20.84 2.51
CA VAL C 205 -48.28 19.45 2.76
C VAL C 205 -49.21 18.44 2.04
N PRO C 206 -50.55 18.61 2.17
CA PRO C 206 -51.41 17.60 1.52
C PRO C 206 -51.16 17.56 0.00
N ARG C 207 -51.02 18.75 -0.58
CA ARG C 207 -50.77 18.88 -1.99
C ARG C 207 -49.42 18.23 -2.38
N LEU C 208 -48.37 18.55 -1.62
CA LEU C 208 -47.04 18.04 -1.88
C LEU C 208 -46.99 16.51 -1.82
N LYS C 209 -47.66 15.94 -0.83
CA LYS C 209 -47.71 14.49 -0.69
C LYS C 209 -48.56 13.76 -1.73
N GLU C 210 -49.59 14.46 -2.22
CA GLU C 210 -50.49 13.95 -3.27
C GLU C 210 -49.66 13.85 -4.54
N LEU C 211 -49.01 14.93 -4.89
CA LEU C 211 -48.13 14.94 -6.05
C LEU C 211 -46.99 13.97 -5.95
N TRP C 212 -46.25 14.03 -4.84
CA TRP C 212 -45.08 13.17 -4.67
C TRP C 212 -45.49 11.71 -4.56
N ASN C 213 -46.60 11.41 -3.90
CA ASN C 213 -46.94 10.01 -3.69
C ASN C 213 -47.38 9.31 -4.95
N THR C 214 -47.84 10.06 -5.94
CA THR C 214 -48.23 9.42 -7.17
C THR C 214 -46.97 9.11 -7.98
N LEU C 215 -45.94 9.93 -7.85
CA LEU C 215 -44.63 9.69 -8.48
C LEU C 215 -43.79 8.53 -7.92
N VAL C 216 -43.85 8.30 -6.60
CA VAL C 216 -43.02 7.28 -5.98
C VAL C 216 -43.12 5.91 -6.68
N PRO C 217 -44.34 5.34 -6.75
CA PRO C 217 -44.43 3.99 -7.40
C PRO C 217 -44.24 4.02 -8.88
N LEU C 218 -44.17 5.18 -9.48
CA LEU C 218 -44.03 5.25 -10.92
C LEU C 218 -42.61 5.38 -11.30
N TRP C 219 -41.77 5.99 -10.45
CA TRP C 219 -40.34 6.20 -10.76
C TRP C 219 -39.33 5.48 -9.91
N ASP C 220 -39.75 4.94 -8.78
CA ASP C 220 -38.82 4.20 -7.91
C ASP C 220 -37.86 3.34 -8.70
N ASP C 221 -38.41 2.43 -9.48
CA ASP C 221 -37.59 1.39 -10.11
C ASP C 221 -37.28 1.69 -11.57
N ARG C 222 -37.16 2.96 -11.89
CA ARG C 222 -36.60 3.33 -13.16
C ARG C 222 -35.44 4.30 -12.93
N THR C 223 -34.41 4.17 -13.74
CA THR C 223 -33.23 5.01 -13.68
C THR C 223 -33.44 6.33 -14.42
N PHE C 224 -32.50 7.23 -14.19
CA PHE C 224 -32.47 8.50 -14.89
C PHE C 224 -32.25 8.24 -16.42
N TYR C 225 -31.45 7.24 -16.74
CA TYR C 225 -31.26 6.83 -18.13
C TYR C 225 -32.59 6.58 -18.82
N ASP C 226 -33.46 5.83 -18.18
CA ASP C 226 -34.75 5.54 -18.76
C ASP C 226 -35.67 6.74 -18.82
N PHE C 227 -35.54 7.63 -17.88
CA PHE C 227 -36.23 8.89 -17.95
C PHE C 227 -35.93 9.57 -19.30
N VAL C 228 -34.64 9.73 -19.56
CA VAL C 228 -34.19 10.43 -20.75
C VAL C 228 -34.50 9.61 -22.00
N ALA C 229 -34.35 8.29 -21.89
CA ALA C 229 -34.59 7.45 -23.04
C ALA C 229 -36.04 7.55 -23.49
N THR C 230 -36.96 7.41 -22.54
CA THR C 230 -38.38 7.47 -22.85
C THR C 230 -39.00 8.86 -22.83
N SER C 231 -38.25 9.95 -22.66
CA SER C 231 -38.91 11.28 -22.72
C SER C 231 -39.07 11.76 -24.17
N LYS C 232 -40.28 12.20 -24.52
CA LYS C 232 -40.55 12.78 -25.86
C LYS C 232 -39.50 13.86 -26.26
N ALA C 233 -39.33 14.83 -25.37
CA ALA C 233 -38.40 15.93 -25.63
C ALA C 233 -36.97 15.43 -26.01
N PHE C 234 -36.42 14.46 -25.28
CA PHE C 234 -35.03 14.01 -25.60
C PHE C 234 -34.98 13.16 -26.84
N ALA C 235 -36.03 12.37 -27.03
CA ALA C 235 -36.12 11.44 -28.14
C ALA C 235 -35.97 12.20 -29.45
N LYS C 236 -36.68 13.30 -29.60
CA LYS C 236 -36.62 14.06 -30.85
C LYS C 236 -35.28 14.76 -31.08
N LEU C 237 -34.42 14.78 -30.07
CA LEU C 237 -33.14 15.41 -30.21
C LEU C 237 -32.14 14.39 -30.70
N SER C 238 -30.96 14.87 -31.05
CA SER C 238 -29.95 14.01 -31.55
C SER C 238 -29.28 13.28 -30.40
N PHE C 239 -28.53 12.24 -30.78
CA PHE C 239 -27.75 11.48 -29.84
C PHE C 239 -26.66 12.33 -29.22
N GLN C 240 -26.05 13.14 -30.06
CA GLN C 240 -25.15 14.18 -29.58
C GLN C 240 -25.78 15.11 -28.49
N HIS C 241 -27.07 15.46 -28.60
CA HIS C 241 -27.73 16.21 -27.52
C HIS C 241 -27.70 15.48 -26.17
N ARG C 242 -28.10 14.22 -26.17
CA ARG C 242 -28.08 13.37 -24.95
C ARG C 242 -26.64 13.24 -24.40
N GLU C 243 -25.72 12.89 -25.29
CA GLU C 243 -24.30 12.82 -24.99
C GLU C 243 -23.83 14.07 -24.21
N VAL C 244 -24.06 15.24 -24.80
CA VAL C 244 -23.72 16.52 -24.16
C VAL C 244 -24.41 16.69 -22.80
N PHE C 245 -25.72 16.37 -22.74
CA PHE C 245 -26.48 16.46 -21.50
C PHE C 245 -25.75 15.65 -20.40
N GLY C 246 -25.33 14.43 -20.73
CA GLY C 246 -24.51 13.60 -19.82
C GLY C 246 -23.22 14.25 -19.35
N GLN C 247 -22.47 14.87 -20.27
CA GLN C 247 -21.16 15.38 -19.91
C GLN C 247 -21.21 16.69 -19.11
N VAL C 248 -21.95 17.67 -19.61
CA VAL C 248 -21.99 19.03 -19.03
C VAL C 248 -23.40 19.55 -18.81
N GLY C 249 -24.40 18.71 -19.10
CA GLY C 249 -25.80 19.12 -19.01
C GLY C 249 -26.12 20.17 -20.07
N PHE C 250 -26.69 21.29 -19.64
CA PHE C 250 -26.88 22.41 -20.56
C PHE C 250 -25.84 23.46 -20.32
N GLY C 251 -24.73 23.07 -19.67
CA GLY C 251 -23.59 23.96 -19.53
C GLY C 251 -23.37 24.40 -18.09
N THR C 252 -24.08 23.81 -17.15
CA THR C 252 -23.87 24.16 -15.76
C THR C 252 -23.43 23.01 -14.92
N GLY C 253 -23.02 21.91 -15.55
CA GLY C 253 -22.79 20.66 -14.83
C GLY C 253 -23.57 19.51 -15.45
N GLY C 254 -22.86 18.39 -15.65
CA GLY C 254 -23.44 17.19 -16.22
C GLY C 254 -24.12 16.19 -15.28
N TRP C 255 -24.56 15.07 -15.84
CA TRP C 255 -25.48 14.19 -15.19
C TRP C 255 -25.10 12.69 -15.32
N ASP C 256 -24.02 12.34 -15.96
CA ASP C 256 -23.80 10.94 -16.33
C ASP C 256 -23.45 10.02 -15.16
N SER C 257 -22.88 10.62 -14.11
CA SER C 257 -22.69 9.92 -12.84
C SER C 257 -24.01 9.59 -12.14
N ASP C 258 -25.06 10.37 -12.43
CA ASP C 258 -26.40 10.21 -11.80
C ASP C 258 -27.40 9.37 -12.63
N PHE C 259 -27.05 9.12 -13.88
CA PHE C 259 -27.87 8.32 -14.78
C PHE C 259 -28.29 6.94 -14.21
N PRO C 260 -27.39 6.18 -13.57
CA PRO C 260 -27.79 4.88 -12.99
C PRO C 260 -28.75 4.97 -11.81
N ASN C 261 -28.97 6.16 -11.28
CA ASN C 261 -29.77 6.30 -10.11
C ASN C 261 -31.22 6.24 -10.36
N SER C 262 -31.93 5.72 -9.39
CA SER C 262 -33.34 5.90 -9.34
C SER C 262 -33.72 7.30 -9.72
N MET C 263 -34.66 7.41 -10.62
CA MET C 263 -35.13 8.75 -11.01
C MET C 263 -35.75 9.59 -9.85
N LEU C 264 -36.33 8.93 -8.85
CA LEU C 264 -36.83 9.58 -7.66
C LEU C 264 -35.78 10.41 -6.95
N GLU C 265 -34.55 9.91 -6.89
CA GLU C 265 -33.45 10.66 -6.29
C GLU C 265 -33.21 11.97 -7.04
N ILE C 266 -33.17 11.85 -8.34
CA ILE C 266 -32.87 13.01 -9.15
C ILE C 266 -33.98 14.05 -8.96
N PHE C 267 -35.24 13.59 -8.91
CA PHE C 267 -36.37 14.47 -8.72
C PHE C 267 -36.19 15.25 -7.45
N ARG C 268 -35.93 14.58 -6.35
CA ARG C 268 -35.73 15.24 -5.09
C ARG C 268 -34.69 16.35 -5.18
N VAL C 269 -33.59 16.09 -5.91
CA VAL C 269 -32.50 17.05 -6.07
C VAL C 269 -32.94 18.30 -6.84
N VAL C 270 -33.59 18.11 -7.97
CA VAL C 270 -33.90 19.30 -8.75
C VAL C 270 -35.09 20.05 -8.15
N MET C 271 -36.04 19.31 -7.59
CA MET C 271 -37.24 19.90 -7.02
C MET C 271 -36.94 20.85 -5.87
N THR C 272 -35.96 20.49 -5.06
CA THR C 272 -35.66 21.22 -3.83
C THR C 272 -34.51 22.19 -4.08
N ASN C 273 -34.23 22.42 -5.37
CA ASN C 273 -33.22 23.37 -5.85
C ASN C 273 -31.84 23.10 -5.22
N CYS C 274 -31.54 21.83 -4.88
CA CYS C 274 -30.25 21.51 -4.27
C CYS C 274 -29.11 21.93 -5.22
N ASP C 275 -29.40 21.99 -6.52
CA ASP C 275 -28.37 22.16 -7.55
C ASP C 275 -28.07 23.63 -7.97
N ASP C 276 -28.71 24.62 -7.32
CA ASP C 276 -28.46 26.06 -7.60
C ASP C 276 -28.50 26.95 -6.34
N HIS C 277 -28.16 28.24 -6.49
CA HIS C 277 -28.03 29.24 -5.38
C HIS C 277 -27.26 28.78 -4.14
N GLN C 278 -26.08 28.21 -4.40
CA GLN C 278 -25.29 27.54 -3.38
C GLN C 278 -24.18 28.44 -2.80
N HIS C 279 -23.87 28.22 -1.53
CA HIS C 279 -22.83 28.96 -0.88
C HIS C 279 -21.78 28.04 -0.31
N LEU C 280 -20.54 28.52 -0.28
CA LEU C 280 -19.42 27.94 0.44
C LEU C 280 -19.27 28.64 1.80
N VAL C 281 -18.60 27.99 2.74
CA VAL C 281 -18.39 28.55 4.07
C VAL C 281 -17.00 29.13 4.09
N VAL C 282 -16.89 30.40 4.50
CA VAL C 282 -15.63 31.12 4.38
C VAL C 282 -14.67 30.57 5.43
N GLY C 283 -13.51 30.09 4.96
CA GLY C 283 -12.48 29.50 5.84
C GLY C 283 -12.73 28.04 6.17
N GLY C 284 -13.80 27.47 5.58
CA GLY C 284 -13.98 26.03 5.56
C GLY C 284 -15.22 25.57 6.31
N VAL C 285 -15.96 24.67 5.69
CA VAL C 285 -17.19 24.14 6.31
C VAL C 285 -16.91 23.23 7.48
N GLU C 286 -15.66 22.78 7.59
CA GLU C 286 -15.25 22.00 8.74
C GLU C 286 -15.49 22.78 10.01
N GLN C 287 -15.51 24.11 9.92
CA GLN C 287 -15.83 24.93 11.11
C GLN C 287 -17.21 24.63 11.71
N VAL C 288 -18.11 24.06 10.94
CA VAL C 288 -19.42 23.74 11.47
C VAL C 288 -19.33 22.60 12.51
N PRO C 289 -18.85 21.42 12.11
CA PRO C 289 -18.74 20.41 13.17
C PRO C 289 -17.80 20.80 14.34
N GLN C 290 -16.66 21.41 14.02
CA GLN C 290 -15.67 21.76 15.01
C GLN C 290 -16.27 22.74 15.96
N GLY C 291 -17.12 23.62 15.43
CA GLY C 291 -17.78 24.66 16.24
C GLY C 291 -18.93 24.13 17.11
N ILE C 292 -19.71 23.22 16.55
CA ILE C 292 -20.77 22.59 17.33
C ILE C 292 -20.12 21.98 18.55
N TRP C 293 -18.97 21.35 18.30
CA TRP C 293 -18.23 20.65 19.34
C TRP C 293 -17.91 21.52 20.52
N ARG C 294 -17.61 22.79 20.24
CA ARG C 294 -17.14 23.74 21.24
C ARG C 294 -18.24 24.67 21.70
N HIS C 295 -19.37 24.67 21.00
CA HIS C 295 -20.39 25.70 21.26
C HIS C 295 -21.12 25.51 22.59
N VAL C 296 -21.13 26.58 23.40
CA VAL C 296 -21.90 26.60 24.64
C VAL C 296 -23.33 27.11 24.39
N PRO C 297 -24.33 26.26 24.57
CA PRO C 297 -25.66 26.75 24.29
C PRO C 297 -26.06 27.78 25.35
N GLU C 298 -26.97 28.67 25.00
CA GLU C 298 -27.46 29.62 25.99
C GLU C 298 -28.29 28.87 27.06
N ARG C 299 -29.13 27.93 26.66
CA ARG C 299 -29.90 27.13 27.62
C ARG C 299 -29.59 25.61 27.61
N CYS C 300 -29.37 25.08 28.80
CA CYS C 300 -29.09 23.68 29.05
C CYS C 300 -30.12 23.12 30.02
N ALA C 301 -30.59 21.91 29.76
CA ALA C 301 -31.25 21.11 30.80
C ALA C 301 -30.14 20.42 31.57
N HIS C 302 -30.30 20.32 32.89
CA HIS C 302 -29.37 19.60 33.78
C HIS C 302 -27.96 20.16 33.89
N TRP C 303 -27.33 20.55 32.77
CA TRP C 303 -25.90 20.90 32.77
C TRP C 303 -25.60 22.32 33.24
N PRO C 304 -24.44 22.48 33.90
CA PRO C 304 -23.99 23.80 34.35
C PRO C 304 -23.66 24.76 33.24
N GLU C 305 -23.76 26.06 33.55
CA GLU C 305 -23.22 27.15 32.75
C GLU C 305 -21.90 26.75 32.11
N GLY C 306 -21.79 26.94 30.80
CA GLY C 306 -20.53 26.78 30.09
C GLY C 306 -20.28 25.37 29.65
N THR C 307 -21.28 24.50 29.74
CA THR C 307 -21.11 23.11 29.30
C THR C 307 -21.14 23.03 27.75
N SER C 308 -20.18 22.31 27.18
CA SER C 308 -20.14 22.02 25.76
C SER C 308 -19.92 20.54 25.57
N LEU C 309 -20.23 20.04 24.38
CA LEU C 309 -19.85 18.69 24.04
C LEU C 309 -18.39 18.46 24.46
N SER C 310 -17.52 19.44 24.21
CA SER C 310 -16.09 19.32 24.48
C SER C 310 -15.84 19.11 25.98
N SER C 311 -16.44 19.95 26.80
CA SER C 311 -16.21 19.84 28.23
C SER C 311 -16.72 18.47 28.69
N LEU C 312 -17.91 18.06 28.23
CA LEU C 312 -18.44 16.72 28.61
C LEU C 312 -17.51 15.53 28.23
N HIS C 313 -16.72 15.68 27.20
CA HIS C 313 -15.75 14.65 26.81
C HIS C 313 -14.32 14.86 27.30
N GLY C 314 -14.04 16.01 27.94
CA GLY C 314 -12.65 16.35 28.30
C GLY C 314 -11.86 16.74 27.06
N GLY C 315 -12.58 17.18 26.03
CA GLY C 315 -11.96 17.78 24.85
C GLY C 315 -12.13 17.03 23.55
N ALA C 316 -12.21 15.70 23.57
CA ALA C 316 -12.27 14.91 22.34
C ALA C 316 -13.23 13.73 22.43
N PRO C 317 -13.75 13.30 21.27
CA PRO C 317 -14.60 12.11 21.21
C PRO C 317 -13.79 10.94 21.54
N ARG C 318 -14.44 9.85 21.93
CA ARG C 318 -13.74 8.57 22.16
C ARG C 318 -13.22 8.02 20.84
N THR C 319 -12.34 7.04 20.87
CA THR C 319 -11.74 6.50 19.66
C THR C 319 -12.76 5.64 18.89
N GLY C 320 -12.31 4.88 17.90
CA GLY C 320 -13.24 4.08 17.08
C GLY C 320 -13.99 2.96 17.80
N VAL C 321 -15.18 2.63 17.30
CA VAL C 321 -15.98 1.57 17.85
C VAL C 321 -15.59 0.28 17.16
N LYS C 322 -15.34 -0.72 17.97
CA LYS C 322 -14.96 -1.97 17.46
C LYS C 322 -16.11 -2.96 17.53
N ARG C 323 -16.93 -2.88 18.56
CA ARG C 323 -17.97 -3.88 18.74
C ARG C 323 -19.23 -3.29 19.33
N ILE C 324 -20.40 -3.69 18.81
CA ILE C 324 -21.69 -3.28 19.43
C ILE C 324 -22.55 -4.52 19.68
N ALA C 325 -22.95 -4.70 20.95
CA ALA C 325 -23.59 -5.97 21.40
C ALA C 325 -24.71 -5.70 22.38
N ARG C 326 -25.65 -6.64 22.48
CA ARG C 326 -26.75 -6.53 23.46
C ARG C 326 -26.18 -7.12 24.74
N ALA C 327 -26.12 -6.34 25.80
CA ALA C 327 -25.59 -6.87 27.06
C ALA C 327 -26.68 -7.72 27.73
N SER C 328 -26.25 -8.57 28.65
CA SER C 328 -27.16 -9.46 29.36
C SER C 328 -28.21 -8.69 30.21
N ASP C 329 -27.88 -7.51 30.78
CA ASP C 329 -28.83 -6.67 31.56
C ASP C 329 -29.87 -5.90 30.71
N GLY C 330 -29.94 -6.16 29.40
CA GLY C 330 -30.79 -5.35 28.47
C GLY C 330 -30.09 -4.24 27.66
N ARG C 331 -29.03 -3.67 28.23
CA ARG C 331 -28.40 -2.47 27.64
C ARG C 331 -27.48 -2.82 26.46
N LEU C 332 -26.89 -1.78 25.87
CA LEU C 332 -26.02 -2.00 24.72
C LEU C 332 -24.58 -1.85 25.11
N ALA C 333 -23.78 -2.80 24.68
CA ALA C 333 -22.35 -2.78 25.02
C ALA C 333 -21.58 -2.23 23.83
N VAL C 334 -20.86 -1.13 24.05
CA VAL C 334 -20.03 -0.55 23.02
C VAL C 334 -18.59 -0.66 23.46
N THR C 335 -17.83 -1.48 22.72
CA THR C 335 -16.43 -1.65 23.00
C THR C 335 -15.61 -0.91 21.96
N ASP C 336 -14.64 -0.13 22.41
CA ASP C 336 -13.81 0.66 21.49
C ASP C 336 -12.53 -0.05 21.07
N ASN C 337 -11.75 0.58 20.20
CA ASN C 337 -10.59 -0.08 19.61
C ASN C 337 -9.59 -0.56 20.62
N TRP C 338 -9.57 0.10 21.75
CA TRP C 338 -8.66 -0.25 22.82
C TRP C 338 -9.28 -1.14 23.92
N GLY C 339 -10.40 -1.80 23.62
CA GLY C 339 -11.01 -2.79 24.52
C GLY C 339 -11.81 -2.25 25.68
N ASP C 340 -11.97 -0.93 25.77
CA ASP C 340 -12.77 -0.29 26.81
C ASP C 340 -14.22 -0.52 26.44
N CYS C 341 -14.95 -1.22 27.31
CA CYS C 341 -16.33 -1.61 27.08
C CYS C 341 -17.23 -0.74 27.94
N ARG C 342 -18.27 -0.16 27.35
CA ARG C 342 -19.25 0.65 28.10
C ARG C 342 -20.72 0.34 27.74
N HIS C 343 -21.58 0.62 28.70
CA HIS C 343 -22.98 0.20 28.64
C HIS C 343 -23.86 1.41 28.50
N TYR C 344 -24.78 1.33 27.55
CA TYR C 344 -25.66 2.45 27.24
C TYR C 344 -27.10 1.94 27.09
N ALA C 345 -28.04 2.82 27.43
CA ALA C 345 -29.44 2.52 27.18
C ALA C 345 -29.76 2.75 25.72
N ALA C 346 -29.01 3.66 25.06
CA ALA C 346 -29.20 3.89 23.60
C ALA C 346 -27.91 4.13 22.88
N VAL C 347 -27.93 3.81 21.59
CA VAL C 347 -26.80 4.00 20.72
C VAL C 347 -27.27 4.56 19.40
N LEU C 348 -26.63 5.63 18.94
CA LEU C 348 -26.85 6.13 17.59
C LEU C 348 -25.64 5.84 16.69
N THR C 349 -25.82 5.14 15.58
CA THR C 349 -24.73 5.00 14.60
C THR C 349 -24.90 5.91 13.41
N THR C 350 -23.82 6.52 12.98
CA THR C 350 -23.84 7.31 11.77
C THR C 350 -22.75 6.96 10.83
N CYS C 351 -22.02 5.88 11.07
CA CYS C 351 -21.02 5.46 10.09
C CYS C 351 -21.69 4.87 8.84
N GLN C 352 -21.03 4.89 7.71
CA GLN C 352 -21.65 4.35 6.53
C GLN C 352 -22.03 2.87 6.73
N SER C 353 -23.18 2.51 6.17
CA SER C 353 -23.90 1.30 6.53
C SER C 353 -23.11 0.01 6.44
N TRP C 354 -22.27 -0.16 5.41
CA TRP C 354 -21.47 -1.40 5.30
C TRP C 354 -20.52 -1.68 6.45
N LEU C 355 -20.21 -0.66 7.24
CA LEU C 355 -19.22 -0.82 8.31
C LEU C 355 -19.81 -1.67 9.45
N LEU C 356 -21.12 -1.57 9.64
CA LEU C 356 -21.82 -2.35 10.65
C LEU C 356 -21.67 -3.86 10.39
N THR C 357 -21.59 -4.21 9.14
CA THR C 357 -21.67 -5.59 8.75
C THR C 357 -20.28 -6.13 8.39
N THR C 358 -19.27 -5.27 8.31
CA THR C 358 -17.89 -5.77 8.09
C THR C 358 -16.98 -5.23 9.19
N GLN C 359 -16.72 -3.93 9.19
CA GLN C 359 -15.70 -3.42 10.10
C GLN C 359 -16.08 -3.38 11.57
N ILE C 360 -17.34 -3.17 11.89
CA ILE C 360 -17.77 -3.26 13.27
C ILE C 360 -18.33 -4.66 13.48
N ASP C 361 -18.02 -5.26 14.61
CA ASP C 361 -18.75 -6.44 15.02
C ASP C 361 -20.06 -5.98 15.68
N CYS C 362 -21.12 -5.87 14.87
CA CYS C 362 -22.45 -5.42 15.30
C CYS C 362 -23.37 -6.59 15.21
N GLU C 363 -23.67 -7.09 16.40
CA GLU C 363 -24.54 -8.22 16.69
C GLU C 363 -25.84 -8.20 15.87
N GLU C 364 -26.17 -9.37 15.32
CA GLU C 364 -27.24 -9.54 14.36
C GLU C 364 -28.59 -9.26 14.96
N SER C 365 -28.78 -9.66 16.21
CA SER C 365 -30.07 -9.45 16.88
C SER C 365 -30.47 -7.98 17.01
N LEU C 366 -29.54 -7.05 16.82
CA LEU C 366 -29.83 -5.63 17.00
C LEU C 366 -30.65 -5.04 15.86
N PHE C 367 -30.71 -5.73 14.73
CA PHE C 367 -31.51 -5.27 13.61
C PHE C 367 -32.40 -6.37 13.01
N SER C 368 -33.57 -6.01 12.51
CA SER C 368 -34.43 -7.05 11.94
C SER C 368 -33.76 -7.52 10.70
N GLN C 369 -34.20 -8.66 10.22
CA GLN C 369 -33.60 -9.22 9.02
C GLN C 369 -33.80 -8.29 7.79
N LYS C 370 -34.92 -7.55 7.73
CA LYS C 370 -35.19 -6.62 6.62
C LYS C 370 -34.43 -5.29 6.77
N MET C 371 -34.10 -4.92 8.01
CA MET C 371 -33.25 -3.76 8.23
C MET C 371 -31.82 -4.09 7.77
N TRP C 372 -31.28 -5.27 8.12
CA TRP C 372 -29.94 -5.66 7.62
C TRP C 372 -29.89 -5.60 6.13
N MET C 373 -30.94 -6.06 5.47
CA MET C 373 -31.00 -6.08 4.02
C MET C 373 -30.94 -4.65 3.46
N ALA C 374 -31.66 -3.73 4.09
CA ALA C 374 -31.63 -2.36 3.67
C ALA C 374 -30.23 -1.75 3.83
N LEU C 375 -29.59 -2.01 4.95
CA LEU C 375 -28.24 -1.54 5.24
C LEU C 375 -27.22 -2.11 4.27
N ASP C 376 -27.29 -3.41 4.04
CA ASP C 376 -26.34 -4.05 3.13
C ASP C 376 -26.49 -3.66 1.69
N ARG C 377 -27.68 -3.20 1.28
CA ARG C 377 -27.98 -2.90 -0.14
C ARG C 377 -27.49 -1.52 -0.55
N THR C 378 -27.20 -0.67 0.43
CA THR C 378 -26.66 0.63 0.17
C THR C 378 -25.42 0.51 -0.69
N ARG C 379 -25.36 1.37 -1.70
CA ARG C 379 -24.36 1.42 -2.77
C ARG C 379 -23.77 2.84 -2.81
N TYR C 380 -22.53 2.99 -3.27
CA TYR C 380 -21.86 4.27 -3.07
C TYR C 380 -21.30 4.90 -4.29
N MET C 381 -21.36 6.21 -4.28
CA MET C 381 -20.70 6.93 -5.30
C MET C 381 -19.30 7.41 -4.93
N GLN C 382 -18.44 7.30 -5.94
CA GLN C 382 -17.03 7.58 -5.89
C GLN C 382 -16.76 8.98 -6.32
N SER C 383 -15.80 9.61 -5.66
CA SER C 383 -15.46 11.01 -5.84
C SER C 383 -13.96 11.21 -5.66
N SER C 384 -13.40 12.01 -6.55
CA SER C 384 -12.02 12.46 -6.50
C SER C 384 -11.99 13.95 -6.70
N LYS C 385 -11.18 14.64 -5.93
CA LYS C 385 -10.95 16.05 -6.10
C LYS C 385 -9.46 16.31 -5.94
N THR C 386 -8.91 17.20 -6.76
CA THR C 386 -7.49 17.59 -6.64
C THR C 386 -7.40 19.12 -6.68
N PHE C 387 -6.68 19.69 -5.72
CA PHE C 387 -6.61 21.16 -5.53
C PHE C 387 -5.16 21.68 -5.54
N VAL C 388 -4.96 22.90 -6.02
CA VAL C 388 -3.71 23.59 -5.81
C VAL C 388 -4.05 24.99 -5.43
N MET C 389 -3.10 25.64 -4.77
CA MET C 389 -3.19 27.02 -4.41
C MET C 389 -2.35 27.79 -5.44
N VAL C 390 -2.68 29.06 -5.67
CA VAL C 390 -1.97 29.90 -6.64
C VAL C 390 -1.73 31.26 -6.03
N ASP C 391 -0.63 31.92 -6.41
CA ASP C 391 -0.23 33.24 -5.85
C ASP C 391 -1.28 34.34 -5.99
N ARG C 392 -2.04 34.30 -7.09
CA ARG C 392 -3.13 35.25 -7.35
C ARG C 392 -4.19 34.71 -8.29
N PRO C 393 -5.41 35.28 -8.22
CA PRO C 393 -6.48 34.88 -9.14
C PRO C 393 -6.24 35.45 -10.55
N PHE C 394 -5.16 34.95 -11.14
CA PHE C 394 -4.67 35.32 -12.44
C PHE C 394 -5.65 35.02 -13.56
N TRP C 395 -6.62 34.18 -13.27
CA TRP C 395 -7.62 33.85 -14.26
C TRP C 395 -8.49 35.05 -14.68
N LYS C 396 -8.62 36.04 -13.78
CA LYS C 396 -9.35 37.27 -14.07
C LYS C 396 -8.67 38.15 -15.14
N ASP C 397 -7.35 37.98 -15.33
CA ASP C 397 -6.64 38.69 -16.37
C ASP C 397 -7.21 38.30 -17.73
N LYS C 398 -7.24 39.29 -18.63
CA LYS C 398 -7.79 39.13 -19.97
C LYS C 398 -6.68 38.85 -20.97
N ASP C 399 -6.93 37.92 -21.88
CA ASP C 399 -6.09 37.73 -23.05
C ASP C 399 -6.43 38.88 -24.02
N PRO C 400 -5.45 39.74 -24.32
CA PRO C 400 -5.75 40.94 -25.12
C PRO C 400 -6.19 40.63 -26.56
N GLU C 401 -5.67 39.57 -27.13
CA GLU C 401 -6.15 39.12 -28.42
C GLU C 401 -7.67 38.82 -28.48
N THR C 402 -8.19 38.01 -27.56
CA THR C 402 -9.57 37.49 -27.64
C THR C 402 -10.57 38.15 -26.68
N GLY C 403 -10.08 38.87 -25.68
CA GLY C 403 -10.96 39.38 -24.62
C GLY C 403 -11.43 38.29 -23.65
N ARG C 404 -10.87 37.08 -23.75
CA ARG C 404 -11.25 35.99 -22.85
C ARG C 404 -10.48 36.04 -21.54
N ASP C 405 -11.15 35.75 -20.43
CA ASP C 405 -10.48 35.44 -19.16
C ASP C 405 -9.44 34.40 -19.46
N LEU C 406 -8.31 34.45 -18.77
CA LEU C 406 -7.22 33.51 -19.10
C LEU C 406 -7.63 32.06 -18.77
N MET C 407 -8.56 31.91 -17.84
CA MET C 407 -9.07 30.61 -17.50
C MET C 407 -10.48 30.80 -16.98
N SER C 408 -11.26 29.73 -17.01
CA SER C 408 -12.64 29.77 -16.53
C SER C 408 -13.03 28.50 -15.75
N MET C 409 -14.18 28.59 -15.07
CA MET C 409 -14.88 27.44 -14.57
C MET C 409 -14.97 26.59 -15.79
N THR C 410 -14.44 25.37 -15.74
CA THR C 410 -14.26 24.55 -16.97
C THR C 410 -15.06 23.28 -16.89
N LEU C 411 -15.87 23.00 -17.92
CA LEU C 411 -16.56 21.72 -18.02
C LEU C 411 -16.10 20.97 -19.23
N THR C 412 -15.75 19.71 -19.08
CA THR C 412 -15.19 18.98 -20.18
C THR C 412 -15.46 17.51 -20.14
N ASP C 413 -15.28 16.90 -21.31
CA ASP C 413 -15.33 15.48 -21.46
C ASP C 413 -13.97 14.84 -21.23
N ARG C 414 -12.94 15.66 -21.06
CA ARG C 414 -11.65 15.18 -20.61
C ARG C 414 -11.71 14.83 -19.11
N LEU C 415 -10.68 14.11 -18.69
CA LEU C 415 -10.60 13.51 -17.37
C LEU C 415 -10.71 14.51 -16.25
N THR C 416 -10.35 15.76 -16.43
CA THR C 416 -10.57 16.65 -15.29
C THR C 416 -12.08 16.79 -14.96
N ARG C 417 -12.94 16.75 -15.97
CA ARG C 417 -14.42 16.96 -15.87
C ARG C 417 -14.83 18.35 -15.42
N GLY C 418 -14.55 18.67 -14.17
CA GLY C 418 -14.95 19.95 -13.60
C GLY C 418 -13.72 20.61 -13.00
N THR C 419 -13.56 21.90 -13.25
CA THR C 419 -12.48 22.66 -12.69
C THR C 419 -13.07 23.93 -12.14
N TYR C 420 -12.82 24.21 -10.86
CA TYR C 420 -13.42 25.38 -10.19
C TYR C 420 -12.38 26.38 -9.80
N LEU C 421 -12.80 27.64 -9.68
CA LEU C 421 -11.93 28.76 -9.44
C LEU C 421 -12.41 29.55 -8.23
N PHE C 422 -11.54 29.68 -7.24
CA PHE C 422 -11.89 30.30 -5.99
C PHE C 422 -11.04 31.53 -5.80
N ASP C 423 -11.72 32.67 -5.83
CA ASP C 423 -11.09 33.97 -5.71
C ASP C 423 -11.20 34.40 -4.24
N ASN C 424 -10.08 34.68 -3.61
CA ASN C 424 -10.12 35.14 -2.22
C ASN C 424 -9.81 36.63 -2.11
N GLY C 425 -9.81 37.31 -3.25
CA GLY C 425 -9.37 38.68 -3.40
C GLY C 425 -8.13 38.74 -4.27
N ASP C 426 -7.93 39.86 -4.97
CA ASP C 426 -6.67 40.12 -5.71
C ASP C 426 -5.50 40.13 -4.72
N ASP C 427 -5.85 40.52 -3.49
CA ASP C 427 -4.94 40.66 -2.38
C ASP C 427 -4.34 39.33 -1.90
N LYS C 428 -4.98 38.22 -2.23
CA LYS C 428 -4.71 36.97 -1.56
C LYS C 428 -4.51 35.85 -2.56
N PRO C 429 -4.02 34.70 -2.08
CA PRO C 429 -3.80 33.60 -2.99
C PRO C 429 -5.13 33.00 -3.43
N GLY C 430 -5.16 32.47 -4.64
CA GLY C 430 -6.33 31.80 -5.18
C GLY C 430 -6.26 30.32 -5.00
N VAL C 431 -7.40 29.64 -5.06
CA VAL C 431 -7.44 28.19 -5.02
C VAL C 431 -8.12 27.76 -6.25
N ILE C 432 -7.62 26.68 -6.86
CA ILE C 432 -8.22 26.04 -8.00
C ILE C 432 -8.48 24.57 -7.65
N CYS C 433 -9.73 24.11 -7.83
CA CYS C 433 -9.98 22.68 -7.82
C CYS C 433 -9.69 22.24 -9.23
N LEU C 434 -8.54 21.61 -9.48
CA LEU C 434 -8.18 21.23 -10.86
C LEU C 434 -9.12 20.22 -11.48
N SER C 435 -9.67 19.38 -10.63
CA SER C 435 -10.47 18.28 -11.07
C SER C 435 -11.44 17.91 -9.94
N TYR C 436 -12.67 17.61 -10.35
CA TYR C 436 -13.78 17.21 -9.51
C TYR C 436 -14.49 16.21 -10.35
N ALA C 437 -14.29 14.94 -10.06
CA ALA C 437 -14.85 13.89 -10.88
C ALA C 437 -15.59 12.89 -9.99
N TRP C 438 -16.50 12.13 -10.62
CA TRP C 438 -17.30 11.06 -9.98
C TRP C 438 -17.12 9.73 -10.75
N MET C 439 -17.42 8.64 -10.06
CA MET C 439 -17.53 7.29 -10.63
C MET C 439 -16.31 6.83 -11.41
N SER C 440 -16.47 6.46 -12.67
CA SER C 440 -15.37 5.96 -13.52
C SER C 440 -14.21 6.90 -13.52
N ASP C 441 -14.50 8.17 -13.81
CA ASP C 441 -13.48 9.22 -13.90
C ASP C 441 -12.73 9.36 -12.59
N ALA C 442 -13.44 9.20 -11.47
CA ALA C 442 -12.77 9.15 -10.17
C ALA C 442 -11.91 7.89 -10.04
N LEU C 443 -12.40 6.76 -10.56
CA LEU C 443 -11.64 5.51 -10.53
C LEU C 443 -10.38 5.55 -11.40
N LYS C 444 -10.45 6.25 -12.51
CA LYS C 444 -9.25 6.55 -13.32
C LYS C 444 -8.15 7.19 -12.47
N MET C 445 -8.52 8.17 -11.64
CA MET C 445 -7.53 8.86 -10.77
C MET C 445 -7.07 8.09 -9.54
N LEU C 446 -7.88 7.12 -9.10
CA LEU C 446 -7.69 6.47 -7.80
C LEU C 446 -6.27 5.97 -7.56
N PRO C 447 -5.71 5.19 -8.51
CA PRO C 447 -4.42 4.56 -8.20
C PRO C 447 -3.17 5.47 -8.24
N HIS C 448 -3.32 6.74 -8.62
CA HIS C 448 -2.15 7.60 -8.78
C HIS C 448 -1.85 8.42 -7.56
N PRO C 449 -0.56 8.56 -7.20
CA PRO C 449 -0.16 9.58 -6.23
C PRO C 449 -0.63 10.97 -6.65
N VAL C 450 -0.70 11.85 -5.67
CA VAL C 450 -1.13 13.20 -5.86
C VAL C 450 -0.41 13.86 -7.05
N GLU C 451 0.90 13.63 -7.16
CA GLU C 451 1.74 14.31 -8.12
C GLU C 451 1.24 13.98 -9.50
N LYS C 452 0.98 12.71 -9.76
CA LYS C 452 0.51 12.31 -11.08
C LYS C 452 -0.92 12.84 -11.40
N ARG C 453 -1.78 12.94 -10.39
CA ARG C 453 -3.10 13.54 -10.54
C ARG C 453 -3.03 14.99 -10.97
N VAL C 454 -2.28 15.78 -10.21
CA VAL C 454 -2.07 17.16 -10.56
C VAL C 454 -1.52 17.29 -12.00
N GLN C 455 -0.54 16.46 -12.35
CA GLN C 455 0.05 16.52 -13.67
C GLN C 455 -0.94 16.15 -14.79
N LEU C 456 -1.70 15.10 -14.57
CA LEU C 456 -2.66 14.68 -15.59
C LEU C 456 -3.74 15.74 -15.81
N ALA C 457 -4.13 16.39 -14.72
CA ALA C 457 -5.05 17.49 -14.80
C ALA C 457 -4.45 18.64 -15.63
N LEU C 458 -3.29 19.11 -15.21
CA LEU C 458 -2.60 20.20 -15.88
C LEU C 458 -2.40 19.93 -17.35
N ASP C 459 -2.09 18.69 -17.72
CA ASP C 459 -1.93 18.32 -19.14
C ASP C 459 -3.23 18.56 -19.91
N ALA C 460 -4.32 18.08 -19.33
CA ALA C 460 -5.64 18.20 -19.94
C ALA C 460 -6.05 19.68 -20.04
N LEU C 461 -5.79 20.44 -18.99
CA LEU C 461 -6.01 21.86 -19.02
C LEU C 461 -5.11 22.60 -20.05
N LYS C 462 -3.88 22.14 -20.27
CA LYS C 462 -3.03 22.69 -21.36
C LYS C 462 -3.71 22.59 -22.71
N LYS C 463 -4.32 21.44 -22.98
CA LYS C 463 -5.03 21.18 -24.22
C LYS C 463 -6.22 22.14 -24.39
N ILE C 464 -6.86 22.51 -23.30
CA ILE C 464 -8.04 23.38 -23.36
C ILE C 464 -7.62 24.82 -23.39
N TYR C 465 -6.60 25.13 -22.63
CA TYR C 465 -6.05 26.48 -22.60
C TYR C 465 -4.53 26.40 -22.91
N PRO C 466 -4.16 26.27 -24.20
CA PRO C 466 -2.73 26.05 -24.57
C PRO C 466 -1.81 27.22 -24.21
N LYS C 467 -2.39 28.41 -24.11
CA LYS C 467 -1.64 29.61 -23.83
C LYS C 467 -1.55 29.96 -22.36
N THR C 468 -2.31 29.29 -21.49
CA THR C 468 -2.30 29.65 -20.06
C THR C 468 -1.27 28.82 -19.28
N ASP C 469 -0.47 29.50 -18.45
CA ASP C 469 0.56 28.84 -17.66
C ASP C 469 0.08 28.79 -16.21
N ILE C 470 -0.72 27.77 -15.92
CA ILE C 470 -1.25 27.57 -14.58
C ILE C 470 -0.11 27.24 -13.65
N ALA C 471 0.71 26.31 -14.10
CA ALA C 471 1.86 25.79 -13.35
C ALA C 471 2.74 26.88 -12.77
N GLY C 472 3.00 27.92 -13.53
CA GLY C 472 3.81 29.03 -13.04
C GLY C 472 3.17 29.93 -12.00
N HIS C 473 1.91 29.67 -11.62
CA HIS C 473 1.25 30.41 -10.53
C HIS C 473 1.10 29.60 -9.23
N ILE C 474 1.27 28.28 -9.35
CA ILE C 474 1.05 27.35 -8.26
C ILE C 474 2.05 27.47 -7.14
N ILE C 475 1.53 27.63 -5.94
CA ILE C 475 2.37 27.63 -4.75
C ILE C 475 1.81 26.61 -3.77
N GLY C 476 2.66 26.24 -2.81
CA GLY C 476 2.23 25.38 -1.72
C GLY C 476 2.07 23.96 -2.21
N ASP C 477 1.38 23.15 -1.40
CA ASP C 477 1.28 21.73 -1.62
C ASP C 477 0.01 21.35 -2.34
N PRO C 478 0.08 20.29 -3.15
CA PRO C 478 -1.12 19.83 -3.80
C PRO C 478 -2.03 19.09 -2.77
N ILE C 479 -3.34 19.09 -2.94
CA ILE C 479 -4.27 18.41 -2.01
C ILE C 479 -5.28 17.61 -2.77
N THR C 480 -5.25 16.30 -2.56
CA THR C 480 -6.17 15.42 -3.21
C THR C 480 -6.93 14.58 -2.15
N ILE C 481 -8.05 13.98 -2.54
CA ILE C 481 -8.78 13.12 -1.66
C ILE C 481 -9.48 12.11 -2.51
N SER C 482 -9.43 10.86 -2.04
CA SER C 482 -10.24 9.79 -2.61
C SER C 482 -10.97 9.14 -1.43
N TRP C 483 -12.28 9.14 -1.49
CA TRP C 483 -13.04 8.83 -0.28
C TRP C 483 -13.04 7.33 0.10
N GLU C 484 -13.36 6.45 -0.86
CA GLU C 484 -13.23 4.99 -0.68
C GLU C 484 -11.89 4.51 -0.14
N ALA C 485 -10.82 5.14 -0.59
CA ALA C 485 -9.47 4.81 -0.17
C ALA C 485 -9.29 4.97 1.35
N ASP C 486 -10.19 5.70 2.00
CA ASP C 486 -10.19 5.75 3.47
C ASP C 486 -10.86 4.47 4.02
N PRO C 487 -10.31 3.89 5.11
CA PRO C 487 -10.93 2.66 5.66
C PRO C 487 -12.22 2.89 6.47
N HIS C 488 -12.48 4.15 6.82
CA HIS C 488 -13.69 4.56 7.51
C HIS C 488 -14.76 5.17 6.60
N PHE C 489 -14.63 4.91 5.29
CA PHE C 489 -15.61 5.30 4.30
C PHE C 489 -15.54 4.35 3.14
N LEU C 490 -16.64 4.30 2.42
CA LEU C 490 -16.84 3.36 1.35
C LEU C 490 -17.03 4.09 0.05
N GLY C 491 -17.07 5.41 0.14
CA GLY C 491 -17.36 6.28 -0.99
C GLY C 491 -17.81 7.65 -0.51
N ALA C 492 -18.05 8.55 -1.44
CA ALA C 492 -18.36 9.91 -1.06
C ALA C 492 -19.75 10.00 -0.40
N PHE C 493 -20.71 9.26 -0.93
CA PHE C 493 -22.07 9.29 -0.41
C PHE C 493 -22.85 8.24 -1.14
N LYS C 494 -24.00 7.86 -0.63
CA LYS C 494 -24.73 6.81 -1.30
C LYS C 494 -25.40 7.30 -2.55
N GLY C 495 -25.63 6.38 -3.48
CA GLY C 495 -26.55 6.63 -4.57
C GLY C 495 -27.65 5.56 -4.56
N ALA C 496 -28.90 6.01 -4.70
CA ALA C 496 -30.05 5.14 -4.59
C ALA C 496 -30.31 4.44 -5.90
N LEU C 497 -30.27 3.13 -5.84
CA LEU C 497 -30.51 2.30 -6.99
C LEU C 497 -32.03 2.30 -7.32
N PRO C 498 -32.41 1.87 -8.54
CA PRO C 498 -33.81 1.67 -8.84
C PRO C 498 -34.38 0.54 -7.97
N GLY C 499 -35.57 0.77 -7.42
CA GLY C 499 -36.20 -0.21 -6.54
C GLY C 499 -35.77 -0.11 -5.09
N HIS C 500 -34.96 0.85 -4.77
CA HIS C 500 -34.48 0.97 -3.43
C HIS C 500 -35.35 1.86 -2.53
N TYR C 501 -36.51 2.32 -3.00
CA TYR C 501 -37.35 3.18 -2.18
C TYR C 501 -37.82 2.47 -0.90
N ARG C 502 -38.20 1.23 -1.02
CA ARG C 502 -38.61 0.52 0.20
C ARG C 502 -37.48 0.36 1.28
N TYR C 503 -36.23 0.14 0.87
CA TYR C 503 -35.14 0.00 1.83
C TYR C 503 -34.89 1.33 2.52
N ASN C 504 -34.83 2.38 1.73
CA ASN C 504 -34.65 3.72 2.31
C ASN C 504 -35.79 4.07 3.25
N GLN C 505 -36.99 3.60 2.87
CA GLN C 505 -38.19 3.84 3.65
C GLN C 505 -38.08 3.14 5.01
N ARG C 506 -37.68 1.89 5.02
CA ARG C 506 -37.44 1.21 6.29
C ARG C 506 -36.36 1.96 7.11
N MET C 507 -35.30 2.46 6.49
CA MET C 507 -34.24 3.12 7.28
C MET C 507 -34.68 4.49 7.79
N TYR C 508 -35.38 5.21 6.95
CA TYR C 508 -35.82 6.53 7.35
C TYR C 508 -36.80 6.44 8.51
N ALA C 509 -37.57 5.36 8.60
CA ALA C 509 -38.58 5.16 9.64
C ALA C 509 -38.03 4.43 10.89
N HIS C 510 -36.83 3.90 10.79
CA HIS C 510 -36.22 3.12 11.88
C HIS C 510 -36.23 3.85 13.24
N PHE C 511 -36.12 5.17 13.23
CA PHE C 511 -36.24 5.89 14.46
C PHE C 511 -37.61 5.80 15.14
N MET C 512 -38.64 5.27 14.48
CA MET C 512 -39.97 5.12 15.06
C MET C 512 -40.11 3.69 15.51
N GLN C 513 -39.96 3.47 16.82
CA GLN C 513 -39.75 2.11 17.36
C GLN C 513 -40.92 1.52 18.19
N ALA C 514 -42.02 2.25 18.35
CA ALA C 514 -43.22 1.75 19.09
C ALA C 514 -43.64 0.34 18.71
N GLN C 515 -43.50 -0.02 17.43
CA GLN C 515 -43.90 -1.35 16.93
C GLN C 515 -42.76 -2.34 16.86
N MET C 516 -41.57 -1.99 17.31
CA MET C 516 -40.43 -2.91 17.24
C MET C 516 -40.29 -3.93 18.37
N PRO C 517 -39.92 -5.16 18.03
CA PRO C 517 -39.47 -6.12 19.04
C PRO C 517 -38.41 -5.51 19.95
N VAL C 518 -38.49 -5.83 21.23
CA VAL C 518 -37.66 -5.22 22.28
C VAL C 518 -36.14 -5.28 21.98
N GLU C 519 -35.71 -6.39 21.40
CA GLU C 519 -34.31 -6.67 21.07
C GLU C 519 -33.74 -5.83 19.90
N GLN C 520 -34.64 -5.17 19.17
CA GLN C 520 -34.25 -4.21 18.13
C GLN C 520 -34.41 -2.76 18.56
N ARG C 521 -34.86 -2.46 19.79
CA ARG C 521 -35.04 -1.05 20.22
C ARG C 521 -33.88 -0.44 20.95
N GLY C 522 -33.76 0.88 20.84
CA GLY C 522 -32.77 1.64 21.57
C GLY C 522 -31.51 1.87 20.78
N ILE C 523 -31.31 1.10 19.69
CA ILE C 523 -30.33 1.45 18.68
C ILE C 523 -30.96 2.30 17.59
N PHE C 524 -30.22 3.33 17.15
CA PHE C 524 -30.70 4.23 16.11
C PHE C 524 -29.69 4.42 14.99
N ILE C 525 -30.16 4.85 13.81
CA ILE C 525 -29.29 5.27 12.72
C ILE C 525 -29.64 6.66 12.26
N ALA C 526 -28.65 7.33 11.68
CA ALA C 526 -28.82 8.62 11.04
C ALA C 526 -27.67 8.88 10.13
N GLY C 527 -27.83 9.88 9.29
CA GLY C 527 -26.79 10.27 8.41
C GLY C 527 -27.19 10.16 6.96
N ASP C 528 -26.16 10.38 6.15
CA ASP C 528 -26.23 10.48 4.71
C ASP C 528 -26.88 9.28 4.12
N ASP C 529 -26.54 8.11 4.63
CA ASP C 529 -27.18 6.84 4.19
C ASP C 529 -28.69 6.81 4.47
N VAL C 530 -29.10 7.49 5.54
CA VAL C 530 -30.49 7.41 5.98
C VAL C 530 -31.37 8.37 5.21
N SER C 531 -30.74 9.44 4.78
CA SER C 531 -31.37 10.50 4.05
C SER C 531 -31.91 10.16 2.65
N TRP C 532 -32.89 10.95 2.23
CA TRP C 532 -33.55 10.80 0.92
C TRP C 532 -32.78 11.51 -0.19
N THR C 533 -31.85 12.37 0.18
CA THR C 533 -31.10 13.16 -0.75
C THR C 533 -29.67 12.99 -0.34
N PRO C 534 -29.11 11.84 -0.66
CA PRO C 534 -27.84 11.48 -0.06
C PRO C 534 -26.65 12.39 -0.28
N ALA C 535 -26.49 13.09 -1.39
CA ALA C 535 -25.22 13.83 -1.49
C ALA C 535 -25.30 15.25 -0.93
N TRP C 536 -26.25 15.47 -0.05
CA TRP C 536 -26.56 16.81 0.42
C TRP C 536 -26.65 16.72 1.93
N VAL C 537 -25.87 17.57 2.57
CA VAL C 537 -25.73 17.62 4.04
C VAL C 537 -27.05 17.84 4.80
N GLU C 538 -28.03 18.50 4.18
CA GLU C 538 -29.30 18.74 4.86
C GLU C 538 -29.97 17.42 5.20
N GLY C 539 -29.84 16.40 4.36
CA GLY C 539 -30.49 15.13 4.62
C GLY C 539 -29.90 14.38 5.81
N ALA C 540 -28.59 14.56 6.05
CA ALA C 540 -27.93 14.01 7.20
C ALA C 540 -28.41 14.74 8.47
N VAL C 541 -28.45 16.06 8.44
CA VAL C 541 -28.97 16.83 9.56
C VAL C 541 -30.43 16.44 9.90
N GLN C 542 -31.29 16.45 8.88
CA GLN C 542 -32.64 16.03 9.05
C GLN C 542 -32.75 14.65 9.70
N THR C 543 -31.98 13.65 9.23
CA THR C 543 -32.12 12.30 9.74
C THR C 543 -31.64 12.25 11.20
N SER C 544 -30.64 13.07 11.49
CA SER C 544 -30.06 13.17 12.82
C SER C 544 -31.11 13.66 13.80
N LEU C 545 -31.89 14.67 13.37
CA LEU C 545 -32.97 15.24 14.19
C LEU C 545 -34.13 14.28 14.41
N ASN C 546 -34.44 13.49 13.41
CA ASN C 546 -35.43 12.47 13.61
C ASN C 546 -34.96 11.50 14.68
N ALA C 547 -33.65 11.19 14.67
CA ALA C 547 -33.07 10.26 15.63
C ALA C 547 -32.97 10.90 17.03
N VAL C 548 -32.82 12.22 17.07
CA VAL C 548 -32.89 12.93 18.33
C VAL C 548 -34.26 12.64 18.98
N TRP C 549 -35.31 12.70 18.17
CA TRP C 549 -36.65 12.46 18.65
C TRP C 549 -36.80 11.02 19.10
N GLY C 550 -36.30 10.10 18.29
CA GLY C 550 -36.33 8.68 18.65
C GLY C 550 -35.65 8.36 20.00
N ILE C 551 -34.61 9.12 20.31
CA ILE C 551 -33.83 8.90 21.51
C ILE C 551 -34.46 9.60 22.70
N MET C 552 -34.93 10.82 22.50
CA MET C 552 -35.75 11.47 23.50
C MET C 552 -36.89 10.55 23.90
N ASN C 553 -37.58 10.01 22.90
CA ASN C 553 -38.72 9.16 23.14
C ASN C 553 -38.33 7.93 23.91
N HIS C 554 -37.17 7.38 23.55
CA HIS C 554 -36.68 6.13 24.18
C HIS C 554 -36.37 6.31 25.69
N PHE C 555 -36.00 7.54 26.07
CA PHE C 555 -35.76 7.87 27.48
C PHE C 555 -37.04 8.38 28.16
N GLY C 556 -38.20 8.04 27.57
CA GLY C 556 -39.51 8.44 28.07
C GLY C 556 -39.79 9.94 28.01
N GLY C 557 -39.08 10.67 27.17
CA GLY C 557 -39.31 12.09 27.01
C GLY C 557 -40.35 12.40 25.95
N LYS C 558 -40.65 13.68 25.79
CA LYS C 558 -41.58 14.10 24.78
C LYS C 558 -41.36 15.56 24.46
N THR C 559 -41.90 15.94 23.32
CA THR C 559 -41.78 17.31 22.84
C THR C 559 -42.68 18.18 23.66
N HIS C 560 -42.44 19.47 23.57
CA HIS C 560 -43.37 20.47 24.04
C HIS C 560 -44.67 20.38 23.23
N ALA C 561 -45.79 20.55 23.92
CA ALA C 561 -47.09 20.63 23.27
C ALA C 561 -47.15 21.70 22.17
N ASP C 562 -46.54 22.86 22.35
CA ASP C 562 -46.60 23.85 21.25
C ASP C 562 -45.41 23.76 20.27
N ASN C 563 -44.55 22.75 20.39
CA ASN C 563 -43.49 22.48 19.36
C ASN C 563 -43.32 20.98 19.03
N PRO C 564 -44.32 20.38 18.37
CA PRO C 564 -44.27 18.96 18.04
C PRO C 564 -43.13 18.62 17.08
N GLY C 565 -42.63 17.41 17.21
CA GLY C 565 -41.39 17.00 16.54
C GLY C 565 -41.64 15.85 15.59
N PRO C 566 -40.58 15.40 14.92
CA PRO C 566 -40.74 14.45 13.84
C PRO C 566 -41.66 13.28 14.17
N GLY C 567 -41.38 12.61 15.27
CA GLY C 567 -42.12 11.40 15.58
C GLY C 567 -43.58 11.70 15.96
N ASP C 568 -43.90 12.97 16.23
CA ASP C 568 -45.26 13.35 16.58
C ASP C 568 -46.17 13.32 15.36
N VAL C 569 -45.63 13.68 14.20
CA VAL C 569 -46.42 13.83 12.98
C VAL C 569 -46.14 12.74 11.92
N PHE C 570 -45.15 11.90 12.19
CA PHE C 570 -44.58 11.01 11.17
C PHE C 570 -45.56 9.98 10.62
N ASP C 571 -46.41 9.43 11.47
CA ASP C 571 -47.44 8.50 11.02
C ASP C 571 -48.46 9.23 10.13
N GLU C 572 -48.65 10.55 10.30
CA GLU C 572 -49.52 11.29 9.37
C GLU C 572 -48.87 11.66 8.04
N ILE C 573 -47.70 12.29 8.08
CA ILE C 573 -47.07 12.85 6.86
C ILE C 573 -45.74 12.20 6.47
N GLY C 574 -45.42 11.09 7.10
CA GLY C 574 -44.17 10.42 6.83
C GLY C 574 -44.11 9.76 5.47
N GLN C 575 -42.91 9.37 5.08
CA GLN C 575 -42.75 8.71 3.82
C GLN C 575 -43.76 7.56 3.61
N ILE C 576 -44.44 7.55 2.47
CA ILE C 576 -45.39 6.48 2.18
C ILE C 576 -44.71 5.10 2.16
N ALA C 577 -45.44 4.07 2.57
CA ALA C 577 -44.98 2.70 2.54
C ALA C 577 -45.54 1.94 1.35
N LEU C 578 -44.71 1.16 0.66
CA LEU C 578 -45.16 0.50 -0.53
C LEU C 578 -45.60 -0.93 -0.20
N ALA C 579 -46.70 -1.36 -0.79
CA ALA C 579 -47.17 -2.75 -0.66
C ALA C 579 -46.22 -3.64 -1.39
N ASP C 580 -46.05 -4.85 -0.86
CA ASP C 580 -45.25 -5.92 -1.47
C ASP C 580 -45.78 -6.32 -2.85
N LYS D 32 28.45 28.72 37.24
CA LYS D 32 29.39 28.07 36.28
C LYS D 32 28.97 28.26 34.82
N LYS D 33 29.97 28.40 33.95
CA LYS D 33 29.74 28.72 32.56
C LYS D 33 29.07 27.53 31.87
N PRO D 34 28.01 27.79 31.08
CA PRO D 34 27.20 26.64 30.61
C PRO D 34 27.86 25.78 29.53
N ILE D 35 27.49 24.51 29.48
CA ILE D 35 27.84 23.67 28.34
C ILE D 35 26.96 24.14 27.18
N THR D 36 27.55 24.30 26.01
CA THR D 36 26.80 24.61 24.80
C THR D 36 27.32 23.76 23.66
N ILE D 37 26.54 23.64 22.60
CA ILE D 37 26.99 22.84 21.45
C ILE D 37 28.00 23.69 20.67
N PHE D 38 29.21 23.62 21.20
CA PHE D 38 30.29 24.48 20.78
C PHE D 38 31.39 23.60 20.25
N GLY D 39 31.41 23.41 18.93
CA GLY D 39 32.23 22.36 18.36
C GLY D 39 31.73 20.98 18.85
N PRO D 40 32.64 20.06 19.12
CA PRO D 40 34.07 20.32 19.14
C PRO D 40 34.66 20.56 17.78
N ASP D 41 33.95 20.17 16.74
CA ASP D 41 34.60 20.04 15.43
C ASP D 41 34.86 21.40 14.79
N PHE D 42 33.83 22.24 14.88
CA PHE D 42 33.89 23.62 14.42
C PHE D 42 33.37 24.56 15.51
N PRO D 43 34.19 24.83 16.54
CA PRO D 43 33.79 25.59 17.72
C PRO D 43 33.70 27.05 17.37
N PHE D 44 32.71 27.37 16.53
CA PHE D 44 32.44 28.72 16.10
C PHE D 44 31.24 29.17 16.89
N ALA D 45 31.31 30.40 17.38
CA ALA D 45 30.29 30.92 18.26
C ALA D 45 29.13 31.35 17.39
N PHE D 46 28.27 30.40 16.99
CA PHE D 46 27.11 30.74 16.15
C PHE D 46 26.16 31.68 16.89
N ASP D 47 25.96 31.49 18.20
CA ASP D 47 25.07 32.38 18.96
C ASP D 47 25.49 33.86 18.88
N ASP D 48 26.78 34.12 19.11
CA ASP D 48 27.32 35.47 19.06
C ASP D 48 27.10 36.08 17.71
N TRP D 49 27.41 35.33 16.66
CA TRP D 49 27.25 35.78 15.29
C TRP D 49 25.84 36.22 14.97
N LEU D 50 24.87 35.45 15.45
CA LEU D 50 23.50 35.80 15.24
C LEU D 50 23.14 37.03 16.03
N GLU D 51 23.66 37.10 17.24
CA GLU D 51 23.23 38.09 18.26
C GLU D 51 23.82 39.50 17.97
N HIS D 52 24.97 39.51 17.29
CA HIS D 52 25.76 40.71 17.07
C HIS D 52 24.94 41.74 16.30
N PRO D 53 25.00 43.01 16.73
CA PRO D 53 24.09 44.06 16.17
C PRO D 53 24.44 44.50 14.74
N ALA D 54 25.68 44.25 14.33
CA ALA D 54 26.10 44.50 12.95
C ALA D 54 25.43 43.60 11.87
N GLY D 55 24.94 42.41 12.26
CA GLY D 55 24.30 41.47 11.34
C GLY D 55 25.29 40.59 10.61
N LEU D 56 24.78 39.71 9.76
CA LEU D 56 25.64 38.65 9.20
C LEU D 56 26.43 39.07 7.99
N GLY D 57 26.29 40.33 7.58
CA GLY D 57 27.14 40.92 6.54
C GLY D 57 26.32 41.58 5.44
N SER D 58 26.81 41.51 4.22
CA SER D 58 26.03 42.11 3.16
C SER D 58 26.40 41.53 1.85
N ILE D 59 25.56 41.89 0.89
CA ILE D 59 25.74 41.54 -0.50
C ILE D 59 25.76 42.85 -1.31
N PRO D 60 26.52 42.91 -2.41
CA PRO D 60 26.49 44.08 -3.30
C PRO D 60 25.09 44.45 -3.77
N ALA D 61 24.73 45.72 -3.59
CA ALA D 61 23.39 46.22 -3.92
C ALA D 61 22.98 45.79 -5.33
N ALA D 62 23.94 45.60 -6.23
CA ALA D 62 23.64 45.14 -7.59
C ALA D 62 22.98 43.76 -7.65
N ARG D 63 23.11 42.98 -6.58
CA ARG D 63 22.58 41.61 -6.54
C ARG D 63 21.30 41.48 -5.72
N HIS D 64 20.89 42.56 -5.03
CA HIS D 64 19.65 42.59 -4.23
C HIS D 64 18.43 42.19 -5.05
N GLY D 65 17.52 41.45 -4.42
CA GLY D 65 16.31 40.95 -5.06
C GLY D 65 16.53 39.72 -5.95
N GLU D 66 17.78 39.38 -6.21
CA GLU D 66 18.09 38.25 -7.05
C GLU D 66 17.78 36.95 -6.31
N GLU D 67 17.44 35.92 -7.06
CA GLU D 67 16.87 34.73 -6.45
C GLU D 67 17.88 33.63 -6.05
N VAL D 68 17.54 32.94 -4.95
CA VAL D 68 18.28 31.78 -4.53
C VAL D 68 17.34 30.67 -4.09
N ALA D 69 17.51 29.51 -4.70
CA ALA D 69 16.64 28.37 -4.51
C ALA D 69 17.05 27.56 -3.31
N ILE D 70 16.05 27.10 -2.58
CA ILE D 70 16.29 26.26 -1.40
C ILE D 70 15.39 25.02 -1.46
N VAL D 71 16.00 23.87 -1.50
CA VAL D 71 15.22 22.66 -1.52
C VAL D 71 14.98 22.20 -0.11
N GLY D 72 13.74 22.38 0.34
CA GLY D 72 13.32 21.88 1.61
C GLY D 72 12.85 23.02 2.47
N ALA D 73 11.71 22.85 3.16
CA ALA D 73 11.21 23.85 4.12
C ALA D 73 11.29 23.37 5.57
N GLY D 74 12.37 22.68 5.85
CA GLY D 74 12.65 22.27 7.21
C GLY D 74 13.41 23.39 7.88
N ILE D 75 13.99 23.08 9.03
CA ILE D 75 14.56 24.10 9.87
C ILE D 75 15.78 24.69 9.14
N ALA D 76 16.64 23.84 8.58
CA ALA D 76 17.81 24.33 7.86
C ALA D 76 17.44 25.23 6.66
N GLY D 77 16.47 24.76 5.87
CA GLY D 77 15.99 25.50 4.73
C GLY D 77 15.46 26.87 5.10
N LEU D 78 14.59 26.93 6.10
CA LEU D 78 13.94 28.19 6.45
C LEU D 78 14.91 29.18 7.09
N VAL D 79 15.80 28.68 7.95
CA VAL D 79 16.76 29.53 8.62
C VAL D 79 17.64 30.19 7.57
N ALA D 80 18.15 29.38 6.64
CA ALA D 80 18.97 29.88 5.57
C ALA D 80 18.22 30.94 4.78
N ALA D 81 16.99 30.62 4.36
CA ALA D 81 16.11 31.56 3.64
C ALA D 81 15.85 32.87 4.38
N TYR D 82 15.57 32.78 5.69
CA TYR D 82 15.24 33.97 6.48
C TYR D 82 16.43 34.95 6.51
N GLU D 83 17.63 34.43 6.77
CA GLU D 83 18.84 35.26 6.81
C GLU D 83 19.26 35.72 5.42
N LEU D 84 19.07 34.90 4.41
CA LEU D 84 19.38 35.35 3.06
C LEU D 84 18.40 36.41 2.54
N MET D 85 17.14 36.33 2.95
CA MET D 85 16.17 37.41 2.71
C MET D 85 16.70 38.68 3.39
N LYS D 86 17.11 38.55 4.64
CA LYS D 86 17.62 39.68 5.38
C LYS D 86 18.83 40.31 4.68
N LEU D 87 19.68 39.52 4.04
CA LEU D 87 20.87 40.07 3.38
C LEU D 87 20.55 40.71 2.03
N GLY D 88 19.27 40.72 1.67
CA GLY D 88 18.80 41.44 0.49
C GLY D 88 18.48 40.56 -0.70
N LEU D 89 18.59 39.25 -0.52
CA LEU D 89 18.22 38.32 -1.57
C LEU D 89 16.70 37.98 -1.47
N LYS D 90 16.21 37.28 -2.47
CA LYS D 90 14.86 36.74 -2.50
C LYS D 90 15.03 35.24 -2.57
N PRO D 91 15.02 34.58 -1.40
CA PRO D 91 15.05 33.13 -1.45
C PRO D 91 13.74 32.56 -2.02
N VAL D 92 13.84 31.42 -2.71
CA VAL D 92 12.68 30.71 -3.23
C VAL D 92 12.75 29.28 -2.69
N VAL D 93 11.79 28.94 -1.85
CA VAL D 93 11.82 27.71 -1.04
C VAL D 93 10.88 26.71 -1.72
N TYR D 94 11.37 25.50 -1.90
CA TYR D 94 10.60 24.43 -2.48
C TYR D 94 10.31 23.38 -1.38
N GLU D 95 9.06 22.98 -1.23
CA GLU D 95 8.71 21.91 -0.28
C GLU D 95 7.80 20.88 -0.95
N ALA D 96 8.31 19.66 -1.08
CA ALA D 96 7.58 18.58 -1.71
C ALA D 96 6.47 18.01 -0.87
N SER D 97 6.46 18.30 0.42
CA SER D 97 5.59 17.62 1.36
C SER D 97 5.08 18.62 2.38
N LYS D 98 5.55 18.49 3.62
CA LYS D 98 5.01 19.28 4.71
C LYS D 98 6.00 20.29 5.27
N MET D 99 5.52 21.49 5.47
CA MET D 99 6.34 22.51 6.02
C MET D 99 6.78 22.16 7.43
N GLY D 100 8.00 22.56 7.79
CA GLY D 100 8.61 22.18 9.08
C GLY D 100 9.48 20.93 9.00
N GLY D 101 9.30 20.11 7.98
CA GLY D 101 10.14 18.93 7.85
C GLY D 101 10.06 18.10 9.10
N ARG D 102 11.18 17.80 9.70
CA ARG D 102 11.17 16.91 10.86
C ARG D 102 10.93 17.65 12.16
N LEU D 103 10.48 18.88 12.08
CA LEU D 103 9.84 19.51 13.23
C LEU D 103 8.32 19.57 13.00
N ARG D 104 7.59 18.63 13.61
CA ARG D 104 6.20 18.40 13.28
C ARG D 104 5.33 18.18 14.52
N SER D 105 4.34 19.03 14.70
CA SER D 105 3.46 19.02 15.88
C SER D 105 2.01 18.82 15.45
N GLN D 106 1.48 17.62 15.62
CA GLN D 106 0.13 17.32 15.14
C GLN D 106 -0.89 17.44 16.24
N ALA D 107 -2.00 18.10 15.95
CA ALA D 107 -3.04 18.34 16.96
C ALA D 107 -3.90 17.14 17.09
N PHE D 108 -4.36 16.86 18.28
CA PHE D 108 -5.34 15.79 18.50
C PHE D 108 -6.74 16.24 18.11
N ASN D 109 -7.58 15.25 17.76
CA ASN D 109 -8.96 15.51 17.36
C ASN D 109 -9.66 16.38 18.37
N GLY D 110 -10.21 17.49 17.92
CA GLY D 110 -11.25 18.19 18.68
C GLY D 110 -10.77 19.06 19.81
N THR D 111 -9.47 19.03 20.09
CA THR D 111 -8.85 19.86 21.13
C THR D 111 -8.29 21.15 20.56
N ASP D 112 -7.85 22.05 21.42
CA ASP D 112 -7.13 23.23 20.98
C ASP D 112 -5.76 23.18 21.65
N GLY D 113 -4.70 23.12 20.84
CA GLY D 113 -3.31 23.32 21.29
C GLY D 113 -2.75 22.16 22.06
N ILE D 114 -3.34 21.01 21.88
CA ILE D 114 -2.82 19.80 22.47
C ILE D 114 -2.26 19.02 21.32
N ILE D 115 -0.96 18.91 21.30
CA ILE D 115 -0.27 18.37 20.17
C ILE D 115 0.54 17.16 20.55
N ALA D 116 0.91 16.41 19.52
CA ALA D 116 1.86 15.31 19.67
C ALA D 116 3.08 15.72 18.87
N GLU D 117 4.25 15.64 19.48
CA GLU D 117 5.54 15.91 18.78
C GLU D 117 6.04 14.74 17.94
N LEU D 118 5.98 14.81 16.62
CA LEU D 118 6.29 13.65 15.76
C LEU D 118 7.77 13.50 15.35
N GLY D 119 8.51 14.63 15.35
CA GLY D 119 9.92 14.62 15.03
C GLY D 119 10.66 15.03 16.29
N GLY D 120 11.52 16.04 16.19
CA GLY D 120 12.20 16.57 17.35
C GLY D 120 11.21 16.93 18.44
N MET D 121 11.49 16.55 19.68
CA MET D 121 10.59 16.92 20.76
C MET D 121 11.21 17.48 22.04
N ARG D 122 12.50 17.16 22.26
CA ARG D 122 13.23 17.62 23.45
C ARG D 122 14.53 18.30 23.04
N PHE D 123 14.66 19.56 23.43
CA PHE D 123 15.71 20.44 22.92
C PHE D 123 16.71 20.94 24.00
N PRO D 124 17.90 20.28 24.05
CA PRO D 124 18.88 20.66 25.06
C PRO D 124 19.13 22.16 25.03
N VAL D 125 19.23 22.77 26.20
CA VAL D 125 19.52 24.19 26.30
C VAL D 125 20.91 24.52 25.78
N SER D 126 21.75 23.51 25.59
CA SER D 126 23.05 23.73 24.97
C SER D 126 22.94 24.08 23.49
N SER D 127 21.70 24.08 22.98
CA SER D 127 21.39 24.33 21.55
C SER D 127 21.13 25.84 21.37
N THR D 128 22.16 26.66 21.53
CA THR D 128 21.94 28.11 21.56
C THR D 128 21.50 28.72 20.21
N ALA D 129 22.07 28.27 19.10
CA ALA D 129 21.62 28.78 17.79
C ALA D 129 20.12 28.45 17.59
N PHE D 130 19.72 27.20 17.83
CA PHE D 130 18.29 26.86 17.79
C PHE D 130 17.47 27.82 18.64
N TYR D 131 17.88 27.98 19.91
CA TYR D 131 17.13 28.82 20.83
C TYR D 131 17.14 30.30 20.47
N HIS D 132 18.14 30.79 19.76
CA HIS D 132 18.08 32.20 19.30
C HIS D 132 16.75 32.45 18.56
N TYR D 133 16.34 31.51 17.69
CA TYR D 133 15.09 31.66 16.92
C TYR D 133 13.83 31.37 17.73
N VAL D 134 13.93 30.48 18.70
CA VAL D 134 12.80 30.22 19.57
C VAL D 134 12.44 31.54 20.23
N ASP D 135 13.46 32.20 20.78
CA ASP D 135 13.27 33.43 21.55
C ASP D 135 12.92 34.65 20.70
N LYS D 136 13.57 34.78 19.54
CA LYS D 136 13.16 35.75 18.50
C LYS D 136 11.66 35.71 18.20
N LEU D 137 11.04 34.52 18.23
CA LEU D 137 9.59 34.34 18.01
C LEU D 137 8.78 34.46 19.29
N GLY D 138 9.47 34.61 20.43
CA GLY D 138 8.81 34.71 21.71
C GLY D 138 8.01 33.49 22.11
N LEU D 139 8.46 32.30 21.70
CA LEU D 139 7.73 31.08 22.06
C LEU D 139 8.05 30.66 23.49
N GLU D 140 7.13 29.94 24.13
CA GLU D 140 7.33 29.42 25.47
C GLU D 140 7.88 27.98 25.43
N THR D 141 8.71 27.62 26.42
CA THR D 141 9.22 26.26 26.57
C THR D 141 9.05 25.82 28.01
N LYS D 142 9.12 24.51 28.24
CA LYS D 142 9.13 23.94 29.59
C LYS D 142 9.96 22.65 29.64
N PRO D 143 10.42 22.26 30.84
CA PRO D 143 11.37 21.16 30.86
C PRO D 143 10.72 19.88 30.40
N PHE D 144 11.44 19.10 29.63
CA PHE D 144 10.90 17.87 29.11
C PHE D 144 10.87 16.87 30.22
N PRO D 145 9.81 16.05 30.27
CA PRO D 145 9.70 15.09 31.38
C PRO D 145 10.61 13.85 31.19
N ASN D 146 11.92 14.06 31.26
CA ASN D 146 12.90 12.98 31.18
C ASN D 146 12.96 12.19 32.49
N PRO D 147 13.27 10.89 32.42
CA PRO D 147 13.31 10.08 33.61
C PRO D 147 14.31 10.61 34.60
N LEU D 148 13.95 10.53 35.88
CA LEU D 148 14.81 10.98 36.99
C LEU D 148 15.24 12.44 36.91
N THR D 149 14.33 13.32 36.48
CA THR D 149 14.59 14.75 36.47
C THR D 149 13.51 15.36 37.29
N PRO D 150 13.75 16.59 37.79
CA PRO D 150 12.68 17.29 38.50
C PRO D 150 11.35 17.30 37.72
N ALA D 151 11.43 17.44 36.38
CA ALA D 151 10.24 17.43 35.52
C ALA D 151 9.48 16.09 35.49
N SER D 152 10.08 15.00 35.94
CA SER D 152 9.36 13.71 35.97
C SER D 152 9.24 13.25 37.42
N ARG D 153 8.03 12.91 37.85
CA ARG D 153 7.82 12.56 39.27
C ARG D 153 8.44 11.22 39.64
N SER D 154 8.40 10.28 38.70
CA SER D 154 8.80 8.90 38.89
C SER D 154 9.13 8.21 37.60
N THR D 155 9.87 7.13 37.74
CA THR D 155 10.36 6.39 36.61
C THR D 155 10.26 4.95 37.01
N VAL D 156 9.96 4.12 36.03
CA VAL D 156 9.88 2.71 36.23
C VAL D 156 10.75 2.09 35.19
N ILE D 157 11.55 1.12 35.64
CA ILE D 157 12.47 0.40 34.78
C ILE D 157 11.98 -1.03 34.74
N ASP D 158 11.78 -1.59 33.56
CA ASP D 158 11.22 -2.93 33.46
C ASP D 158 12.11 -3.83 32.65
N LEU D 159 12.73 -4.81 33.31
CA LEU D 159 13.71 -5.65 32.66
C LEU D 159 13.57 -7.11 33.08
N GLU D 160 13.73 -8.02 32.11
CA GLU D 160 13.57 -9.46 32.34
C GLU D 160 12.36 -9.76 33.25
N GLY D 161 11.28 -9.07 32.97
CA GLY D 161 10.03 -9.31 33.67
C GLY D 161 9.98 -8.79 35.08
N GLN D 162 11.02 -8.09 35.51
CA GLN D 162 11.03 -7.48 36.85
C GLN D 162 11.01 -5.96 36.78
N THR D 163 10.29 -5.37 37.73
CA THR D 163 9.99 -3.95 37.72
C THR D 163 10.59 -3.23 38.91
N TYR D 164 11.21 -2.08 38.64
CA TYR D 164 11.80 -1.23 39.68
C TYR D 164 11.21 0.17 39.60
N TYR D 165 10.83 0.74 40.74
CA TYR D 165 10.17 2.02 40.81
C TYR D 165 11.16 2.95 41.43
N ALA D 166 11.21 4.19 40.95
CA ALA D 166 12.17 5.15 41.48
C ALA D 166 11.66 6.56 41.38
N GLU D 167 11.78 7.29 42.48
CA GLU D 167 11.40 8.70 42.54
C GLU D 167 12.64 9.55 42.41
N LYS D 168 13.80 8.97 42.73
CA LYS D 168 15.09 9.61 42.52
C LYS D 168 16.07 8.48 42.21
N ALA D 169 17.17 8.79 41.55
CA ALA D 169 18.14 7.76 41.11
C ALA D 169 18.49 6.73 42.20
N ALA D 170 18.78 7.23 43.40
CA ALA D 170 19.27 6.38 44.50
C ALA D 170 18.31 5.22 44.88
N ASP D 171 17.01 5.43 44.67
CA ASP D 171 16.01 4.37 44.92
C ASP D 171 16.23 3.14 44.06
N LEU D 172 17.00 3.28 42.99
CA LEU D 172 17.20 2.14 42.10
C LEU D 172 18.23 1.22 42.67
N PRO D 173 18.14 -0.06 42.34
CA PRO D 173 19.11 -0.98 42.84
C PRO D 173 20.55 -0.65 42.45
N ALA D 174 21.46 -1.25 43.19
CA ALA D 174 22.89 -1.03 43.09
C ALA D 174 23.44 -1.12 41.66
N LEU D 175 22.94 -2.08 40.90
CA LEU D 175 23.42 -2.38 39.56
C LEU D 175 23.41 -1.17 38.65
N PHE D 176 22.44 -0.32 38.84
CA PHE D 176 22.34 0.85 38.03
C PHE D 176 23.44 1.87 38.32
N GLN D 177 23.73 2.08 39.60
CA GLN D 177 24.75 3.02 39.99
C GLN D 177 26.10 2.51 39.45
N GLU D 178 26.31 1.21 39.58
CA GLU D 178 27.53 0.56 39.05
C GLU D 178 27.65 0.81 37.57
N VAL D 179 26.51 0.88 36.89
CA VAL D 179 26.47 1.07 35.45
C VAL D 179 26.89 2.45 35.11
N THR D 180 26.44 3.40 35.89
CA THR D 180 26.85 4.73 35.52
C THR D 180 28.30 5.04 35.86
N ASP D 181 28.81 4.43 36.92
CA ASP D 181 30.16 4.68 37.34
C ASP D 181 31.08 4.17 36.30
N ALA D 182 30.78 2.99 35.76
CA ALA D 182 31.62 2.47 34.68
C ALA D 182 31.51 3.38 33.44
N TRP D 183 30.32 3.91 33.15
CA TRP D 183 30.14 4.81 31.96
C TRP D 183 30.98 6.06 32.15
N ALA D 184 30.72 6.74 33.27
CA ALA D 184 31.53 7.93 33.65
C ALA D 184 33.01 7.61 33.62
N ASP D 185 33.40 6.50 34.20
CA ASP D 185 34.82 6.08 34.16
C ASP D 185 35.33 5.75 32.75
N ALA D 186 34.50 5.14 31.94
CA ALA D 186 34.93 4.85 30.60
C ALA D 186 35.07 6.12 29.78
N LEU D 187 34.21 7.10 30.01
CA LEU D 187 34.37 8.35 29.24
C LEU D 187 35.62 9.13 29.61
N GLU D 188 35.98 9.09 30.90
CA GLU D 188 37.14 9.81 31.43
C GLU D 188 38.38 9.15 30.91
N SER D 189 38.47 7.86 31.11
CA SER D 189 39.59 7.06 30.62
C SER D 189 39.81 7.19 29.11
N GLY D 190 38.72 7.00 28.36
CA GLY D 190 38.80 6.86 26.91
C GLY D 190 38.66 8.16 26.09
N ALA D 191 38.21 9.25 26.72
CA ALA D 191 38.03 10.52 26.02
C ALA D 191 38.47 11.84 26.69
N ARG D 192 39.05 11.84 27.89
CA ARG D 192 39.32 13.11 28.60
C ARG D 192 38.08 13.99 28.63
N PHE D 193 36.97 13.36 28.94
CA PHE D 193 35.67 13.99 29.06
C PHE D 193 35.68 15.28 29.88
N GLY D 194 36.29 15.24 31.06
CA GLY D 194 36.31 16.42 31.94
C GLY D 194 37.02 17.59 31.26
N ASP D 195 38.23 17.33 30.74
CA ASP D 195 39.02 18.39 30.07
C ASP D 195 38.24 19.00 28.92
N ILE D 196 37.65 18.13 28.11
CA ILE D 196 36.85 18.58 26.99
C ILE D 196 35.68 19.41 27.46
N GLN D 197 34.98 18.97 28.50
CA GLN D 197 33.76 19.71 28.92
C GLN D 197 34.12 21.09 29.42
N GLN D 198 35.24 21.16 30.15
CA GLN D 198 35.77 22.41 30.69
C GLN D 198 36.17 23.37 29.57
N ALA D 199 36.86 22.85 28.56
CA ALA D 199 37.23 23.66 27.39
C ALA D 199 36.00 24.18 26.62
N ILE D 200 34.89 23.42 26.63
CA ILE D 200 33.64 23.89 25.99
C ILE D 200 33.00 25.02 26.83
N ARG D 201 32.99 24.81 28.13
CA ARG D 201 32.47 25.82 29.04
C ARG D 201 33.15 27.20 28.91
N ASP D 202 34.47 27.18 28.82
CA ASP D 202 35.27 28.41 28.78
C ASP D 202 35.50 28.84 27.35
N ARG D 203 35.05 28.04 26.41
CA ARG D 203 35.18 28.34 25.00
C ARG D 203 36.64 28.58 24.68
N ASP D 204 37.47 27.69 25.20
CA ASP D 204 38.87 27.64 24.96
C ASP D 204 39.12 26.83 23.67
N VAL D 205 39.20 27.53 22.55
CA VAL D 205 39.29 26.94 21.26
C VAL D 205 40.58 26.11 21.01
N PRO D 206 41.78 26.69 21.24
CA PRO D 206 42.98 25.87 20.94
C PRO D 206 43.01 24.62 21.80
N ARG D 207 42.55 24.73 23.03
CA ARG D 207 42.51 23.59 23.94
C ARG D 207 41.47 22.52 23.47
N LEU D 208 40.27 22.98 23.13
CA LEU D 208 39.23 22.10 22.63
C LEU D 208 39.64 21.32 21.36
N LYS D 209 40.30 21.99 20.44
CA LYS D 209 40.76 21.35 19.22
C LYS D 209 41.94 20.41 19.45
N GLU D 210 42.76 20.74 20.44
CA GLU D 210 43.90 19.91 20.80
C GLU D 210 43.34 18.57 21.31
N LEU D 211 42.48 18.66 22.31
CA LEU D 211 41.82 17.49 22.88
C LEU D 211 41.04 16.69 21.85
N TRP D 212 40.17 17.35 21.09
CA TRP D 212 39.31 16.68 20.14
C TRP D 212 40.11 16.12 18.98
N ASN D 213 41.14 16.82 18.54
CA ASN D 213 41.85 16.35 17.40
C ASN D 213 42.64 15.07 17.62
N THR D 214 43.03 14.81 18.85
CA THR D 214 43.78 13.62 19.10
C THR D 214 42.77 12.45 19.16
N LEU D 215 41.54 12.71 19.58
CA LEU D 215 40.44 11.72 19.55
C LEU D 215 39.95 11.26 18.15
N VAL D 216 39.84 12.21 17.22
CA VAL D 216 39.29 11.94 15.91
C VAL D 216 39.91 10.71 15.26
N PRO D 217 41.26 10.69 15.05
CA PRO D 217 41.86 9.51 14.35
C PRO D 217 41.90 8.25 15.17
N LEU D 218 41.62 8.33 16.46
CA LEU D 218 41.62 7.20 17.33
C LEU D 218 40.27 6.54 17.48
N TRP D 219 39.15 7.29 17.39
CA TRP D 219 37.79 6.73 17.49
C TRP D 219 36.91 6.74 16.21
N ASP D 220 37.29 7.52 15.22
CA ASP D 220 36.52 7.54 13.98
C ASP D 220 36.01 6.18 13.62
N ASP D 221 36.93 5.26 13.39
CA ASP D 221 36.58 3.90 12.87
C ASP D 221 36.42 2.82 13.95
N ARG D 222 35.90 3.24 15.10
CA ARG D 222 35.48 2.28 16.10
C ARG D 222 34.06 2.58 16.57
N THR D 223 33.27 1.56 16.79
CA THR D 223 31.90 1.71 17.24
C THR D 223 31.81 1.91 18.72
N PHE D 224 30.63 2.30 19.16
CA PHE D 224 30.30 2.40 20.58
C PHE D 224 30.42 0.99 21.23
N TYR D 225 30.02 -0.04 20.49
CA TYR D 225 30.21 -1.42 20.91
C TYR D 225 31.65 -1.71 21.31
N ASP D 226 32.58 -1.31 20.48
CA ASP D 226 33.97 -1.54 20.77
C ASP D 226 34.47 -0.75 21.92
N PHE D 227 33.97 0.46 22.06
CA PHE D 227 34.26 1.29 23.20
C PHE D 227 33.94 0.53 24.45
N VAL D 228 32.73 0.03 24.55
CA VAL D 228 32.28 -0.65 25.76
C VAL D 228 33.06 -1.97 25.93
N ALA D 229 33.27 -2.67 24.82
CA ALA D 229 33.95 -3.94 24.88
C ALA D 229 35.37 -3.79 25.43
N THR D 230 36.12 -2.83 24.91
CA THR D 230 37.50 -2.65 25.33
C THR D 230 37.69 -1.71 26.52
N SER D 231 36.64 -1.26 27.20
CA SER D 231 36.86 -0.40 28.38
C SER D 231 37.06 -1.25 29.62
N LYS D 232 38.11 -0.97 30.40
CA LYS D 232 38.36 -1.67 31.68
C LYS D 232 37.11 -1.73 32.58
N ALA D 233 36.47 -0.59 32.74
CA ALA D 233 35.33 -0.47 33.66
C ALA D 233 34.19 -1.44 33.29
N PHE D 234 33.87 -1.55 32.01
CA PHE D 234 32.72 -2.40 31.63
C PHE D 234 33.11 -3.87 31.65
N ALA D 235 34.37 -4.15 31.28
CA ALA D 235 34.94 -5.49 31.27
C ALA D 235 34.80 -6.18 32.62
N LYS D 236 35.15 -5.50 33.70
CA LYS D 236 35.05 -6.10 35.02
C LYS D 236 33.61 -6.29 35.53
N LEU D 237 32.63 -5.67 34.84
CA LEU D 237 31.24 -5.83 35.22
C LEU D 237 30.68 -7.05 34.52
N SER D 238 29.46 -7.43 34.87
CA SER D 238 28.87 -8.61 34.31
C SER D 238 28.33 -8.32 32.92
N PHE D 239 28.02 -9.40 32.20
CA PHE D 239 27.35 -9.29 30.93
C PHE D 239 26.01 -8.66 31.11
N GLN D 240 25.29 -9.08 32.13
CA GLN D 240 24.05 -8.43 32.53
C GLN D 240 24.17 -6.89 32.70
N HIS D 241 25.28 -6.38 33.27
CA HIS D 241 25.49 -4.93 33.37
C HIS D 241 25.50 -4.25 32.01
N ARG D 242 26.25 -4.81 31.09
CA ARG D 242 26.31 -4.30 29.72
C ARG D 242 24.91 -4.34 29.08
N GLU D 243 24.25 -5.47 29.22
CA GLU D 243 22.92 -5.71 28.68
C GLU D 243 21.99 -4.59 29.12
N VAL D 244 21.96 -4.34 30.43
CA VAL D 244 21.16 -3.28 31.01
C VAL D 244 21.52 -1.89 30.46
N PHE D 245 22.83 -1.63 30.34
CA PHE D 245 23.32 -0.37 29.82
C PHE D 245 22.71 -0.13 28.42
N GLY D 246 22.75 -1.15 27.56
CA GLY D 246 22.07 -1.09 26.24
C GLY D 246 20.57 -0.80 26.27
N GLN D 247 19.83 -1.45 27.15
CA GLN D 247 18.39 -1.28 27.18
C GLN D 247 17.93 0.04 27.79
N VAL D 248 18.47 0.40 28.94
CA VAL D 248 17.99 1.60 29.67
C VAL D 248 19.11 2.47 30.19
N GLY D 249 20.35 2.09 29.86
CA GLY D 249 21.50 2.84 30.33
C GLY D 249 21.66 2.65 31.84
N PHE D 250 21.77 3.75 32.57
CA PHE D 250 21.78 3.66 34.04
C PHE D 250 20.46 4.10 34.58
N GLY D 251 19.41 4.04 33.76
CA GLY D 251 18.06 4.33 34.23
C GLY D 251 17.48 5.63 33.71
N THR D 252 18.20 6.31 32.82
CA THR D 252 17.64 7.52 32.21
C THR D 252 17.44 7.43 30.71
N GLY D 253 17.51 6.22 30.15
CA GLY D 253 17.58 6.03 28.71
C GLY D 253 18.75 5.17 28.26
N GLY D 254 18.47 4.21 27.36
CA GLY D 254 19.48 3.30 26.82
C GLY D 254 20.29 3.71 25.59
N TRP D 255 21.11 2.78 25.12
CA TRP D 255 22.16 3.10 24.18
C TRP D 255 22.30 2.09 23.03
N ASP D 256 21.47 1.08 22.97
CA ASP D 256 21.68 0.00 22.01
C ASP D 256 21.43 0.35 20.52
N SER D 257 20.57 1.34 20.29
CA SER D 257 20.40 1.90 18.94
C SER D 257 21.66 2.62 18.46
N ASP D 258 22.45 3.12 19.40
CA ASP D 258 23.65 3.91 19.12
C ASP D 258 24.94 3.11 19.06
N PHE D 259 24.87 1.89 19.58
CA PHE D 259 26.03 1.02 19.65
C PHE D 259 26.75 0.88 18.29
N PRO D 260 25.99 0.75 17.17
CA PRO D 260 26.64 0.63 15.84
C PRO D 260 27.32 1.89 15.34
N ASN D 261 27.16 3.00 16.04
CA ASN D 261 27.69 4.23 15.55
C ASN D 261 29.13 4.43 15.90
N SER D 262 29.82 5.10 15.00
CA SER D 262 31.09 5.69 15.34
C SER D 262 31.12 6.30 16.72
N MET D 263 32.15 5.92 17.47
CA MET D 263 32.22 6.45 18.83
C MET D 263 32.37 8.01 18.90
N LEU D 264 33.01 8.61 17.92
CA LEU D 264 33.02 10.06 17.77
C LEU D 264 31.63 10.68 17.87
N GLU D 265 30.65 10.13 17.19
CA GLU D 265 29.28 10.66 17.33
C GLU D 265 28.78 10.67 18.79
N ILE D 266 29.07 9.58 19.48
CA ILE D 266 28.54 9.44 20.81
C ILE D 266 29.21 10.46 21.71
N PHE D 267 30.51 10.64 21.54
CA PHE D 267 31.27 11.62 22.28
C PHE D 267 30.66 12.98 22.07
N ARG D 268 30.47 13.38 20.83
CA ARG D 268 29.88 14.65 20.57
C ARG D 268 28.61 14.82 21.37
N VAL D 269 27.76 13.81 21.41
CA VAL D 269 26.48 13.93 22.12
C VAL D 269 26.65 14.16 23.64
N VAL D 270 27.45 13.34 24.29
CA VAL D 270 27.52 13.49 25.73
C VAL D 270 28.36 14.68 26.14
N MET D 271 29.40 14.99 25.38
CA MET D 271 30.26 16.14 25.66
C MET D 271 29.53 17.47 25.66
N THR D 272 28.52 17.57 24.80
CA THR D 272 27.86 18.84 24.60
C THR D 272 26.55 18.83 25.32
N ASN D 273 26.40 17.89 26.24
CA ASN D 273 25.20 17.74 27.07
C ASN D 273 23.91 17.71 26.24
N CYS D 274 23.95 17.17 25.04
CA CYS D 274 22.75 17.08 24.23
C CYS D 274 21.71 16.22 24.94
N ASP D 275 22.19 15.32 25.80
CA ASP D 275 21.36 14.28 26.42
C ASP D 275 20.70 14.68 27.76
N ASP D 276 20.87 15.93 28.22
CA ASP D 276 20.25 16.39 29.48
C ASP D 276 19.85 17.88 29.45
N HIS D 277 19.13 18.33 30.50
CA HIS D 277 18.56 19.70 30.65
C HIS D 277 17.78 20.20 29.42
N GLN D 278 16.87 19.36 28.95
CA GLN D 278 16.17 19.56 27.72
C GLN D 278 14.76 20.17 27.93
N HIS D 279 14.32 20.92 26.94
CA HIS D 279 12.99 21.48 26.96
C HIS D 279 12.21 21.10 25.73
N LEU D 280 10.87 21.01 25.90
CA LEU D 280 9.87 20.98 24.84
C LEU D 280 9.31 22.38 24.61
N VAL D 281 8.74 22.62 23.42
CA VAL D 281 8.19 23.93 23.06
C VAL D 281 6.70 23.84 23.30
N VAL D 282 6.15 24.81 24.03
CA VAL D 282 4.78 24.72 24.47
C VAL D 282 3.90 25.01 23.29
N GLY D 283 3.02 24.05 23.00
CA GLY D 283 2.09 24.18 21.86
C GLY D 283 2.72 23.66 20.59
N GLY D 284 3.95 23.19 20.68
CA GLY D 284 4.56 22.47 19.57
C GLY D 284 5.72 23.18 18.91
N VAL D 285 6.81 22.43 18.71
CA VAL D 285 7.99 22.99 18.07
C VAL D 285 7.80 23.31 16.57
N GLU D 286 6.73 22.83 15.97
CA GLU D 286 6.42 23.21 14.61
C GLU D 286 6.23 24.72 14.52
N GLN D 287 5.90 25.35 15.62
CA GLN D 287 5.76 26.79 15.63
C GLN D 287 7.03 27.50 15.26
N VAL D 288 8.18 26.85 15.41
CA VAL D 288 9.44 27.47 15.02
C VAL D 288 9.51 27.69 13.51
N PRO D 289 9.48 26.64 12.71
CA PRO D 289 9.56 26.89 11.25
C PRO D 289 8.39 27.72 10.68
N GLN D 290 7.15 27.48 11.18
CA GLN D 290 5.94 28.24 10.81
C GLN D 290 6.09 29.71 11.17
N GLY D 291 6.73 29.97 12.30
CA GLY D 291 6.94 31.34 12.78
C GLY D 291 8.05 32.05 12.02
N ILE D 292 9.10 31.33 11.66
CA ILE D 292 10.16 31.93 10.87
C ILE D 292 9.54 32.42 9.58
N TRP D 293 8.64 31.58 9.05
CA TRP D 293 8.03 31.83 7.75
C TRP D 293 7.26 33.13 7.70
N ARG D 294 6.66 33.47 8.83
CA ARG D 294 5.74 34.61 8.93
C ARG D 294 6.39 35.77 9.64
N HIS D 295 7.57 35.57 10.23
CA HIS D 295 8.19 36.61 11.03
C HIS D 295 8.74 37.77 10.16
N VAL D 296 8.37 39.00 10.55
CA VAL D 296 8.88 40.23 9.92
C VAL D 296 10.10 40.71 10.70
N PRO D 297 11.29 40.66 10.09
CA PRO D 297 12.44 41.10 10.85
C PRO D 297 12.37 42.62 11.11
N GLU D 298 13.02 43.08 12.16
CA GLU D 298 13.05 44.53 12.42
C GLU D 298 13.87 45.26 11.35
N ARG D 299 14.97 44.66 10.88
CA ARG D 299 15.78 45.26 9.79
C ARG D 299 15.96 44.36 8.53
N CYS D 300 15.73 44.99 7.37
CA CYS D 300 15.88 44.38 6.04
C CYS D 300 16.85 45.17 5.15
N ALA D 301 17.75 44.47 4.47
CA ALA D 301 18.44 45.03 3.32
C ALA D 301 17.49 44.93 2.12
N HIS D 302 17.43 45.99 1.30
CA HIS D 302 16.63 46.01 0.07
C HIS D 302 15.10 45.94 0.22
N TRP D 303 14.58 45.08 1.10
CA TRP D 303 13.13 44.82 1.16
C TRP D 303 12.35 45.87 1.94
N PRO D 304 11.09 46.10 1.53
CA PRO D 304 10.18 47.01 2.22
C PRO D 304 9.75 46.53 3.57
N GLU D 305 9.40 47.49 4.42
CA GLU D 305 8.68 47.27 5.67
C GLU D 305 7.67 46.16 5.52
N GLY D 306 7.73 45.19 6.43
CA GLY D 306 6.71 44.16 6.55
C GLY D 306 6.94 42.95 5.67
N THR D 307 8.12 42.86 5.05
CA THR D 307 8.45 41.74 4.19
C THR D 307 8.76 40.51 5.06
N SER D 308 8.21 39.37 4.66
CA SER D 308 8.46 38.08 5.30
C SER D 308 8.74 37.07 4.20
N LEU D 309 9.35 35.94 4.55
CA LEU D 309 9.42 34.85 3.60
C LEU D 309 8.01 34.58 2.98
N SER D 310 6.98 34.66 3.80
CA SER D 310 5.62 34.42 3.35
C SER D 310 5.20 35.41 2.29
N SER D 311 5.42 36.68 2.54
CA SER D 311 4.99 37.68 1.56
C SER D 311 5.78 37.51 0.27
N LEU D 312 7.09 37.28 0.36
CA LEU D 312 7.94 37.03 -0.84
C LEU D 312 7.48 35.85 -1.71
N HIS D 313 6.87 34.86 -1.09
CA HIS D 313 6.32 33.72 -1.83
C HIS D 313 4.83 33.82 -2.16
N GLY D 314 4.13 34.86 -1.70
CA GLY D 314 2.67 34.89 -1.76
C GLY D 314 2.01 33.89 -0.81
N GLY D 315 2.71 33.52 0.26
CA GLY D 315 2.14 32.66 1.31
C GLY D 315 2.71 31.24 1.47
N ALA D 316 3.20 30.62 0.40
CA ALA D 316 3.66 29.24 0.50
C ALA D 316 4.90 28.98 -0.34
N PRO D 317 5.70 27.98 0.07
CA PRO D 317 6.86 27.54 -0.69
C PRO D 317 6.42 26.93 -1.96
N ARG D 318 7.32 26.82 -2.93
CA ARG D 318 7.00 26.12 -4.16
C ARG D 318 6.84 24.64 -3.89
N THR D 319 6.28 23.90 -4.82
CA THR D 319 6.08 22.47 -4.64
C THR D 319 7.42 21.72 -4.71
N GLY D 320 7.39 20.41 -4.80
CA GLY D 320 8.62 19.63 -4.80
C GLY D 320 9.54 19.85 -5.98
N VAL D 321 10.85 19.74 -5.74
CA VAL D 321 11.84 19.78 -6.79
C VAL D 321 11.97 18.42 -7.43
N LYS D 322 12.04 18.38 -8.74
CA LYS D 322 12.12 17.15 -9.47
C LYS D 322 13.42 17.05 -10.22
N ARG D 323 14.05 18.17 -10.52
CA ARG D 323 15.28 18.13 -11.29
C ARG D 323 16.13 19.33 -10.98
N ILE D 324 17.44 19.11 -10.89
CA ILE D 324 18.44 20.17 -10.74
C ILE D 324 19.57 19.91 -11.75
N ALA D 325 19.80 20.89 -12.62
CA ALA D 325 20.75 20.75 -13.72
C ALA D 325 21.54 22.02 -13.94
N ARG D 326 22.70 21.85 -14.57
CA ARG D 326 23.56 22.99 -14.91
C ARG D 326 23.01 23.55 -16.24
N ALA D 327 22.55 24.78 -16.24
CA ALA D 327 22.02 25.34 -17.49
C ALA D 327 23.21 25.75 -18.41
N SER D 328 22.96 25.89 -19.69
CA SER D 328 24.03 26.26 -20.62
C SER D 328 24.60 27.67 -20.34
N ASP D 329 23.81 28.63 -19.80
CA ASP D 329 24.31 29.99 -19.44
C ASP D 329 25.11 30.01 -18.13
N GLY D 330 25.45 28.84 -17.56
CA GLY D 330 26.16 28.74 -16.25
C GLY D 330 25.30 28.50 -15.01
N ARG D 331 24.07 28.96 -15.05
CA ARG D 331 23.18 28.95 -13.87
C ARG D 331 22.62 27.55 -13.60
N LEU D 332 21.81 27.45 -12.55
CA LEU D 332 21.25 26.15 -12.19
C LEU D 332 19.80 26.15 -12.53
N ALA D 333 19.38 25.08 -13.17
CA ALA D 333 17.98 24.93 -13.57
C ALA D 333 17.28 24.05 -12.56
N VAL D 334 16.25 24.63 -11.92
CA VAL D 334 15.44 23.89 -10.96
C VAL D 334 14.06 23.74 -11.51
N THR D 335 13.70 22.51 -11.83
CA THR D 335 12.39 22.20 -12.34
C THR D 335 11.60 21.53 -11.23
N ASP D 336 10.37 22.02 -11.02
CA ASP D 336 9.48 21.48 -10.00
C ASP D 336 8.56 20.39 -10.50
N ASN D 337 7.74 19.83 -9.62
CA ASN D 337 6.97 18.65 -9.98
C ASN D 337 6.01 18.91 -11.10
N TRP D 338 5.65 20.17 -11.25
CA TRP D 338 4.73 20.55 -12.31
C TRP D 338 5.39 21.08 -13.59
N GLY D 339 6.70 20.85 -13.76
CA GLY D 339 7.42 21.18 -15.02
C GLY D 339 7.86 22.63 -15.16
N ASP D 340 7.57 23.46 -14.15
CA ASP D 340 8.01 24.86 -14.14
C ASP D 340 9.52 24.87 -13.85
N CYS D 341 10.29 25.36 -14.83
CA CYS D 341 11.76 25.39 -14.80
C CYS D 341 12.25 26.81 -14.51
N ARG D 342 13.13 26.99 -13.52
CA ARG D 342 13.65 28.31 -13.18
C ARG D 342 15.15 28.30 -12.97
N HIS D 343 15.74 29.48 -13.18
CA HIS D 343 17.19 29.63 -13.22
C HIS D 343 17.68 30.44 -12.05
N TYR D 344 18.75 29.93 -11.40
CA TYR D 344 19.27 30.54 -10.18
C TYR D 344 20.78 30.56 -10.24
N ALA D 345 21.36 31.57 -9.61
CA ALA D 345 22.81 31.59 -9.48
C ALA D 345 23.27 30.58 -8.45
N ALA D 346 22.40 30.28 -7.48
CA ALA D 346 22.70 29.35 -6.36
C ALA D 346 21.48 28.62 -5.87
N VAL D 347 21.77 27.43 -5.35
CA VAL D 347 20.78 26.51 -4.88
C VAL D 347 21.30 25.91 -3.57
N LEU D 348 20.44 25.91 -2.57
CA LEU D 348 20.74 25.20 -1.36
C LEU D 348 19.83 23.97 -1.21
N THR D 349 20.38 22.78 -1.10
CA THR D 349 19.55 21.60 -0.83
C THR D 349 19.63 21.17 0.62
N THR D 350 18.48 20.83 1.18
CA THR D 350 18.44 20.30 2.54
C THR D 350 17.69 19.00 2.65
N CYS D 351 17.21 18.46 1.55
CA CYS D 351 16.59 17.18 1.59
C CYS D 351 17.61 16.06 1.89
N GLN D 352 17.16 14.97 2.48
CA GLN D 352 18.11 13.93 2.84
C GLN D 352 18.89 13.39 1.63
N SER D 353 20.17 13.12 1.87
CA SER D 353 21.14 12.94 0.81
C SER D 353 20.75 11.93 -0.28
N TRP D 354 20.15 10.80 0.09
CA TRP D 354 19.82 9.78 -0.91
C TRP D 354 18.83 10.27 -1.98
N LEU D 355 18.14 11.38 -1.71
CA LEU D 355 17.09 11.84 -2.62
C LEU D 355 17.71 12.42 -3.87
N LEU D 356 18.91 12.98 -3.73
CA LEU D 356 19.63 13.59 -4.85
C LEU D 356 20.01 12.55 -5.89
N THR D 357 20.22 11.35 -5.43
CA THR D 357 20.80 10.30 -6.24
C THR D 357 19.72 9.34 -6.69
N THR D 358 18.51 9.45 -6.11
CA THR D 358 17.36 8.63 -6.57
C THR D 358 16.20 9.52 -6.96
N GLN D 359 15.54 10.12 -5.98
CA GLN D 359 14.28 10.81 -6.29
C GLN D 359 14.35 12.13 -7.05
N ILE D 360 15.41 12.89 -6.86
CA ILE D 360 15.65 14.04 -7.70
C ILE D 360 16.60 13.64 -8.83
N ASP D 361 16.32 14.11 -10.02
CA ASP D 361 17.28 14.04 -11.10
C ASP D 361 18.25 15.20 -10.91
N CYS D 362 19.33 14.92 -10.17
CA CYS D 362 20.40 15.87 -9.88
C CYS D 362 21.62 15.41 -10.66
N GLU D 363 21.87 16.18 -11.71
CA GLU D 363 22.98 16.05 -12.62
C GLU D 363 24.33 15.78 -11.93
N GLU D 364 25.06 14.80 -12.47
CA GLU D 364 26.29 14.31 -11.89
C GLU D 364 27.39 15.36 -11.81
N SER D 365 27.48 16.23 -12.81
CA SER D 365 28.53 17.27 -12.85
C SER D 365 28.47 18.25 -11.68
N LEU D 366 27.34 18.30 -10.96
CA LEU D 366 27.15 19.28 -9.91
C LEU D 366 27.89 18.95 -8.61
N PHE D 367 28.29 17.69 -8.48
CA PHE D 367 29.14 17.29 -7.36
C PHE D 367 30.40 16.53 -7.80
N SER D 368 31.46 16.64 -7.00
CA SER D 368 32.66 15.90 -7.33
C SER D 368 32.35 14.47 -7.10
N GLN D 369 33.21 13.62 -7.63
CA GLN D 369 33.03 12.22 -7.43
C GLN D 369 33.12 11.83 -5.94
N LYS D 370 33.96 12.52 -5.17
CA LYS D 370 34.10 12.23 -3.75
C LYS D 370 32.99 12.85 -2.90
N MET D 371 32.33 13.86 -3.42
CA MET D 371 31.17 14.38 -2.74
C MET D 371 30.01 13.38 -2.95
N TRP D 372 29.84 12.84 -4.15
CA TRP D 372 28.77 11.88 -4.38
C TRP D 372 28.95 10.72 -3.46
N MET D 373 30.17 10.23 -3.31
CA MET D 373 30.40 9.11 -2.45
C MET D 373 30.08 9.44 -1.01
N ALA D 374 30.30 10.66 -0.56
CA ALA D 374 29.93 11.01 0.80
C ALA D 374 28.39 11.04 0.97
N LEU D 375 27.69 11.63 0.01
CA LEU D 375 26.26 11.71 0.05
C LEU D 375 25.67 10.31 -0.05
N ASP D 376 26.21 9.46 -0.88
CA ASP D 376 25.67 8.10 -1.02
C ASP D 376 25.86 7.20 0.16
N ARG D 377 26.86 7.48 1.01
CA ARG D 377 27.12 6.63 2.18
C ARG D 377 26.42 7.03 3.49
N THR D 378 25.66 8.14 3.55
CA THR D 378 24.86 8.53 4.69
C THR D 378 23.86 7.44 5.08
N ARG D 379 23.74 7.14 6.36
CA ARG D 379 22.86 6.05 6.77
C ARG D 379 21.89 6.60 7.75
N TYR D 380 20.78 5.92 7.88
CA TYR D 380 19.71 6.48 8.62
C TYR D 380 19.25 5.59 9.74
N MET D 381 18.89 6.25 10.80
CA MET D 381 18.20 5.59 11.83
C MET D 381 16.68 5.73 11.71
N GLN D 382 16.05 4.63 12.09
CA GLN D 382 14.64 4.44 12.07
C GLN D 382 14.06 4.80 13.40
N SER D 383 12.86 5.33 13.36
CA SER D 383 12.18 5.77 14.55
C SER D 383 10.69 5.56 14.40
N SER D 384 10.09 5.12 15.49
CA SER D 384 8.67 5.01 15.61
C SER D 384 8.20 5.67 16.88
N LYS D 385 7.11 6.38 16.82
CA LYS D 385 6.49 6.94 18.01
C LYS D 385 4.99 6.75 17.89
N THR D 386 4.34 6.47 19.02
CA THR D 386 2.88 6.39 19.06
C THR D 386 2.33 7.15 20.26
N PHE D 387 1.34 7.99 20.02
CA PHE D 387 0.78 8.87 21.07
C PHE D 387 -0.74 8.65 21.30
N VAL D 388 -1.21 8.82 22.53
CA VAL D 388 -2.61 9.03 22.76
C VAL D 388 -2.81 10.18 23.71
N MET D 389 -3.98 10.73 23.66
CA MET D 389 -4.37 11.80 24.53
C MET D 389 -5.25 11.16 25.61
N VAL D 390 -5.22 11.75 26.80
CA VAL D 390 -6.04 11.26 27.94
C VAL D 390 -6.80 12.44 28.56
N ASP D 391 -7.93 12.14 29.20
CA ASP D 391 -8.78 13.16 29.87
C ASP D 391 -8.08 13.96 30.98
N ARG D 392 -7.17 13.32 31.72
CA ARG D 392 -6.41 13.98 32.80
C ARG D 392 -5.09 13.22 33.08
N PRO D 393 -4.13 13.89 33.73
CA PRO D 393 -2.86 13.24 34.10
C PRO D 393 -3.06 12.31 35.31
N PHE D 394 -3.87 11.30 35.09
CA PHE D 394 -4.21 10.32 36.08
C PHE D 394 -3.03 9.61 36.65
N TRP D 395 -1.92 9.62 35.93
CA TRP D 395 -0.72 8.94 36.41
C TRP D 395 -0.20 9.53 37.74
N LYS D 396 -0.50 10.80 38.00
CA LYS D 396 -0.13 11.46 39.23
C LYS D 396 -0.86 10.85 40.45
N ASP D 397 -2.04 10.27 40.24
CA ASP D 397 -2.77 9.61 41.33
C ASP D 397 -1.91 8.52 41.94
N LYS D 398 -1.99 8.38 43.26
CA LYS D 398 -1.20 7.39 44.01
C LYS D 398 -2.00 6.13 44.22
N ASP D 399 -1.36 4.97 44.04
CA ASP D 399 -1.92 3.69 44.46
C ASP D 399 -1.80 3.58 45.99
N PRO D 400 -2.93 3.59 46.71
CA PRO D 400 -2.88 3.66 48.20
C PRO D 400 -2.17 2.47 48.86
N GLU D 401 -2.28 1.30 48.28
CA GLU D 401 -1.49 0.19 48.77
C GLU D 401 0.04 0.45 48.82
N THR D 402 0.65 0.80 47.68
CA THR D 402 2.12 0.86 47.54
C THR D 402 2.73 2.28 47.66
N GLY D 403 1.90 3.31 47.52
CA GLY D 403 2.42 4.67 47.47
C GLY D 403 3.02 5.01 46.13
N ARG D 404 2.93 4.11 45.15
CA ARG D 404 3.41 4.39 43.80
C ARG D 404 2.43 5.23 42.97
N ASP D 405 2.96 6.18 42.20
CA ASP D 405 2.25 6.78 41.06
C ASP D 405 1.58 5.69 40.25
N LEU D 406 0.41 5.96 39.68
CA LEU D 406 -0.30 4.90 38.93
C LEU D 406 0.48 4.55 37.66
N MET D 407 1.27 5.49 37.18
CA MET D 407 2.07 5.20 36.02
C MET D 407 3.29 6.10 36.04
N SER D 408 4.34 5.68 35.33
CA SER D 408 5.57 6.49 35.28
C SER D 408 6.19 6.61 33.89
N MET D 409 7.10 7.55 33.76
CA MET D 409 8.05 7.56 32.65
C MET D 409 8.65 6.19 32.69
N THR D 410 8.48 5.41 31.61
CA THR D 410 8.71 3.93 31.66
C THR D 410 9.83 3.49 30.73
N LEU D 411 10.81 2.80 31.26
CA LEU D 411 11.85 2.25 30.42
C LEU D 411 11.83 0.75 30.50
N THR D 412 11.83 0.08 29.34
CA THR D 412 11.70 -1.37 29.34
C THR D 412 12.41 -2.05 28.19
N ASP D 413 12.66 -3.33 28.36
CA ASP D 413 13.12 -4.17 27.28
C ASP D 413 11.97 -4.70 26.43
N ARG D 414 10.74 -4.50 26.86
CA ARG D 414 9.59 -4.80 26.03
C ARG D 414 9.49 -3.80 24.87
N LEU D 415 8.72 -4.20 23.85
CA LEU D 415 8.59 -3.46 22.60
C LEU D 415 8.28 -1.99 22.74
N THR D 416 7.59 -1.53 23.78
CA THR D 416 7.37 -0.09 23.87
C THR D 416 8.68 0.70 24.03
N ARG D 417 9.69 0.11 24.71
CA ARG D 417 10.99 0.75 25.07
C ARG D 417 10.86 1.99 25.96
N GLY D 418 10.41 3.09 25.42
CA GLY D 418 10.30 4.30 26.19
C GLY D 418 8.85 4.76 26.17
N THR D 419 8.35 5.20 27.32
CA THR D 419 7.00 5.77 27.42
C THR D 419 7.06 7.08 28.17
N TYR D 420 6.56 8.16 27.59
CA TYR D 420 6.67 9.51 28.18
C TYR D 420 5.31 10.02 28.55
N LEU D 421 5.29 10.90 29.54
CA LEU D 421 4.06 11.42 30.18
C LEU D 421 4.11 12.90 30.16
N PHE D 422 3.14 13.52 29.53
CA PHE D 422 3.11 14.94 29.37
C PHE D 422 1.89 15.49 30.09
N ASP D 423 2.17 16.23 31.17
CA ASP D 423 1.18 16.87 32.01
C ASP D 423 0.92 18.28 31.48
N ASN D 424 -0.32 18.61 31.16
CA ASN D 424 -0.62 19.97 30.72
C ASN D 424 -1.43 20.72 31.77
N GLY D 425 -1.40 20.19 32.99
CA GLY D 425 -2.23 20.64 34.09
C GLY D 425 -3.29 19.59 34.44
N ASP D 426 -3.70 19.59 35.71
CA ASP D 426 -4.86 18.81 36.21
C ASP D 426 -6.12 19.25 35.48
N ASP D 427 -6.10 20.54 35.12
CA ASP D 427 -7.15 21.23 34.41
C ASP D 427 -7.40 20.68 33.00
N LYS D 428 -6.39 20.08 32.41
CA LYS D 428 -6.35 19.89 30.97
C LYS D 428 -6.00 18.46 30.62
N PRO D 429 -6.21 18.07 29.35
CA PRO D 429 -5.95 16.69 28.98
C PRO D 429 -4.45 16.42 28.93
N GLY D 430 -4.09 15.18 29.26
CA GLY D 430 -2.71 14.73 29.21
C GLY D 430 -2.37 14.05 27.91
N VAL D 431 -1.07 14.00 27.60
CA VAL D 431 -0.61 13.25 26.45
C VAL D 431 0.33 12.22 26.94
N ILE D 432 0.26 11.04 26.34
CA ILE D 432 1.18 9.97 26.61
C ILE D 432 1.80 9.56 25.29
N CYS D 433 3.13 9.57 25.24
CA CYS D 433 3.81 8.90 24.16
C CYS D 433 3.92 7.47 24.62
N LEU D 434 3.08 6.59 24.11
CA LEU D 434 3.08 5.19 24.52
C LEU D 434 4.37 4.45 24.23
N SER D 435 4.99 4.80 23.13
CA SER D 435 6.14 4.08 22.65
C SER D 435 6.98 5.03 21.82
N TYR D 436 8.28 4.99 22.07
CA TYR D 436 9.29 5.76 21.38
C TYR D 436 10.41 4.79 21.20
N ALA D 437 10.56 4.28 19.98
CA ALA D 437 11.53 3.25 19.69
C ALA D 437 12.40 3.66 18.50
N TRP D 438 13.57 3.04 18.40
CA TRP D 438 14.53 3.24 17.31
C TRP D 438 14.84 1.88 16.70
N MET D 439 15.36 1.91 15.48
CA MET D 439 15.97 0.74 14.79
C MET D 439 15.08 -0.52 14.73
N SER D 440 15.56 -1.65 15.26
CA SER D 440 14.82 -2.93 15.15
C SER D 440 13.45 -2.78 15.74
N ASP D 441 13.39 -2.22 16.94
CA ASP D 441 12.12 -2.02 17.66
C ASP D 441 11.17 -1.12 16.87
N ALA D 442 11.71 -0.13 16.19
CA ALA D 442 10.92 0.64 15.26
C ALA D 442 10.50 -0.20 14.04
N LEU D 443 11.39 -1.08 13.58
CA LEU D 443 11.07 -1.95 12.44
C LEU D 443 9.95 -2.95 12.76
N LYS D 444 9.94 -3.45 14.00
CA LYS D 444 8.83 -4.26 14.51
C LYS D 444 7.48 -3.55 14.38
N MET D 445 7.43 -2.25 14.70
CA MET D 445 6.17 -1.49 14.57
C MET D 445 5.78 -1.08 13.14
N LEU D 446 6.76 -1.03 12.23
CA LEU D 446 6.55 -0.42 10.91
C LEU D 446 5.31 -0.91 10.17
N PRO D 447 5.14 -2.25 10.05
CA PRO D 447 4.05 -2.72 9.18
C PRO D 447 2.63 -2.64 9.75
N HIS D 448 2.46 -2.25 11.00
CA HIS D 448 1.13 -2.25 11.63
C HIS D 448 0.42 -0.94 11.48
N PRO D 449 -0.89 -0.99 11.19
CA PRO D 449 -1.71 0.20 11.33
C PRO D 449 -1.63 0.80 12.71
N VAL D 450 -1.99 2.07 12.82
CA VAL D 450 -1.95 2.75 14.06
C VAL D 450 -2.63 1.93 15.17
N GLU D 451 -3.78 1.36 14.87
CA GLU D 451 -4.61 0.74 15.89
C GLU D 451 -3.83 -0.36 16.55
N LYS D 452 -3.16 -1.19 15.75
CA LYS D 452 -2.41 -2.31 16.28
C LYS D 452 -1.15 -1.90 17.10
N ARG D 453 -0.51 -0.82 16.70
CA ARG D 453 0.59 -0.25 17.46
C ARG D 453 0.14 0.17 18.84
N VAL D 454 -0.94 0.95 18.91
CA VAL D 454 -1.52 1.37 20.17
C VAL D 454 -1.87 0.14 21.03
N GLN D 455 -2.51 -0.84 20.43
CA GLN D 455 -2.88 -2.05 21.15
C GLN D 455 -1.66 -2.85 21.64
N LEU D 456 -0.65 -3.00 20.82
CA LEU D 456 0.55 -3.72 21.27
C LEU D 456 1.24 -3.02 22.45
N ALA D 457 1.28 -1.69 22.35
CA ALA D 457 1.81 -0.88 23.41
C ALA D 457 1.01 -1.08 24.69
N LEU D 458 -0.29 -0.87 24.62
CA LEU D 458 -1.16 -1.04 25.78
C LEU D 458 -1.02 -2.40 26.42
N ASP D 459 -0.91 -3.45 25.61
CA ASP D 459 -0.67 -4.81 26.13
C ASP D 459 0.59 -4.86 26.97
N ALA D 460 1.68 -4.33 26.41
CA ALA D 460 2.97 -4.39 27.08
C ALA D 460 2.90 -3.55 28.36
N LEU D 461 2.23 -2.41 28.30
CA LEU D 461 2.02 -1.60 29.50
C LEU D 461 1.12 -2.28 30.55
N LYS D 462 0.14 -3.10 30.12
CA LYS D 462 -0.65 -3.92 31.06
C LYS D 462 0.22 -4.89 31.85
N LYS D 463 1.18 -5.51 31.18
CA LYS D 463 2.15 -6.40 31.83
C LYS D 463 3.00 -5.69 32.90
N ILE D 464 3.36 -4.46 32.65
CA ILE D 464 4.20 -3.69 33.58
C ILE D 464 3.34 -3.05 34.65
N TYR D 465 2.14 -2.60 34.28
CA TYR D 465 1.23 -1.98 35.25
C TYR D 465 -0.13 -2.72 35.21
N PRO D 466 -0.18 -3.94 35.79
CA PRO D 466 -1.40 -4.78 35.63
C PRO D 466 -2.66 -4.17 36.24
N LYS D 467 -2.48 -3.25 37.17
CA LYS D 467 -3.61 -2.64 37.83
C LYS D 467 -4.04 -1.34 37.20
N THR D 468 -3.26 -0.80 36.27
CA THR D 468 -3.61 0.52 35.73
C THR D 468 -4.47 0.44 34.44
N ASP D 469 -5.54 1.23 34.40
CA ASP D 469 -6.46 1.22 33.28
C ASP D 469 -6.22 2.46 32.42
N ILE D 470 -5.24 2.34 31.52
CA ILE D 470 -4.85 3.46 30.66
C ILE D 470 -5.96 3.68 29.64
N ALA D 471 -6.32 2.59 28.99
CA ALA D 471 -7.34 2.59 27.96
C ALA D 471 -8.58 3.36 28.38
N GLY D 472 -9.01 3.23 29.64
CA GLY D 472 -10.21 3.92 30.11
C GLY D 472 -10.06 5.41 30.32
N HIS D 473 -8.86 5.97 30.11
CA HIS D 473 -8.68 7.44 30.18
C HIS D 473 -8.48 8.07 28.80
N ILE D 474 -8.25 7.24 27.79
CA ILE D 474 -7.89 7.66 26.45
C ILE D 474 -9.01 8.36 25.70
N ILE D 475 -8.72 9.54 25.19
CA ILE D 475 -9.68 10.23 24.36
C ILE D 475 -9.02 10.60 23.04
N GLY D 476 -9.86 10.89 22.05
CA GLY D 476 -9.38 11.40 20.77
C GLY D 476 -8.74 10.28 19.99
N ASP D 477 -8.01 10.69 18.96
CA ASP D 477 -7.50 9.76 17.98
C ASP D 477 -6.08 9.40 18.34
N PRO D 478 -5.66 8.20 17.97
CA PRO D 478 -4.29 7.87 18.19
C PRO D 478 -3.43 8.61 17.11
N ILE D 479 -2.14 8.85 17.39
CA ILE D 479 -1.23 9.49 16.42
C ILE D 479 0.09 8.78 16.41
N THR D 480 0.44 8.26 15.25
CA THR D 480 1.67 7.54 15.08
C THR D 480 2.49 8.10 13.89
N ILE D 481 3.77 7.74 13.80
CA ILE D 481 4.63 8.19 12.74
C ILE D 481 5.76 7.23 12.58
N SER D 482 6.03 6.93 11.32
CA SER D 482 7.18 6.16 10.92
C SER D 482 7.84 6.99 9.83
N TRP D 483 9.09 7.37 10.05
CA TRP D 483 9.70 8.35 9.16
C TRP D 483 10.06 7.80 7.78
N GLU D 484 10.78 6.69 7.71
CA GLU D 484 11.06 6.02 6.42
C GLU D 484 9.86 5.77 5.52
N ALA D 485 8.73 5.51 6.16
CA ALA D 485 7.50 5.26 5.45
C ALA D 485 7.08 6.45 4.63
N ASP D 486 7.59 7.63 4.96
CA ASP D 486 7.36 8.82 4.13
C ASP D 486 8.29 8.75 2.89
N PRO D 487 7.78 9.14 1.71
CA PRO D 487 8.63 9.06 0.50
C PRO D 487 9.66 10.17 0.40
N HIS D 488 9.48 11.22 1.21
CA HIS D 488 10.37 12.37 1.26
C HIS D 488 11.37 12.31 2.43
N PHE D 489 11.55 11.11 2.99
CA PHE D 489 12.47 10.86 4.07
C PHE D 489 12.91 9.42 4.00
N LEU D 490 14.08 9.17 4.55
CA LEU D 490 14.71 7.87 4.48
C LEU D 490 14.86 7.27 5.86
N GLY D 491 14.54 8.06 6.87
CA GLY D 491 14.68 7.70 8.27
C GLY D 491 14.62 8.97 9.09
N ALA D 492 14.70 8.82 10.40
CA ALA D 492 14.53 9.95 11.29
C ALA D 492 15.70 10.94 11.21
N PHE D 493 16.91 10.42 11.07
CA PHE D 493 18.13 11.23 11.03
C PHE D 493 19.24 10.31 10.77
N LYS D 494 20.36 10.85 10.35
CA LYS D 494 21.46 9.96 10.04
C LYS D 494 22.15 9.46 11.29
N GLY D 495 22.85 8.35 11.14
CA GLY D 495 23.76 7.85 12.16
C GLY D 495 25.09 7.61 11.51
N ALA D 496 26.18 8.14 12.07
CA ALA D 496 27.48 8.05 11.41
C ALA D 496 28.09 6.71 11.67
N LEU D 497 28.45 6.03 10.59
CA LEU D 497 29.10 4.75 10.69
C LEU D 497 30.57 4.96 11.07
N PRO D 498 31.25 3.90 11.53
CA PRO D 498 32.69 3.95 11.73
C PRO D 498 33.45 4.21 10.42
N GLY D 499 34.43 5.08 10.48
CA GLY D 499 35.18 5.46 9.30
C GLY D 499 34.57 6.54 8.44
N HIS D 500 33.49 7.09 8.88
CA HIS D 500 32.77 8.06 8.08
C HIS D 500 33.16 9.53 8.35
N TYR D 501 34.16 9.75 9.20
CA TYR D 501 34.63 11.08 9.50
C TYR D 501 35.03 11.85 8.25
N ARG D 502 35.82 11.23 7.42
CA ARG D 502 36.20 11.91 6.18
C ARG D 502 35.01 12.30 5.27
N TYR D 503 33.96 11.47 5.18
CA TYR D 503 32.83 11.84 4.33
C TYR D 503 32.09 13.00 4.95
N ASN D 504 31.88 12.95 6.25
CA ASN D 504 31.21 14.09 6.96
C ASN D 504 32.01 15.38 6.89
N GLN D 505 33.33 15.21 6.90
CA GLN D 505 34.27 16.31 6.80
C GLN D 505 34.17 16.99 5.41
N ARG D 506 34.16 16.21 4.33
CA ARG D 506 33.97 16.78 2.98
C ARG D 506 32.61 17.48 2.89
N MET D 507 31.57 16.90 3.50
CA MET D 507 30.25 17.55 3.46
C MET D 507 30.19 18.81 4.29
N TYR D 508 30.78 18.78 5.47
CA TYR D 508 30.70 19.91 6.35
C TYR D 508 31.42 21.13 5.75
N ALA D 509 32.46 20.85 4.95
CA ALA D 509 33.32 21.86 4.33
C ALA D 509 32.88 22.26 2.90
N HIS D 510 31.84 21.61 2.39
CA HIS D 510 31.33 21.87 1.04
C HIS D 510 30.91 23.33 0.81
N PHE D 511 30.48 24.01 1.85
CA PHE D 511 30.17 25.42 1.70
C PHE D 511 31.37 26.34 1.44
N MET D 512 32.59 25.82 1.55
CA MET D 512 33.80 26.61 1.34
C MET D 512 34.27 26.31 -0.06
N GLN D 513 33.97 27.19 -1.01
CA GLN D 513 34.07 26.84 -2.44
C GLN D 513 35.25 27.45 -3.25
N ALA D 514 36.05 28.30 -2.61
CA ALA D 514 37.27 28.87 -3.23
C ALA D 514 38.11 27.89 -4.04
N GLN D 515 38.24 26.62 -3.63
CA GLN D 515 39.13 25.63 -4.32
C GLN D 515 38.42 24.72 -5.31
N MET D 516 37.11 24.90 -5.44
CA MET D 516 36.33 24.03 -6.32
C MET D 516 36.30 24.41 -7.79
N PRO D 517 36.33 23.39 -8.65
CA PRO D 517 36.05 23.56 -10.07
C PRO D 517 34.74 24.29 -10.25
N VAL D 518 34.72 25.22 -11.21
CA VAL D 518 33.58 26.10 -11.47
C VAL D 518 32.25 25.36 -11.57
N GLU D 519 32.27 24.21 -12.25
CA GLU D 519 31.08 23.39 -12.47
C GLU D 519 30.50 22.75 -11.18
N GLN D 520 31.24 22.80 -10.08
CA GLN D 520 30.73 22.34 -8.78
C GLN D 520 30.35 23.48 -7.85
N ARG D 521 30.51 24.72 -8.26
CA ARG D 521 30.21 25.85 -7.34
C ARG D 521 28.82 26.42 -7.55
N GLY D 522 28.28 27.02 -6.47
CA GLY D 522 27.00 27.69 -6.49
C GLY D 522 25.87 26.80 -5.99
N ILE D 523 26.11 25.49 -5.97
CA ILE D 523 25.25 24.58 -5.20
C ILE D 523 25.75 24.40 -3.74
N PHE D 524 24.81 24.43 -2.79
CA PHE D 524 25.14 24.18 -1.41
C PHE D 524 24.33 23.07 -0.75
N ILE D 525 24.85 22.50 0.32
CA ILE D 525 24.07 21.62 1.19
C ILE D 525 24.03 22.11 2.63
N ALA D 526 22.99 21.73 3.33
CA ALA D 526 22.87 21.96 4.78
C ALA D 526 21.86 21.00 5.37
N GLY D 527 21.90 20.91 6.69
CA GLY D 527 20.92 20.12 7.34
C GLY D 527 21.47 18.99 8.19
N ASP D 528 20.54 18.16 8.59
CA ASP D 528 20.78 17.11 9.56
C ASP D 528 21.87 16.22 9.06
N ASP D 529 21.84 15.91 7.77
CA ASP D 529 22.89 15.07 7.14
C ASP D 529 24.29 15.69 7.17
N VAL D 530 24.34 17.02 7.16
CA VAL D 530 25.64 17.71 7.04
C VAL D 530 26.26 17.89 8.42
N SER D 531 25.39 17.97 9.41
CA SER D 531 25.81 18.16 10.76
C SER D 531 26.59 17.00 11.39
N TRP D 532 27.41 17.35 12.39
CA TRP D 532 28.24 16.41 13.16
C TRP D 532 27.44 15.73 14.26
N THR D 533 26.30 16.29 14.60
CA THR D 533 25.50 15.74 15.68
C THR D 533 24.11 15.50 15.13
N PRO D 534 23.97 14.43 14.37
CA PRO D 534 22.79 14.33 13.52
C PRO D 534 21.41 14.32 14.19
N ALA D 535 21.26 13.77 15.38
CA ALA D 535 19.84 13.72 15.82
C ALA D 535 19.42 14.91 16.59
N TRP D 536 20.11 16.02 16.35
CA TRP D 536 19.95 17.21 17.16
C TRP D 536 19.81 18.42 16.26
N VAL D 537 18.73 19.14 16.48
CA VAL D 537 18.32 20.23 15.61
C VAL D 537 19.37 21.38 15.46
N GLU D 538 20.23 21.54 16.47
CA GLU D 538 21.26 22.56 16.42
C GLU D 538 22.28 22.34 15.31
N GLY D 539 22.62 21.08 15.02
CA GLY D 539 23.56 20.78 13.97
C GLY D 539 23.00 21.21 12.62
N ALA D 540 21.69 21.08 12.45
CA ALA D 540 21.05 21.51 11.22
C ALA D 540 21.05 23.08 11.09
N VAL D 541 20.79 23.74 12.20
CA VAL D 541 20.83 25.18 12.23
C VAL D 541 22.25 25.69 11.93
N GLN D 542 23.22 25.11 12.62
CA GLN D 542 24.61 25.45 12.40
C GLN D 542 25.02 25.25 10.95
N THR D 543 24.65 24.12 10.34
CA THR D 543 25.08 23.86 8.96
C THR D 543 24.43 24.80 7.96
N SER D 544 23.20 25.18 8.29
CA SER D 544 22.42 26.14 7.54
C SER D 544 23.12 27.48 7.51
N LEU D 545 23.62 27.88 8.68
CA LEU D 545 24.33 29.16 8.81
C LEU D 545 25.68 29.15 8.10
N ASN D 546 26.38 28.03 8.11
CA ASN D 546 27.58 27.95 7.31
C ASN D 546 27.24 28.20 5.86
N ALA D 547 26.08 27.66 5.46
CA ALA D 547 25.64 27.80 4.06
C ALA D 547 25.21 29.24 3.75
N VAL D 548 24.63 29.91 4.73
CA VAL D 548 24.26 31.27 4.57
C VAL D 548 25.53 32.03 4.12
N TRP D 549 26.66 31.77 4.78
CA TRP D 549 27.93 32.41 4.46
C TRP D 549 28.43 32.00 3.07
N GLY D 550 28.36 30.71 2.77
CA GLY D 550 28.81 30.20 1.46
C GLY D 550 28.07 30.85 0.30
N ILE D 551 26.80 31.19 0.55
CA ILE D 551 25.91 31.82 -0.44
C ILE D 551 26.14 33.34 -0.51
N MET D 552 26.18 33.97 0.65
CA MET D 552 26.62 35.35 0.70
C MET D 552 27.93 35.52 -0.07
N ASN D 553 28.93 34.71 0.25
CA ASN D 553 30.25 34.77 -0.45
C ASN D 553 30.14 34.57 -1.94
N HIS D 554 29.31 33.63 -2.35
CA HIS D 554 29.10 33.33 -3.76
C HIS D 554 28.55 34.53 -4.57
N PHE D 555 27.72 35.34 -3.91
CA PHE D 555 27.17 36.56 -4.51
C PHE D 555 28.10 37.78 -4.31
N GLY D 556 29.39 37.51 -4.06
CA GLY D 556 30.41 38.56 -3.79
C GLY D 556 30.21 39.37 -2.51
N GLY D 557 29.47 38.80 -1.56
CA GLY D 557 29.21 39.49 -0.30
C GLY D 557 30.27 39.15 0.72
N LYS D 558 30.20 39.80 1.87
CA LYS D 558 31.13 39.48 2.95
C LYS D 558 30.56 39.99 4.27
N THR D 559 31.15 39.49 5.35
CA THR D 559 30.72 39.79 6.69
C THR D 559 31.21 41.15 7.08
N HIS D 560 30.57 41.71 8.09
CA HIS D 560 31.06 42.91 8.75
C HIS D 560 32.40 42.58 9.37
N ALA D 561 33.31 43.54 9.31
CA ALA D 561 34.62 43.43 9.93
C ALA D 561 34.57 43.14 11.44
N ASP D 562 33.60 43.70 12.18
CA ASP D 562 33.49 43.39 13.63
C ASP D 562 32.54 42.21 13.97
N ASN D 563 31.98 41.53 12.96
CA ASN D 563 31.22 40.26 13.16
C ASN D 563 31.56 39.14 12.13
N PRO D 564 32.79 38.59 12.19
CA PRO D 564 33.24 37.58 11.21
C PRO D 564 32.45 36.26 11.30
N GLY D 565 32.36 35.58 10.17
CA GLY D 565 31.38 34.50 10.01
C GLY D 565 32.09 33.19 9.71
N PRO D 566 31.33 32.11 9.65
CA PRO D 566 31.92 30.78 9.54
C PRO D 566 33.05 30.68 8.54
N GLY D 567 32.82 31.18 7.33
CA GLY D 567 33.83 31.03 6.31
C GLY D 567 35.09 31.86 6.60
N ASP D 568 35.00 32.81 7.52
CA ASP D 568 36.12 33.71 7.79
C ASP D 568 37.22 33.04 8.61
N VAL D 569 36.82 32.08 9.43
CA VAL D 569 37.69 31.46 10.42
C VAL D 569 37.88 29.95 10.16
N PHE D 570 37.13 29.42 9.20
CA PHE D 570 37.00 27.99 9.02
C PHE D 570 38.31 27.29 8.64
N ASP D 571 39.15 27.96 7.85
CA ASP D 571 40.47 27.38 7.52
C ASP D 571 41.35 27.35 8.75
N GLU D 572 41.07 28.22 9.74
CA GLU D 572 41.80 28.16 11.03
C GLU D 572 41.29 27.10 12.00
N ILE D 573 40.00 27.13 12.35
CA ILE D 573 39.46 26.28 13.42
C ILE D 573 38.47 25.21 12.90
N GLY D 574 38.36 25.08 11.59
CA GLY D 574 37.44 24.11 11.01
C GLY D 574 37.80 22.67 11.28
N GLN D 575 36.83 21.81 11.07
CA GLN D 575 37.05 20.40 11.27
C GLN D 575 38.37 19.91 10.62
N ILE D 576 39.21 19.25 11.40
CA ILE D 576 40.48 18.71 10.87
C ILE D 576 40.25 17.79 9.66
N ALA D 577 41.20 17.76 8.72
CA ALA D 577 41.21 16.84 7.60
C ALA D 577 42.16 15.67 7.85
N LEU D 578 41.72 14.46 7.53
CA LEU D 578 42.54 13.31 7.74
C LEU D 578 43.34 12.98 6.47
N ALA D 579 44.58 12.57 6.67
CA ALA D 579 45.46 12.07 5.61
C ALA D 579 44.97 10.75 5.04
N ASP D 580 45.14 10.56 3.74
CA ASP D 580 44.76 9.30 3.07
C ASP D 580 45.55 8.08 3.60
N ARG E . 24.89 -15.99 1.71
CA ARG E . 24.81 -14.57 1.23
C ARG E . 25.37 -14.45 -0.21
O ARG E . 24.85 -13.70 -1.03
CB ARG E . 25.54 -13.60 2.20
CG ARG E . 25.20 -12.12 2.02
CD ARG E . 25.72 -11.23 3.15
NE ARG E . 27.15 -11.41 3.38
CZ ARG E . 27.70 -12.18 4.32
NH1 ARG E . 29.03 -12.26 4.40
NH2 ARG E . 26.94 -12.87 5.19
OXT ARG E . 26.34 -15.14 -0.58
N ARG F . 24.65 8.31 -6.99
CA ARG F . 24.84 7.77 -8.38
C ARG F . 24.47 6.26 -8.48
O ARG F . 24.42 5.66 -9.58
CB ARG F . 26.29 7.97 -8.83
CG ARG F . 26.90 9.34 -8.57
CD ARG F . 28.43 9.22 -8.56
NE ARG F . 28.90 7.96 -7.92
CZ ARG F . 29.72 7.05 -8.47
NH1 ARG F . 30.24 7.22 -9.68
NH2 ARG F . 30.03 5.97 -7.79
OXT ARG F . 24.23 5.61 -7.46
N ARG G . 9.89 -9.16 24.46
CA ARG G . 8.71 -9.35 23.54
C ARG G . 7.97 -8.02 23.35
O ARG G . 7.20 -7.51 24.18
CB ARG G . 7.78 -10.50 24.01
CG ARG G . 8.12 -11.11 25.36
CD ARG G . 7.10 -12.10 25.90
NE ARG G . 6.83 -11.87 27.33
CZ ARG G . 7.75 -11.83 28.28
NH1 ARG G . 9.05 -11.99 28.01
NH2 ARG G . 7.39 -11.60 29.54
OXT ARG G . 8.17 -7.38 22.32
PA FAD H . 12.20 -20.03 5.78
O1A FAD H . 12.58 -20.62 4.42
O2A FAD H . 12.09 -18.53 6.09
O5B FAD H . 11.06 -20.64 6.71
C5B FAD H . 9.86 -21.24 6.45
C4B FAD H . 8.53 -20.50 6.61
O4B FAD H . 8.00 -20.06 7.88
C3B FAD H . 8.31 -19.40 5.60
O3B FAD H . 7.86 -20.05 4.38
C2B FAD H . 7.18 -18.65 6.29
O2B FAD H . 6.15 -18.35 5.36
C1B FAD H . 6.72 -19.60 7.43
N9A FAD H . 5.84 -18.95 8.45
C8A FAD H . 6.00 -17.71 8.92
N7A FAD H . 5.04 -17.40 9.82
C5A FAD H . 4.24 -18.46 9.95
C6A FAD H . 3.09 -18.76 10.79
N6A FAD H . 2.60 -17.83 11.61
N1A FAD H . 2.51 -19.97 10.64
C2A FAD H . 3.02 -20.89 9.79
N3A FAD H . 4.12 -20.64 9.05
C4A FAD H . 4.77 -19.48 9.07
N1 FAD H . 21.81 -19.27 1.64
C2 FAD H . 22.88 -19.73 0.97
O2 FAD H . 23.46 -20.79 1.36
N3 FAD H . 23.41 -19.06 -0.10
C4 FAD H . 22.95 -17.93 -0.60
O4 FAD H . 23.42 -17.33 -1.60
C4X FAD H . 21.79 -17.39 0.09
N5 FAD H . 21.27 -16.26 -0.36
C5X FAD H . 20.18 -15.74 0.20
C6 FAD H . 19.67 -14.55 -0.34
C7 FAD H . 18.55 -13.99 0.19
C7M FAD H . 17.95 -12.70 -0.36
C8 FAD H . 17.92 -14.68 1.32
C8M FAD H . 16.70 -14.11 1.93
C9 FAD H . 18.42 -15.84 1.86
C9A FAD H . 19.56 -16.41 1.33
N10 FAD H . 20.09 -17.60 1.85
C10 FAD H . 21.23 -18.13 1.24
C1' FAD H . 19.56 -18.25 3.07
C2' FAD H . 18.55 -19.30 2.91
O2' FAD H . 17.74 -18.94 1.81
C3' FAD H . 17.83 -19.37 4.24
O3' FAD H . 18.84 -19.68 5.21
C4' FAD H . 16.89 -20.52 4.27
O4' FAD H . 16.17 -20.75 3.01
C5' FAD H . 16.02 -20.23 5.47
O5' FAD H . 15.25 -21.43 5.66
P FAD H . 14.26 -21.67 6.89
O1P FAD H . 15.08 -21.65 8.21
O2P FAD H . 13.49 -22.95 6.69
O3P FAD H . 13.33 -20.35 6.87
N ARG I . -18.89 -14.62 -17.48
CA ARG I . -19.32 -14.18 -16.11
C ARG I . -19.58 -15.38 -15.20
O ARG I . -20.22 -16.38 -15.58
CB ARG I . -20.56 -13.25 -16.19
CG ARG I . -21.55 -13.24 -14.99
CD ARG I . -21.60 -11.95 -14.16
NE ARG I . -21.27 -10.76 -14.93
CZ ARG I . -22.00 -10.28 -15.94
NH1 ARG I . -21.59 -9.20 -16.60
NH2 ARG I . -23.12 -10.90 -16.32
OXT ARG I . -19.14 -15.35 -14.06
N ARG J . -24.19 -8.50 6.97
CA ARG J . -24.32 -9.99 6.96
C ARG J . -23.53 -10.64 5.80
O ARG J . -23.31 -11.87 5.78
CB ARG J . -25.82 -10.34 6.90
CG ARG J . -26.62 -9.85 8.10
CD ARG J . -28.11 -10.03 7.84
NE ARG J . -28.48 -11.40 7.42
CZ ARG J . -28.68 -11.81 6.16
NH1 ARG J . -28.53 -11.00 5.12
NH2 ARG J . -29.00 -13.07 5.94
OXT ARG J . -23.09 -9.95 4.90
PA FAD K . -6.43 -9.72 -21.16
O1A FAD K . -6.37 -11.21 -20.86
O2A FAD K . -6.96 -8.65 -20.17
O5B FAD K . -5.30 -8.97 -21.95
C5B FAD K . -3.95 -9.22 -22.12
C4B FAD K . -3.00 -8.23 -21.46
O4B FAD K . -2.98 -6.79 -21.75
C3B FAD K . -2.89 -8.42 -19.97
O3B FAD K . -1.99 -9.55 -19.89
C2B FAD K . -2.23 -7.14 -19.56
O2B FAD K . -1.16 -7.40 -18.66
C1B FAD K . -1.77 -6.60 -20.96
N9A FAD K . -1.18 -5.24 -20.96
C8A FAD K . -1.71 -4.23 -20.29
N7A FAD K . -0.94 -3.16 -20.48
C5A FAD K . 0.06 -3.45 -21.27
C6A FAD K . 1.14 -2.67 -21.82
N6A FAD K . 1.22 -1.36 -21.51
N1A FAD K . 2.01 -3.30 -22.64
C2A FAD K . 1.86 -4.63 -22.92
N3A FAD K . 0.85 -5.37 -22.43
C4A FAD K . -0.07 -4.83 -21.60
N1 FAD K . -14.98 -15.31 -19.52
C2 FAD K . -15.71 -16.40 -19.67
O2 FAD K . -15.94 -16.74 -20.85
N3 FAD K . -16.23 -17.14 -18.64
C4 FAD K . -16.08 -16.79 -17.35
O4 FAD K . -16.52 -17.41 -16.34
C4X FAD K . -15.27 -15.62 -17.12
N5 FAD K . -15.06 -15.26 -15.87
C5X FAD K . -14.30 -14.19 -15.63
C6 FAD K . -14.09 -13.84 -14.29
C7 FAD K . -13.29 -12.77 -13.99
C7M FAD K . -13.05 -12.40 -12.54
C8 FAD K . -12.69 -12.02 -15.11
C8M FAD K . -11.82 -10.84 -14.87
C9 FAD K . -12.89 -12.36 -16.42
C9A FAD K . -13.68 -13.43 -16.75
N10 FAD K . -13.91 -13.78 -18.10
C10 FAD K . -14.72 -14.90 -18.29
C1' FAD K . -13.45 -13.03 -19.29
C2' FAD K . -12.16 -13.43 -19.88
O2' FAD K . -11.31 -13.84 -18.85
C3' FAD K . -11.58 -12.22 -20.56
O3' FAD K . -12.62 -11.81 -21.46
C4' FAD K . -10.37 -12.63 -21.40
O4' FAD K . -9.38 -13.50 -20.72
C5' FAD K . -9.84 -11.30 -21.90
O5' FAD K . -8.80 -11.56 -22.83
P FAD K . -8.02 -10.35 -23.55
O1P FAD K . -9.07 -9.49 -24.32
O2P FAD K . -6.86 -10.93 -24.29
O3P FAD K . -7.51 -9.41 -22.31
N ARG L . -23.64 17.08 -3.56
CA ARG L . -22.87 16.70 -4.78
C ARG L . -22.08 17.92 -5.33
O ARG L . -22.00 18.17 -6.54
CB ARG L . -23.81 16.08 -5.86
CG ARG L . -23.14 15.07 -6.81
CD ARG L . -24.11 14.01 -7.36
NE ARG L . -25.18 14.56 -8.22
CZ ARG L . -26.49 14.71 -7.91
NH1 ARG L . -27.33 15.20 -8.82
NH2 ARG L . -26.97 14.36 -6.71
OXT ARG L . -21.47 18.70 -4.59
N ARG M . -8.75 10.50 -21.03
CA ARG M . -7.69 11.45 -21.55
C ARG M . -8.17 12.91 -21.42
O ARG M . -9.18 13.14 -20.77
CB ARG M . -7.28 11.05 -22.98
CG ARG M . -8.03 11.71 -24.14
CD ARG M . -7.54 11.18 -25.50
NE ARG M . -7.40 12.27 -26.48
CZ ARG M . -8.38 13.08 -26.86
NH1 ARG M . -8.13 14.04 -27.75
NH2 ARG M . -9.62 12.95 -26.36
OXT ARG M . -7.60 13.93 -21.87
PA FAD N . -19.98 11.45 7.98
O1A FAD N . -19.66 12.94 7.87
O2A FAD N . -19.39 10.40 7.05
O5B FAD N . -19.73 11.07 9.54
C5B FAD N . -19.75 9.71 9.96
C4B FAD N . -18.53 9.59 10.86
O4B FAD N . -18.50 8.29 11.44
C3B FAD N . -17.25 9.79 10.07
O3B FAD N . -16.52 10.78 10.79
C2B FAD N . -16.61 8.44 10.09
O2B FAD N . -15.19 8.38 10.20
C1B FAD N . -17.15 7.97 11.43
N9A FAD N . -16.92 6.54 11.65
C8A FAD N . -16.81 5.58 10.72
N7A FAD N . -16.54 4.39 11.32
C5A FAD N . -16.51 4.59 12.64
C6A FAD N . -16.30 3.76 13.83
N6A FAD N . -16.06 2.42 13.72
N1A FAD N . -16.32 4.39 15.02
C2A FAD N . -16.52 5.72 15.13
N3A FAD N . -16.73 6.52 14.07
C4A FAD N . -16.75 6.02 12.86
N1 FAD N . -23.25 18.04 0.67
C2 FAD N . -23.75 19.20 0.21
O2 FAD N . -24.78 19.59 0.80
N3 FAD N . -23.21 19.90 -0.82
C4 FAD N . -22.12 19.46 -1.47
O4 FAD N . -21.52 20.03 -2.41
C4X FAD N . -21.54 18.22 -1.04
N5 FAD N . -20.46 17.79 -1.68
C5X FAD N . -19.89 16.67 -1.28
C6 FAD N . -18.76 16.32 -1.96
C7 FAD N . -18.15 15.17 -1.60
C7M FAD N . -16.90 14.70 -2.33
C8 FAD N . -18.68 14.39 -0.48
C8M FAD N . -17.99 13.14 -0.06
C9 FAD N . -19.81 14.75 0.23
C9A FAD N . -20.47 15.89 -0.15
N10 FAD N . -21.64 16.35 0.54
C10 FAD N . -22.17 17.53 0.09
C1' FAD N . -22.37 15.66 1.60
C2' FAD N . -21.99 15.84 3.03
O2' FAD N . -20.60 15.86 2.92
C3' FAD N . -22.54 14.68 3.84
O3' FAD N . -23.97 14.56 3.60
C4' FAD N . -22.33 14.79 5.34
O4' FAD N . -21.09 15.40 5.59
C5' FAD N . -22.28 13.40 5.98
O5' FAD N . -22.50 13.54 7.36
P FAD N . -22.71 12.23 8.25
O1P FAD N . -24.04 11.72 7.74
O2P FAD N . -22.46 12.55 9.67
O3P FAD N . -21.58 11.20 7.81
N ARG O . 17.54 13.41 19.43
CA ARG O . 17.52 11.92 19.67
C ARG O . 16.47 11.53 20.73
O ARG O . 16.51 10.38 21.18
CB ARG O . 18.92 11.42 20.08
CG ARG O . 19.12 9.91 20.23
CD ARG O . 18.67 9.14 18.99
NE ARG O . 19.66 8.21 18.47
CZ ARG O . 20.83 8.55 17.89
NH1 ARG O . 21.21 9.82 17.79
NH2 ARG O . 21.64 7.61 17.42
OXT ARG O . 15.57 12.31 21.14
PA FAD P . 14.12 18.50 7.51
O1A FAD P . 13.37 19.19 8.65
O2A FAD P . 13.97 17.10 6.98
O5B FAD P . 13.89 19.38 6.15
C5B FAD P . 14.20 18.86 4.82
C4B FAD P . 12.95 19.06 3.97
O4B FAD P . 13.26 18.87 2.58
C3B FAD P . 11.78 18.15 4.37
O3B FAD P . 10.63 18.99 4.70
C2B FAD P . 11.51 17.36 3.12
O2B FAD P . 10.12 17.09 2.82
C1B FAD P . 12.06 18.34 2.07
N9A FAD P . 12.21 17.64 0.81
C8A FAD P . 12.53 16.36 0.59
N7A FAD P . 12.52 16.08 -0.76
C5A FAD P . 12.22 17.25 -1.38
C6A FAD P . 12.03 17.70 -2.77
N6A FAD P . 12.19 16.85 -3.80
N1A FAD P . 11.70 18.99 -2.95
C2A FAD P . 11.52 19.85 -1.95
N3A FAD P . 11.68 19.51 -0.68
C4A FAD P . 12.00 18.25 -0.34
N1 FAD P . 16.46 17.10 17.57
C2 FAD P . 16.63 17.47 18.84
O2 FAD P . 17.38 18.45 19.01
N3 FAD P . 16.05 16.86 19.92
C4 FAD P . 15.25 15.80 19.77
O4 FAD P . 14.69 15.17 20.69
C4X FAD P . 15.04 15.32 18.43
N5 FAD P . 14.25 14.25 18.27
C5X FAD P . 14.01 13.79 17.04
C6 FAD P . 13.17 12.72 16.94
C7 FAD P . 12.87 12.22 15.71
C7M FAD P . 11.95 11.02 15.59
C8 FAD P . 13.47 12.87 14.53
C8M FAD P . 13.17 12.36 13.14
C9 FAD P . 14.31 13.96 14.61
C9A FAD P . 14.61 14.47 15.84
N10 FAD P . 15.47 15.61 16.00
C10 FAD P . 15.69 16.04 17.30
C1' FAD P . 16.20 16.29 14.93
C2' FAD P . 15.50 17.34 14.17
O2' FAD P . 14.21 16.84 14.05
C3' FAD P . 16.21 17.49 12.82
O3' FAD P . 17.62 17.51 13.12
C4' FAD P . 15.85 18.77 12.05
O4' FAD P . 14.46 19.07 12.11
C5' FAD P . 16.28 18.64 10.60
O5' FAD P . 15.95 19.83 9.89
P FAD P . 16.48 19.87 8.38
O1P FAD P . 17.96 19.47 8.43
O2P FAD P . 16.00 21.06 7.62
O3P FAD P . 15.72 18.64 7.73
#